data_6J0J
#
_entry.id   6J0J
#
_cell.length_a   135.460
_cell.length_b   150.910
_cell.length_c   170.570
_cell.angle_alpha   90.00
_cell.angle_beta   90.00
_cell.angle_gamma   90.00
#
_symmetry.space_group_name_H-M   'P 21 21 21'
#
loop_
_entity.id
_entity.type
_entity.pdbx_description
1 polymer 'Proliferating cell nuclear antigen'
2 non-polymer DI(HYDROXYETHYL)ETHER
3 non-polymer GLYCEROL
4 water water
#
_entity_poly.entity_id   1
_entity_poly.type   'polypeptide(L)'
_entity_poly.pdbx_seq_one_letter_code
;HSGRPVLGSSMLEAQVQFASLWKRLVECINGLVNEANFDCNPGGLSVQAMDSSHVALVHMLLRDDCFVKYQCGRNSILGL
NLASLSKVLKIVDSNDSLSLRHDDDSDVVTLTSENPEKTRKCEYQLKLLEIEAESMGIPEMDYRSTVTLNSAEFAKIVRD
MQVFGDTVTIAISKEGVKFSSSGDVGQGYTFLQAAGVSDRSTKSEVKAEVKAEARDDDEEPLSRKYGKADSSANAIGVEV
TMEEPITLSFALRFMGIFAKGSTLSERVTLKFAKDSPCMVEYGIDNVGYLRYYLAPKVDDAE
;
_entity_poly.pdbx_strand_id   A,D,E,B,C,F
#
loop_
_chem_comp.id
_chem_comp.type
_chem_comp.name
_chem_comp.formula
GOL non-polymer GLYCEROL 'C3 H8 O3'
PEG non-polymer DI(HYDROXYETHYL)ETHER 'C4 H10 O3'
#
# COMPACT_ATOMS: atom_id res chain seq x y z
N MET A 11 -49.58 -5.23 -14.65
CA MET A 11 -48.14 -5.30 -14.41
C MET A 11 -47.41 -4.17 -15.12
N LEU A 12 -46.13 -4.41 -15.42
CA LEU A 12 -45.31 -3.40 -16.11
C LEU A 12 -44.40 -4.09 -17.13
N GLU A 13 -44.37 -3.58 -18.37
CA GLU A 13 -43.34 -3.92 -19.35
C GLU A 13 -42.78 -2.63 -19.85
N ALA A 14 -41.47 -2.65 -20.03
CA ALA A 14 -40.71 -1.52 -20.52
C ALA A 14 -39.57 -2.10 -21.28
N GLN A 15 -39.42 -1.68 -22.52
CA GLN A 15 -38.45 -2.23 -23.40
C GLN A 15 -37.66 -1.12 -24.04
N VAL A 16 -36.37 -1.30 -24.00
CA VAL A 16 -35.45 -0.33 -24.52
C VAL A 16 -34.87 -0.96 -25.78
N GLN A 17 -34.55 -0.14 -26.76
CA GLN A 17 -34.02 -0.67 -28.02
C GLN A 17 -32.57 -1.16 -27.86
N PHE A 18 -31.77 -0.28 -27.25
CA PHE A 18 -30.36 -0.53 -26.97
C PHE A 18 -30.11 -0.48 -25.44
N ALA A 19 -29.70 -1.61 -24.85
CA ALA A 19 -29.47 -1.65 -23.41
C ALA A 19 -28.38 -0.67 -22.89
N SER A 20 -27.58 -0.11 -23.80
CA SER A 20 -26.65 0.97 -23.49
C SER A 20 -27.21 1.95 -22.48
N LEU A 21 -28.41 2.42 -22.74
CA LEU A 21 -29.05 3.35 -21.84
C LEU A 21 -29.05 2.87 -20.38
N TRP A 22 -29.63 1.71 -20.14
CA TRP A 22 -29.70 1.18 -18.77
C TRP A 22 -28.30 0.93 -18.14
N LYS A 23 -27.42 0.34 -18.92
CA LYS A 23 -26.01 0.17 -18.50
C LYS A 23 -25.41 1.50 -18.04
N ARG A 24 -25.59 2.55 -18.83
CA ARG A 24 -25.02 3.87 -18.52
C ARG A 24 -25.79 4.52 -17.36
N LEU A 25 -27.11 4.43 -17.34
CA LEU A 25 -27.84 5.02 -16.20
C LEU A 25 -27.56 4.42 -14.85
N VAL A 26 -27.51 3.09 -14.77
CA VAL A 26 -27.42 2.48 -13.46
C VAL A 26 -26.07 2.72 -12.82
N GLU A 27 -25.03 2.73 -13.64
CA GLU A 27 -23.71 3.24 -13.26
C GLU A 27 -23.74 4.60 -12.58
N CYS A 28 -24.43 5.55 -13.19
CA CYS A 28 -24.52 6.88 -12.60
C CYS A 28 -25.19 6.87 -11.24
N ILE A 29 -26.38 6.26 -11.15
CA ILE A 29 -27.18 6.39 -9.93
C ILE A 29 -26.66 5.44 -8.82
N ASN A 30 -25.97 4.35 -9.21
CA ASN A 30 -25.33 3.44 -8.24
C ASN A 30 -24.15 4.03 -7.49
N GLY A 31 -23.51 4.98 -8.14
CA GLY A 31 -22.51 5.79 -7.48
C GLY A 31 -22.96 6.52 -6.25
N LEU A 32 -24.25 6.87 -6.21
CA LEU A 32 -24.84 7.70 -5.14
C LEU A 32 -25.48 6.88 -4.07
N VAL A 33 -26.19 5.81 -4.45
CA VAL A 33 -27.00 4.96 -3.54
C VAL A 33 -26.94 3.54 -4.03
N ASN A 34 -27.08 2.56 -3.14
CA ASN A 34 -26.94 1.18 -3.62
C ASN A 34 -28.32 0.52 -3.76
N GLU A 35 -29.39 1.22 -3.38
CA GLU A 35 -30.74 0.75 -3.60
C GLU A 35 -31.64 1.89 -3.86
N ALA A 36 -32.59 1.68 -4.77
CA ALA A 36 -33.56 2.74 -4.99
C ALA A 36 -34.88 2.20 -5.44
N ASN A 37 -35.92 2.95 -5.10
CA ASN A 37 -37.26 2.73 -5.66
C ASN A 37 -37.47 3.39 -6.98
N PHE A 38 -37.86 2.57 -7.97
CA PHE A 38 -38.34 2.94 -9.32
C PHE A 38 -39.85 3.15 -9.21
N ASP A 39 -40.29 4.39 -9.22
CA ASP A 39 -41.69 4.71 -9.34
C ASP A 39 -42.08 4.68 -10.83
N CYS A 40 -43.04 3.80 -11.16
CA CYS A 40 -43.48 3.49 -12.52
C CYS A 40 -44.95 3.88 -12.74
N ASN A 41 -45.18 4.70 -13.76
CA ASN A 41 -46.46 5.27 -14.09
C ASN A 41 -46.66 5.06 -15.54
N PRO A 42 -47.87 5.37 -16.06
CA PRO A 42 -48.01 5.52 -17.51
C PRO A 42 -47.16 6.69 -18.08
N GLY A 43 -46.87 7.67 -17.20
CA GLY A 43 -45.85 8.73 -17.39
C GLY A 43 -44.40 8.28 -17.63
N GLY A 44 -43.96 7.28 -16.89
CA GLY A 44 -42.68 6.62 -17.15
C GLY A 44 -42.00 6.24 -15.84
N LEU A 45 -40.76 5.75 -15.99
CA LEU A 45 -39.91 5.36 -14.86
C LEU A 45 -39.23 6.55 -14.23
N SER A 46 -39.02 6.46 -12.93
CA SER A 46 -38.62 7.62 -12.17
C SER A 46 -37.96 7.13 -10.87
N VAL A 47 -36.66 7.35 -10.73
CA VAL A 47 -35.98 7.15 -9.48
C VAL A 47 -35.81 8.49 -8.80
N GLN A 48 -35.92 8.53 -7.51
CA GLN A 48 -35.54 9.73 -6.81
C GLN A 48 -35.09 9.33 -5.43
N ALA A 49 -33.93 9.80 -5.01
CA ALA A 49 -33.15 9.12 -3.97
C ALA A 49 -32.15 10.07 -3.40
N MET A 50 -31.99 10.06 -2.08
CA MET A 50 -30.88 10.76 -1.44
C MET A 50 -29.79 9.81 -1.05
N ASP A 51 -28.59 10.39 -1.04
CA ASP A 51 -27.46 9.73 -0.49
C ASP A 51 -27.69 9.68 1.03
N SER A 52 -27.00 8.76 1.69
CA SER A 52 -27.18 8.51 3.10
C SER A 52 -26.77 9.63 4.03
N SER A 53 -26.03 10.62 3.58
CA SER A 53 -25.74 11.79 4.44
C SER A 53 -26.69 12.95 4.19
N HIS A 54 -27.73 12.70 3.43
CA HIS A 54 -28.70 13.70 3.10
C HIS A 54 -28.08 15.02 2.61
N VAL A 55 -27.20 14.94 1.65
CA VAL A 55 -26.47 16.08 1.09
C VAL A 55 -26.61 16.23 -0.41
N ALA A 56 -26.99 15.13 -1.02
CA ALA A 56 -27.10 15.04 -2.43
C ALA A 56 -28.32 14.15 -2.75
N LEU A 57 -28.92 14.43 -3.89
CA LEU A 57 -30.19 13.90 -4.27
C LEU A 57 -30.13 13.60 -5.75
N VAL A 58 -30.65 12.47 -6.17
CA VAL A 58 -30.68 12.12 -7.58
C VAL A 58 -32.10 12.15 -7.90
N HIS A 59 -32.40 12.51 -9.14
CA HIS A 59 -33.75 12.46 -9.69
C HIS A 59 -33.65 12.13 -11.15
N MET A 60 -34.06 10.92 -11.51
CA MET A 60 -34.05 10.50 -12.91
C MET A 60 -35.47 10.37 -13.36
N LEU A 61 -35.68 10.67 -14.64
CA LEU A 61 -36.97 10.45 -15.30
C LEU A 61 -36.67 9.79 -16.63
N LEU A 62 -37.15 8.58 -16.85
CA LEU A 62 -37.26 8.09 -18.21
C LEU A 62 -38.71 8.14 -18.58
N ARG A 63 -38.97 8.84 -19.66
CA ARG A 63 -40.30 9.22 -20.03
C ARG A 63 -40.82 8.10 -20.86
N ASP A 64 -42.14 7.93 -20.92
CA ASP A 64 -42.69 6.77 -21.68
C ASP A 64 -42.09 6.58 -23.13
N ASP A 65 -41.76 7.67 -23.86
CA ASP A 65 -41.25 7.55 -25.28
C ASP A 65 -39.82 7.21 -25.38
N CYS A 66 -39.14 7.19 -24.23
CA CYS A 66 -37.83 6.55 -24.11
C CYS A 66 -37.79 5.07 -24.52
N PHE A 67 -38.90 4.40 -24.39
CA PHE A 67 -38.98 2.97 -24.59
C PHE A 67 -39.68 2.75 -25.88
N VAL A 68 -39.33 1.67 -26.60
CA VAL A 68 -40.15 1.19 -27.76
C VAL A 68 -41.51 0.66 -27.33
N LYS A 69 -41.60 0.09 -26.14
CA LYS A 69 -42.80 -0.60 -25.64
C LYS A 69 -42.94 -0.27 -24.18
N TYR A 70 -44.04 0.33 -23.76
CA TYR A 70 -44.17 0.72 -22.36
C TYR A 70 -45.60 0.59 -21.83
N GLN A 71 -45.86 -0.40 -20.99
CA GLN A 71 -47.19 -0.64 -20.49
C GLN A 71 -47.08 -0.40 -19.02
N CYS A 72 -47.87 0.49 -18.46
CA CYS A 72 -47.95 0.54 -16.98
C CYS A 72 -49.28 1.23 -16.61
N GLY A 73 -50.31 0.37 -16.42
CA GLY A 73 -51.70 0.81 -16.19
C GLY A 73 -51.70 1.59 -14.90
N ARG A 74 -51.21 1.02 -13.78
CA ARG A 74 -51.28 1.67 -12.44
C ARG A 74 -49.89 1.99 -11.89
N ASN A 75 -49.81 2.87 -10.89
CA ASN A 75 -48.52 3.28 -10.25
C ASN A 75 -47.94 2.18 -9.35
N SER A 76 -47.28 1.16 -9.91
CA SER A 76 -46.38 0.30 -9.10
C SER A 76 -45.08 1.08 -8.68
N ILE A 77 -44.51 0.67 -7.55
CA ILE A 77 -43.21 1.12 -7.02
C ILE A 77 -42.23 -0.07 -6.80
N LEU A 78 -41.06 -0.11 -7.42
CA LEU A 78 -40.15 -1.26 -7.29
C LEU A 78 -38.88 -0.93 -6.56
N GLY A 79 -38.60 -1.64 -5.48
CA GLY A 79 -37.33 -1.52 -4.78
C GLY A 79 -36.27 -2.40 -5.44
N LEU A 80 -35.21 -1.77 -5.93
CA LEU A 80 -34.21 -2.52 -6.60
C LEU A 80 -32.88 -2.31 -5.96
N ASN A 81 -32.06 -3.37 -6.01
CA ASN A 81 -30.71 -3.31 -5.51
C ASN A 81 -29.83 -2.88 -6.66
N LEU A 82 -29.36 -1.64 -6.62
CA LEU A 82 -28.62 -1.10 -7.72
C LEU A 82 -27.26 -1.76 -7.88
N ALA A 83 -26.72 -2.30 -6.80
CA ALA A 83 -25.48 -3.05 -6.88
C ALA A 83 -25.65 -4.23 -7.81
N SER A 84 -26.63 -5.08 -7.51
CA SER A 84 -26.94 -6.28 -8.27
C SER A 84 -27.33 -6.00 -9.69
N LEU A 85 -28.20 -5.00 -9.86
CA LEU A 85 -28.63 -4.58 -11.18
C LEU A 85 -27.40 -4.19 -11.97
N SER A 86 -26.55 -3.39 -11.33
CA SER A 86 -25.29 -3.00 -11.96
C SER A 86 -24.50 -4.22 -12.39
N LYS A 87 -24.43 -5.23 -11.54
CA LYS A 87 -23.66 -6.43 -11.84
C LYS A 87 -24.22 -7.16 -13.02
N VAL A 88 -25.52 -7.20 -13.10
CA VAL A 88 -26.15 -7.85 -14.23
C VAL A 88 -25.97 -7.03 -15.49
N LEU A 89 -26.30 -5.76 -15.43
CA LEU A 89 -26.24 -4.96 -16.62
C LEU A 89 -24.85 -4.94 -17.22
N LYS A 90 -23.80 -5.07 -16.41
CA LYS A 90 -22.41 -5.16 -16.87
C LYS A 90 -22.19 -6.27 -17.89
N ILE A 91 -22.91 -7.38 -17.75
CA ILE A 91 -22.82 -8.47 -18.72
C ILE A 91 -23.84 -8.49 -19.84
N VAL A 92 -24.71 -7.49 -19.94
CA VAL A 92 -25.67 -7.36 -21.06
C VAL A 92 -24.96 -6.62 -22.15
N ASP A 93 -25.09 -7.04 -23.41
CA ASP A 93 -24.40 -6.31 -24.48
C ASP A 93 -25.03 -4.93 -24.66
N SER A 94 -24.19 -3.94 -24.99
CA SER A 94 -24.68 -2.59 -25.30
C SER A 94 -25.86 -2.62 -26.29
N ASN A 95 -25.68 -3.37 -27.40
CA ASN A 95 -26.51 -3.36 -28.62
C ASN A 95 -27.77 -4.20 -28.55
N ASP A 96 -27.80 -5.16 -27.64
CA ASP A 96 -29.04 -5.91 -27.39
C ASP A 96 -30.10 -5.02 -26.74
N SER A 97 -31.32 -5.51 -26.79
CA SER A 97 -32.46 -4.80 -26.25
C SER A 97 -32.64 -5.31 -24.88
N LEU A 98 -33.38 -4.59 -24.07
CA LEU A 98 -33.57 -4.97 -22.71
C LEU A 98 -34.98 -4.65 -22.29
N SER A 99 -35.73 -5.70 -22.01
CA SER A 99 -37.10 -5.57 -21.58
C SER A 99 -37.21 -5.89 -20.11
N LEU A 100 -37.76 -4.95 -19.36
CA LEU A 100 -37.85 -5.06 -17.93
C LEU A 100 -39.35 -5.27 -17.54
N ARG A 101 -39.73 -6.45 -17.05
CA ARG A 101 -41.15 -6.74 -16.66
C ARG A 101 -41.34 -7.03 -15.18
N HIS A 102 -42.54 -6.85 -14.71
CA HIS A 102 -42.85 -7.26 -13.36
C HIS A 102 -44.29 -7.66 -13.26
N ASP A 103 -44.64 -8.90 -12.89
CA ASP A 103 -46.08 -9.34 -12.85
C ASP A 103 -46.66 -9.15 -11.45
N ASP A 104 -47.94 -8.84 -11.28
CA ASP A 104 -48.29 -7.97 -10.10
C ASP A 104 -48.14 -8.46 -8.66
N ASP A 105 -48.04 -9.76 -8.44
CA ASP A 105 -47.86 -10.27 -7.08
C ASP A 105 -46.48 -10.97 -6.94
N SER A 106 -45.51 -10.57 -7.77
CA SER A 106 -44.40 -11.46 -8.19
C SER A 106 -43.16 -11.50 -7.35
N ASP A 107 -42.91 -10.51 -6.51
CA ASP A 107 -41.61 -10.49 -5.71
C ASP A 107 -40.31 -10.48 -6.57
N VAL A 108 -40.44 -10.27 -7.87
CA VAL A 108 -39.34 -10.34 -8.76
C VAL A 108 -39.58 -9.42 -9.98
N VAL A 109 -38.51 -8.79 -10.40
CA VAL A 109 -38.41 -8.06 -11.62
C VAL A 109 -37.64 -8.95 -12.55
N THR A 110 -37.90 -8.88 -13.84
CA THR A 110 -37.21 -9.73 -14.80
C THR A 110 -36.75 -8.94 -16.04
N LEU A 111 -35.44 -8.98 -16.29
CA LEU A 111 -34.81 -8.34 -17.43
C LEU A 111 -34.57 -9.33 -18.54
N THR A 112 -34.97 -8.96 -19.76
CA THR A 112 -34.75 -9.83 -20.91
C THR A 112 -34.06 -9.15 -22.10
N SER A 113 -33.08 -9.86 -22.65
CA SER A 113 -32.10 -9.29 -23.57
C SER A 113 -32.04 -10.12 -24.80
N GLU A 114 -32.59 -9.60 -25.89
CA GLU A 114 -32.44 -10.26 -27.19
C GLU A 114 -31.50 -9.50 -28.08
N ASN A 115 -30.89 -10.31 -28.92
CA ASN A 115 -29.96 -10.00 -29.99
C ASN A 115 -30.83 -9.47 -31.14
N PRO A 116 -30.39 -8.44 -31.92
CA PRO A 116 -31.22 -8.04 -33.10
C PRO A 116 -31.63 -9.19 -34.07
N GLU A 117 -30.69 -10.08 -34.33
CA GLU A 117 -30.90 -11.26 -35.18
C GLU A 117 -31.40 -12.52 -34.42
N LYS A 118 -31.91 -12.37 -33.21
CA LYS A 118 -32.70 -13.40 -32.51
C LYS A 118 -32.03 -14.77 -32.23
N THR A 119 -30.70 -14.84 -32.42
CA THR A 119 -29.90 -16.04 -32.13
C THR A 119 -29.68 -16.24 -30.64
N ARG A 120 -29.90 -15.19 -29.85
CA ARG A 120 -29.56 -15.21 -28.44
C ARG A 120 -30.59 -14.45 -27.61
N LYS A 121 -31.05 -15.07 -26.53
CA LYS A 121 -31.98 -14.44 -25.60
C LYS A 121 -31.39 -14.72 -24.24
N CYS A 122 -31.45 -13.71 -23.38
CA CYS A 122 -30.94 -13.80 -22.04
C CYS A 122 -32.03 -13.32 -21.11
N GLU A 123 -32.18 -13.99 -19.98
CA GLU A 123 -33.14 -13.56 -18.98
C GLU A 123 -32.58 -13.71 -17.58
N TYR A 124 -32.44 -12.58 -16.94
CA TYR A 124 -31.95 -12.47 -15.62
C TYR A 124 -33.16 -12.07 -14.76
N GLN A 125 -33.24 -12.51 -13.53
CA GLN A 125 -34.23 -11.91 -12.62
C GLN A 125 -33.68 -11.60 -11.21
N LEU A 126 -34.01 -10.39 -10.75
CA LEU A 126 -33.60 -9.83 -9.46
C LEU A 126 -34.76 -9.75 -8.43
N LYS A 127 -34.46 -9.96 -7.15
CA LYS A 127 -35.47 -9.80 -6.12
C LYS A 127 -35.77 -8.35 -5.88
N LEU A 128 -37.02 -8.06 -5.59
CA LEU A 128 -37.38 -6.76 -5.08
C LEU A 128 -36.96 -6.56 -3.61
N LEU A 129 -36.83 -5.32 -3.17
CA LEU A 129 -36.58 -4.98 -1.78
C LEU A 129 -37.71 -4.11 -1.29
N GLU A 130 -37.99 -4.19 0.01
CA GLU A 130 -38.87 -3.22 0.65
C GLU A 130 -37.89 -2.13 0.93
N ILE A 131 -37.96 -1.04 0.18
CA ILE A 131 -37.13 0.10 0.51
C ILE A 131 -37.90 1.10 1.33
N GLU A 132 -37.51 1.13 2.60
CA GLU A 132 -38.13 1.96 3.62
C GLU A 132 -38.09 3.45 3.19
N ALA A 133 -36.90 4.09 3.20
CA ALA A 133 -36.79 5.55 2.93
C ALA A 133 -37.26 6.03 1.53
N GLU A 134 -38.30 6.87 1.51
CA GLU A 134 -38.66 7.69 0.33
C GLU A 134 -38.85 9.12 0.90
N SER A 135 -37.95 9.46 1.82
CA SER A 135 -37.93 10.71 2.58
C SER A 135 -38.00 11.98 1.66
N MET A 136 -37.05 12.12 0.72
CA MET A 136 -37.24 12.91 -0.52
C MET A 136 -37.24 14.42 -0.41
N GLY A 137 -37.60 15.06 -1.53
CA GLY A 137 -38.07 16.43 -1.52
C GLY A 137 -37.24 17.26 -2.46
N ILE A 138 -37.61 17.20 -3.75
CA ILE A 138 -36.91 17.92 -4.82
C ILE A 138 -37.02 19.40 -4.53
N PRO A 139 -35.95 20.02 -4.04
CA PRO A 139 -36.17 21.37 -3.60
C PRO A 139 -35.87 22.24 -4.79
N GLU A 140 -36.92 22.66 -5.49
CA GLU A 140 -36.71 23.63 -6.56
C GLU A 140 -36.66 25.00 -5.91
N MET A 141 -35.81 25.84 -6.49
CA MET A 141 -35.76 27.25 -6.19
C MET A 141 -35.50 27.95 -7.50
N ASP A 142 -35.42 29.27 -7.41
CA ASP A 142 -35.19 30.06 -8.60
C ASP A 142 -33.68 30.03 -8.72
N TYR A 143 -33.22 29.52 -9.87
CA TYR A 143 -31.79 29.50 -10.21
C TYR A 143 -31.40 30.78 -11.00
N ARG A 144 -30.60 31.65 -10.38
CA ARG A 144 -30.12 32.89 -11.02
C ARG A 144 -29.13 32.57 -12.16
N SER A 145 -28.06 31.86 -11.80
CA SER A 145 -26.93 31.57 -12.67
C SER A 145 -26.98 30.17 -13.25
N THR A 146 -26.64 30.08 -14.52
CA THR A 146 -26.59 28.88 -15.30
C THR A 146 -25.23 28.87 -15.96
N VAL A 147 -24.79 27.71 -16.40
CA VAL A 147 -23.50 27.48 -17.05
C VAL A 147 -23.57 26.08 -17.60
N THR A 148 -23.12 25.96 -18.83
CA THR A 148 -23.40 24.79 -19.63
C THR A 148 -22.09 24.53 -20.30
N LEU A 149 -21.67 23.28 -20.42
CA LEU A 149 -20.33 22.98 -20.88
C LEU A 149 -20.24 21.56 -21.27
N ASN A 150 -19.15 21.20 -21.93
CA ASN A 150 -19.03 19.86 -22.47
C ASN A 150 -18.84 18.98 -21.23
N SER A 151 -19.61 17.89 -21.19
CA SER A 151 -19.78 17.08 -20.00
C SER A 151 -18.49 16.36 -19.63
N ALA A 152 -17.72 15.96 -20.64
CA ALA A 152 -16.42 15.36 -20.41
C ALA A 152 -15.38 16.32 -19.85
N GLU A 153 -15.45 17.60 -20.21
CA GLU A 153 -14.52 18.59 -19.72
C GLU A 153 -14.85 18.78 -18.26
N PHE A 154 -16.14 18.77 -17.95
CA PHE A 154 -16.57 18.98 -16.59
C PHE A 154 -16.06 17.81 -15.77
N ALA A 155 -16.14 16.62 -16.35
CA ALA A 155 -15.67 15.43 -15.65
C ALA A 155 -14.23 15.54 -15.32
N LYS A 156 -13.50 15.98 -16.34
CA LYS A 156 -12.08 16.13 -16.30
C LYS A 156 -11.73 17.19 -15.29
N ILE A 157 -12.38 18.35 -15.34
CA ILE A 157 -12.08 19.37 -14.35
C ILE A 157 -12.23 18.84 -12.91
N VAL A 158 -13.22 17.99 -12.61
CA VAL A 158 -13.38 17.58 -11.21
C VAL A 158 -12.35 16.54 -10.87
N ARG A 159 -12.00 15.69 -11.83
CA ARG A 159 -10.96 14.68 -11.60
C ARG A 159 -9.67 15.43 -11.22
N ASP A 160 -9.43 16.54 -11.89
CA ASP A 160 -8.26 17.34 -11.68
C ASP A 160 -8.34 18.03 -10.36
N MET A 161 -9.44 18.72 -10.09
CA MET A 161 -9.56 19.38 -8.79
C MET A 161 -9.33 18.45 -7.59
N GLN A 162 -9.66 17.17 -7.75
CA GLN A 162 -9.42 16.16 -6.74
C GLN A 162 -7.96 15.92 -6.38
N VAL A 163 -7.01 16.20 -7.27
CA VAL A 163 -5.56 16.04 -6.87
C VAL A 163 -5.14 16.98 -5.76
N PHE A 164 -5.81 18.14 -5.69
CA PHE A 164 -5.50 19.13 -4.69
C PHE A 164 -6.21 18.81 -3.45
N GLY A 165 -7.53 18.96 -3.51
CA GLY A 165 -8.41 18.85 -2.36
C GLY A 165 -9.61 17.94 -2.53
N ASP A 166 -10.48 18.06 -1.54
CA ASP A 166 -11.73 17.36 -1.47
C ASP A 166 -12.88 18.37 -1.53
N THR A 167 -12.59 19.60 -1.95
CA THR A 167 -13.59 20.66 -2.04
C THR A 167 -13.30 21.66 -3.14
N VAL A 168 -14.23 21.80 -4.08
CA VAL A 168 -14.03 22.67 -5.22
C VAL A 168 -14.85 23.89 -5.00
N THR A 169 -14.30 25.03 -5.38
CA THR A 169 -15.00 26.30 -5.39
C THR A 169 -15.23 26.80 -6.80
N ILE A 170 -16.49 26.84 -7.17
CA ILE A 170 -16.93 27.29 -8.46
C ILE A 170 -17.31 28.73 -8.29
N ALA A 171 -16.86 29.53 -9.24
CA ALA A 171 -16.91 30.98 -9.13
C ALA A 171 -17.34 31.53 -10.49
N ILE A 172 -18.49 32.19 -10.55
CA ILE A 172 -19.12 32.47 -11.84
C ILE A 172 -19.24 33.94 -12.01
N SER A 173 -18.92 34.38 -13.23
CA SER A 173 -18.71 35.78 -13.57
C SER A 173 -18.97 36.07 -15.08
N LYS A 174 -18.79 37.32 -15.47
CA LYS A 174 -19.01 37.81 -16.84
C LYS A 174 -18.20 36.98 -17.82
N GLU A 175 -16.87 36.97 -17.57
CA GLU A 175 -15.81 36.29 -18.36
C GLU A 175 -16.04 34.77 -18.51
N GLY A 176 -16.42 34.15 -17.41
CA GLY A 176 -16.71 32.72 -17.39
C GLY A 176 -16.69 32.18 -15.97
N VAL A 177 -15.98 31.06 -15.77
CA VAL A 177 -16.11 30.23 -14.58
C VAL A 177 -14.75 29.62 -14.19
N LYS A 178 -14.50 29.61 -12.89
CA LYS A 178 -13.23 29.27 -12.30
C LYS A 178 -13.47 28.23 -11.19
N PHE A 179 -13.13 27.01 -11.51
CA PHE A 179 -13.11 25.95 -10.56
C PHE A 179 -11.76 25.95 -9.84
N SER A 180 -11.72 26.16 -8.51
CA SER A 180 -10.45 26.12 -7.75
C SER A 180 -10.43 25.18 -6.56
N SER A 181 -9.23 24.75 -6.16
CA SER A 181 -9.05 23.81 -5.05
C SER A 181 -7.70 23.91 -4.30
N SER A 182 -7.61 23.36 -3.09
CA SER A 182 -6.39 23.42 -2.21
C SER A 182 -6.18 22.19 -1.40
N GLY A 183 -4.92 21.90 -1.11
CA GLY A 183 -4.57 20.71 -0.32
C GLY A 183 -3.10 20.54 -0.07
N ASP A 184 -2.72 19.42 0.53
CA ASP A 184 -1.30 19.20 0.86
C ASP A 184 -0.38 19.30 -0.40
N VAL A 185 -0.87 18.91 -1.56
CA VAL A 185 -0.10 18.98 -2.80
C VAL A 185 0.14 20.40 -3.28
N GLY A 186 -0.81 21.27 -3.01
CA GLY A 186 -0.72 22.66 -3.39
C GLY A 186 -2.08 23.31 -3.61
N GLN A 187 -2.29 23.83 -4.81
CA GLN A 187 -3.36 24.77 -5.02
C GLN A 187 -3.49 25.01 -6.50
N GLY A 188 -4.57 24.50 -7.07
CA GLY A 188 -4.88 24.68 -8.49
C GLY A 188 -6.14 25.47 -8.79
N TYR A 189 -6.26 25.85 -10.06
CA TYR A 189 -7.51 26.32 -10.58
C TYR A 189 -7.57 26.11 -12.08
N THR A 190 -8.78 26.15 -12.60
CA THR A 190 -9.06 25.95 -13.99
C THR A 190 -10.12 26.97 -14.28
N PHE A 191 -9.89 27.74 -15.33
CA PHE A 191 -10.79 28.80 -15.74
C PHE A 191 -11.26 28.50 -17.12
N LEU A 192 -12.53 28.70 -17.36
CA LEU A 192 -13.11 28.52 -18.68
C LEU A 192 -13.70 29.88 -19.10
N GLN A 193 -13.28 30.35 -20.26
CA GLN A 193 -13.77 31.61 -20.84
C GLN A 193 -15.16 31.33 -21.37
N ALA A 194 -15.99 32.38 -21.45
CA ALA A 194 -17.37 32.29 -21.96
C ALA A 194 -17.54 32.12 -23.52
N ALA A 195 -16.88 31.08 -24.06
CA ALA A 195 -16.74 30.77 -25.52
C ALA A 195 -18.08 30.40 -26.17
N GLY A 237 -19.06 24.79 -26.62
CA GLY A 237 -19.09 26.10 -25.99
C GLY A 237 -18.90 26.06 -24.47
N VAL A 238 -18.99 27.24 -23.86
CA VAL A 238 -19.30 27.41 -22.44
C VAL A 238 -20.31 28.56 -22.21
N GLU A 239 -21.60 28.26 -22.18
CA GLU A 239 -22.61 29.27 -21.97
C GLU A 239 -22.88 29.51 -20.48
N VAL A 240 -22.05 30.34 -19.86
CA VAL A 240 -22.50 31.11 -18.69
C VAL A 240 -23.61 32.06 -19.09
N THR A 241 -24.54 32.26 -18.18
CA THR A 241 -25.70 33.12 -18.39
C THR A 241 -26.20 33.43 -16.99
N MET A 242 -25.40 34.20 -16.27
CA MET A 242 -25.69 34.65 -14.93
C MET A 242 -26.65 35.86 -14.79
N GLU A 243 -26.88 36.27 -13.53
CA GLU A 243 -27.39 37.61 -13.18
C GLU A 243 -26.36 38.36 -12.34
N GLU A 244 -25.94 37.82 -11.20
CA GLU A 244 -24.87 38.46 -10.38
C GLU A 244 -23.57 37.59 -10.30
N PRO A 245 -22.46 38.16 -9.77
CA PRO A 245 -21.41 37.30 -9.24
C PRO A 245 -21.95 36.34 -8.21
N ILE A 246 -21.32 35.18 -8.12
CA ILE A 246 -21.81 34.04 -7.34
C ILE A 246 -20.69 33.00 -7.16
N THR A 247 -20.51 32.53 -5.94
CA THR A 247 -19.38 31.69 -5.60
C THR A 247 -19.76 30.70 -4.50
N LEU A 248 -20.00 29.48 -4.92
CA LEU A 248 -20.27 28.40 -4.02
C LEU A 248 -19.11 27.46 -3.90
N SER A 249 -19.17 26.57 -2.92
CA SER A 249 -18.24 25.46 -2.86
C SER A 249 -18.97 24.18 -2.61
N PHE A 250 -18.30 23.06 -2.88
CA PHE A 250 -18.99 21.79 -2.97
C PHE A 250 -18.08 20.62 -2.66
N ALA A 251 -18.62 19.59 -2.00
CA ALA A 251 -17.86 18.34 -1.86
C ALA A 251 -17.47 17.77 -3.20
N LEU A 252 -16.21 17.41 -3.33
CA LEU A 252 -15.77 16.87 -4.60
C LEU A 252 -16.16 15.45 -4.77
N ARG A 253 -16.28 14.70 -3.69
CA ARG A 253 -16.72 13.31 -3.80
C ARG A 253 -17.94 13.22 -4.68
N PHE A 254 -18.89 14.10 -4.41
CA PHE A 254 -20.20 14.06 -5.01
C PHE A 254 -20.13 14.60 -6.37
N MET A 255 -19.41 15.71 -6.53
CA MET A 255 -19.26 16.26 -7.87
C MET A 255 -18.76 15.17 -8.85
N GLY A 256 -17.88 14.28 -8.34
CA GLY A 256 -17.32 13.20 -9.10
C GLY A 256 -18.30 12.12 -9.41
N ILE A 257 -19.11 11.75 -8.43
CA ILE A 257 -20.21 10.81 -8.65
C ILE A 257 -21.12 11.32 -9.76
N PHE A 258 -21.40 12.63 -9.70
CA PHE A 258 -22.27 13.24 -10.68
C PHE A 258 -21.68 13.23 -12.05
N ALA A 259 -20.36 13.32 -12.14
CA ALA A 259 -19.75 13.67 -13.40
C ALA A 259 -19.71 12.53 -14.37
N LYS A 260 -19.96 11.29 -13.86
CA LYS A 260 -20.19 10.11 -14.73
C LYS A 260 -21.40 10.24 -15.67
N GLY A 261 -22.20 11.27 -15.46
CA GLY A 261 -23.29 11.60 -16.35
C GLY A 261 -22.84 11.85 -17.76
N SER A 262 -21.57 12.22 -17.91
CA SER A 262 -21.00 12.45 -19.25
C SER A 262 -21.15 11.27 -20.21
N THR A 263 -21.53 10.09 -19.72
CA THR A 263 -21.81 8.94 -20.57
C THR A 263 -23.20 8.98 -21.21
N LEU A 264 -24.03 9.95 -20.84
CA LEU A 264 -25.41 10.08 -21.29
C LEU A 264 -25.67 11.35 -22.09
N SER A 265 -24.75 12.30 -22.09
CA SER A 265 -25.04 13.60 -22.65
C SER A 265 -23.73 14.27 -23.02
N GLU A 266 -23.62 14.77 -24.25
CA GLU A 266 -22.42 15.51 -24.65
C GLU A 266 -22.29 16.77 -23.80
N ARG A 267 -23.39 17.33 -23.33
CA ARG A 267 -23.26 18.51 -22.50
C ARG A 267 -23.95 18.33 -21.17
N VAL A 268 -23.57 19.16 -20.21
CA VAL A 268 -24.10 19.12 -18.86
C VAL A 268 -24.41 20.54 -18.47
N THR A 269 -25.31 20.74 -17.54
CA THR A 269 -25.65 22.06 -17.14
C THR A 269 -25.71 22.18 -15.64
N LEU A 270 -25.01 23.18 -15.14
CA LEU A 270 -24.95 23.45 -13.72
C LEU A 270 -25.81 24.67 -13.44
N LYS A 271 -26.68 24.63 -12.43
CA LYS A 271 -27.47 25.80 -12.03
C LYS A 271 -27.20 26.10 -10.58
N PHE A 272 -27.07 27.39 -10.28
CA PHE A 272 -26.71 27.85 -8.95
C PHE A 272 -27.57 28.99 -8.48
N ALA A 273 -27.55 29.14 -7.17
CA ALA A 273 -28.37 30.12 -6.49
C ALA A 273 -27.70 30.38 -5.17
N LYS A 274 -27.81 31.59 -4.66
CA LYS A 274 -26.97 31.98 -3.53
C LYS A 274 -27.40 31.04 -2.40
N ASP A 275 -26.48 30.69 -1.52
CA ASP A 275 -26.81 29.86 -0.35
C ASP A 275 -27.82 28.69 -0.61
N SER A 276 -27.73 28.06 -1.78
CA SER A 276 -28.66 27.01 -2.21
C SER A 276 -27.93 25.75 -2.77
N PRO A 277 -28.64 24.61 -2.77
CA PRO A 277 -28.25 23.46 -3.57
C PRO A 277 -28.04 23.79 -5.02
N CYS A 278 -26.98 23.26 -5.60
CA CYS A 278 -26.81 23.36 -7.03
C CYS A 278 -27.50 22.21 -7.67
N MET A 279 -27.67 22.33 -8.96
CA MET A 279 -28.21 21.29 -9.70
C MET A 279 -27.21 21.03 -10.81
N VAL A 280 -26.97 19.77 -11.11
CA VAL A 280 -26.27 19.45 -12.31
C VAL A 280 -27.20 18.49 -13.07
N GLU A 281 -27.51 18.83 -14.32
CA GLU A 281 -28.45 18.09 -15.12
C GLU A 281 -27.78 17.56 -16.35
N TYR A 282 -28.08 16.31 -16.66
CA TYR A 282 -27.67 15.68 -17.87
C TYR A 282 -28.98 15.31 -18.53
N GLY A 283 -29.26 15.82 -19.73
CA GLY A 283 -30.39 15.36 -20.52
C GLY A 283 -30.17 14.09 -21.34
N ILE A 284 -31.09 13.17 -21.25
CA ILE A 284 -31.11 11.96 -22.04
C ILE A 284 -31.99 12.19 -23.26
N ASP A 285 -31.40 12.53 -24.43
CA ASP A 285 -32.15 12.85 -25.70
C ASP A 285 -33.28 13.83 -25.42
N ASN A 286 -34.50 13.64 -25.94
CA ASN A 286 -35.66 14.41 -25.43
C ASN A 286 -36.62 13.53 -24.63
N VAL A 287 -36.08 12.46 -24.07
CA VAL A 287 -36.87 11.38 -23.53
C VAL A 287 -36.63 11.16 -22.03
N GLY A 288 -36.17 12.22 -21.35
CA GLY A 288 -35.88 12.16 -19.94
C GLY A 288 -34.67 12.93 -19.48
N TYR A 289 -34.41 12.90 -18.18
CA TYR A 289 -33.26 13.57 -17.61
C TYR A 289 -32.68 12.79 -16.43
N LEU A 290 -31.40 13.02 -16.16
CA LEU A 290 -30.78 12.68 -14.90
C LEU A 290 -30.34 13.97 -14.25
N ARG A 291 -30.71 14.13 -13.02
CA ARG A 291 -30.60 15.41 -12.45
C ARG A 291 -30.13 15.22 -11.00
N TYR A 292 -29.06 15.87 -10.62
CA TYR A 292 -28.46 15.69 -9.32
C TYR A 292 -28.53 17.00 -8.58
N TYR A 293 -28.65 16.98 -7.26
CA TYR A 293 -28.70 18.20 -6.47
C TYR A 293 -27.73 18.00 -5.30
N LEU A 294 -26.95 19.05 -5.02
CA LEU A 294 -25.95 18.99 -4.03
C LEU A 294 -25.96 20.25 -3.25
N ALA A 295 -25.93 20.07 -1.95
CA ALA A 295 -25.77 21.15 -1.01
C ALA A 295 -24.37 21.76 -1.02
N PRO A 296 -24.25 23.04 -0.73
CA PRO A 296 -22.95 23.67 -0.66
C PRO A 296 -22.28 23.35 0.65
N LYS A 297 -20.93 23.48 0.73
CA LYS A 297 -20.24 23.64 2.02
C LYS A 297 -20.31 25.11 2.29
N VAL A 298 -20.90 25.45 3.45
CA VAL A 298 -20.90 26.81 4.04
C VAL A 298 -20.23 26.67 5.43
N ASP A 299 -19.77 27.81 5.98
CA ASP A 299 -18.91 27.93 7.20
C ASP A 299 -17.82 28.99 6.92
N MET B 11 38.20 29.54 20.53
CA MET B 11 37.60 30.30 21.67
C MET B 11 36.10 30.63 21.45
N LEU B 12 35.28 29.58 21.22
CA LEU B 12 33.88 29.47 21.74
C LEU B 12 33.68 28.06 22.24
N GLU B 13 33.41 27.95 23.54
CA GLU B 13 33.09 26.66 24.13
C GLU B 13 31.91 26.81 25.07
N ALA B 14 30.87 26.06 24.73
CA ALA B 14 29.76 25.79 25.60
C ALA B 14 29.69 24.28 25.77
N GLN B 15 29.54 23.87 27.01
CA GLN B 15 29.42 22.47 27.29
C GLN B 15 28.44 22.34 28.42
N VAL B 16 27.57 21.34 28.28
CA VAL B 16 26.47 21.17 29.20
C VAL B 16 26.63 19.76 29.77
N GLN B 17 26.13 19.64 31.00
CA GLN B 17 26.33 18.42 31.77
C GLN B 17 25.63 17.21 31.21
N PHE B 18 24.30 17.31 31.07
CA PHE B 18 23.46 16.27 30.46
C PHE B 18 23.00 16.77 29.07
N ALA B 19 23.25 15.95 28.03
CA ALA B 19 22.99 16.28 26.60
C ALA B 19 21.55 16.21 26.18
N SER B 20 20.67 15.63 26.99
CA SER B 20 19.25 15.71 26.74
C SER B 20 18.93 17.13 26.25
N LEU B 21 19.40 18.16 26.98
CA LEU B 21 18.88 19.49 26.75
C LEU B 21 19.02 19.92 25.29
N TRP B 22 20.22 19.77 24.76
CA TRP B 22 20.42 20.05 23.33
C TRP B 22 19.51 19.20 22.45
N LYS B 23 19.60 17.89 22.64
CA LYS B 23 18.70 16.93 22.00
C LYS B 23 17.23 17.39 22.03
N ARG B 24 16.67 17.68 23.20
CA ARG B 24 15.25 18.11 23.30
C ARG B 24 15.00 19.45 22.58
N LEU B 25 15.89 20.41 22.72
CA LEU B 25 15.75 21.69 22.03
C LEU B 25 15.88 21.65 20.52
N VAL B 26 16.92 21.01 20.01
CA VAL B 26 17.07 20.93 18.57
C VAL B 26 15.80 20.33 17.92
N GLU B 27 15.26 19.26 18.49
CA GLU B 27 14.02 18.66 17.99
C GLU B 27 12.89 19.66 17.94
N CYS B 28 12.84 20.50 18.96
CA CYS B 28 11.86 21.57 19.03
C CYS B 28 11.97 22.54 17.87
N ILE B 29 13.16 23.12 17.71
CA ILE B 29 13.30 24.16 16.70
C ILE B 29 13.37 23.58 15.28
N ASN B 30 13.95 22.39 15.11
CA ASN B 30 13.98 21.72 13.79
C ASN B 30 12.58 21.49 13.23
N GLY B 31 11.63 21.20 14.11
CA GLY B 31 10.23 21.23 13.73
C GLY B 31 9.84 22.43 12.87
N LEU B 32 10.30 23.61 13.22
CA LEU B 32 9.84 24.80 12.58
C LEU B 32 10.69 25.22 11.41
N VAL B 33 12.00 25.12 11.56
CA VAL B 33 12.95 25.60 10.55
C VAL B 33 14.09 24.62 10.39
N ASN B 34 14.77 24.64 9.26
CA ASN B 34 15.82 23.61 9.02
C ASN B 34 17.22 24.18 9.06
N GLU B 35 17.33 25.49 9.29
CA GLU B 35 18.66 26.12 9.50
C GLU B 35 18.43 27.34 10.36
N ALA B 36 19.41 27.60 11.21
CA ALA B 36 19.33 28.76 12.02
C ALA B 36 20.70 29.15 12.48
N ASN B 37 20.83 30.45 12.76
CA ASN B 37 21.98 31.00 13.43
C ASN B 37 21.92 30.86 14.93
N PHE B 38 23.02 30.33 15.49
CA PHE B 38 23.28 30.36 16.94
C PHE B 38 24.03 31.66 17.20
N ASP B 39 23.33 32.69 17.69
CA ASP B 39 23.96 33.93 18.16
C ASP B 39 24.44 33.79 19.66
N CYS B 40 25.76 33.65 19.82
CA CYS B 40 26.42 33.41 21.12
C CYS B 40 27.10 34.63 21.70
N ASN B 41 26.79 34.91 22.96
CA ASN B 41 27.30 36.07 23.70
C ASN B 41 27.67 35.73 25.17
N PRO B 42 28.40 36.63 25.85
CA PRO B 42 28.44 36.65 27.30
C PRO B 42 27.14 36.23 28.02
N GLY B 43 26.00 36.78 27.60
CA GLY B 43 24.73 36.50 28.30
C GLY B 43 24.19 35.08 28.15
N GLY B 44 24.62 34.40 27.09
CA GLY B 44 24.10 33.09 26.67
C GLY B 44 24.09 32.85 25.14
N LEU B 45 23.32 31.85 24.72
CA LEU B 45 23.12 31.52 23.31
C LEU B 45 21.69 31.84 22.99
N SER B 46 21.48 32.29 21.77
CA SER B 46 20.14 32.50 21.27
C SER B 46 20.04 31.99 19.82
N VAL B 47 18.91 31.34 19.54
CA VAL B 47 18.54 31.02 18.20
C VAL B 47 17.30 31.85 17.97
N GLN B 48 17.19 32.46 16.81
CA GLN B 48 15.99 33.21 16.54
C GLN B 48 15.75 33.11 15.08
N ALA B 49 14.62 32.51 14.73
CA ALA B 49 14.35 32.08 13.36
C ALA B 49 12.86 32.03 13.01
N MET B 50 12.61 32.28 11.73
CA MET B 50 11.24 32.42 11.20
C MET B 50 10.99 31.31 10.19
N ASP B 51 9.77 30.79 10.17
CA ASP B 51 9.50 29.67 9.30
C ASP B 51 9.43 30.21 7.88
N SER B 52 9.50 29.32 6.90
CA SER B 52 9.68 29.68 5.51
C SER B 52 8.46 30.41 4.97
N SER B 53 7.32 30.11 5.59
CA SER B 53 6.07 30.77 5.28
C SER B 53 5.94 32.15 5.93
N HIS B 54 6.91 32.59 6.70
CA HIS B 54 6.79 33.87 7.41
C HIS B 54 5.46 34.01 8.20
N VAL B 55 5.04 32.96 8.90
CA VAL B 55 3.89 33.00 9.77
C VAL B 55 4.15 32.62 11.27
N ALA B 56 5.36 32.10 11.54
CA ALA B 56 5.78 31.69 12.89
C ALA B 56 7.25 31.96 13.12
N LEU B 57 7.56 32.12 14.39
CA LEU B 57 8.88 32.55 14.78
C LEU B 57 9.26 31.79 16.04
N VAL B 58 10.46 31.19 16.07
CA VAL B 58 11.05 30.78 17.38
C VAL B 58 12.08 31.73 17.89
N HIS B 59 12.07 31.93 19.22
CA HIS B 59 13.19 32.51 19.95
C HIS B 59 13.53 31.57 21.08
N MET B 60 14.76 31.04 21.03
CA MET B 60 15.29 30.22 22.12
C MET B 60 16.48 30.91 22.72
N LEU B 61 16.44 31.08 24.04
CA LEU B 61 17.59 31.59 24.78
C LEU B 61 18.06 30.62 25.83
N LEU B 62 19.30 30.21 25.71
CA LEU B 62 19.97 29.48 26.78
C LEU B 62 21.00 30.36 27.48
N ARG B 63 20.56 31.03 28.57
CA ARG B 63 21.39 31.81 29.53
C ARG B 63 22.75 31.17 29.83
N ASP B 64 23.81 31.99 30.00
CA ASP B 64 25.20 31.53 30.42
C ASP B 64 25.22 30.67 31.70
N ASP B 65 24.31 30.99 32.64
CA ASP B 65 24.14 30.29 33.92
C ASP B 65 23.62 28.83 33.79
N CYS B 66 23.63 28.28 32.58
CA CYS B 66 23.04 26.98 32.30
C CYS B 66 24.04 25.92 31.90
N PHE B 67 25.27 26.28 31.56
CA PHE B 67 26.25 25.31 31.04
C PHE B 67 27.20 24.97 32.18
N VAL B 68 27.97 23.88 32.07
CA VAL B 68 29.06 23.67 33.04
C VAL B 68 30.17 24.62 32.64
N LYS B 69 30.76 24.42 31.47
CA LYS B 69 31.73 25.36 30.93
C LYS B 69 31.04 26.32 29.92
N TYR B 70 31.10 27.64 30.18
CA TYR B 70 30.68 28.63 29.18
C TYR B 70 31.62 29.78 28.89
N GLN B 71 32.45 29.62 27.86
CA GLN B 71 33.43 30.64 27.48
C GLN B 71 33.06 31.30 26.13
N CYS B 72 32.75 32.59 26.19
CA CYS B 72 32.38 33.40 25.02
C CYS B 72 32.64 34.88 25.34
N GLY B 73 33.92 35.24 25.15
CA GLY B 73 34.43 36.62 25.32
C GLY B 73 33.80 37.50 24.27
N ARG B 74 34.05 37.11 23.00
CA ARG B 74 33.52 37.80 21.79
C ARG B 74 31.99 37.65 21.58
N ASN B 75 31.45 38.10 20.43
CA ASN B 75 30.02 37.98 20.10
C ASN B 75 29.76 37.36 18.75
N SER B 76 30.45 36.22 18.52
CA SER B 76 30.32 35.34 17.32
C SER B 76 28.95 34.64 17.12
N ILE B 77 28.74 34.20 15.86
CA ILE B 77 27.44 33.75 15.28
C ILE B 77 27.60 32.50 14.39
N LEU B 78 27.29 31.29 14.87
CA LEU B 78 27.44 30.08 14.01
C LEU B 78 26.10 29.66 13.42
N GLY B 79 26.08 29.54 12.10
CA GLY B 79 24.89 29.13 11.39
C GLY B 79 25.03 27.65 11.16
N LEU B 80 23.97 26.93 11.50
CA LEU B 80 24.01 25.49 11.55
C LEU B 80 22.88 24.85 10.81
N ASN B 81 23.19 23.74 10.15
CA ASN B 81 22.14 22.93 9.52
C ASN B 81 21.46 22.03 10.58
N LEU B 82 20.22 22.35 10.93
CA LEU B 82 19.51 21.62 12.00
C LEU B 82 19.13 20.21 11.61
N ALA B 83 18.91 19.99 10.33
CA ALA B 83 18.66 18.66 9.83
C ALA B 83 19.82 17.75 10.16
N SER B 84 21.05 18.25 10.06
CA SER B 84 22.26 17.50 10.42
C SER B 84 22.43 17.45 11.92
N LEU B 85 22.48 18.61 12.55
CA LEU B 85 22.67 18.68 13.98
C LEU B 85 21.77 17.65 14.64
N SER B 86 20.52 17.60 14.17
CA SER B 86 19.51 16.66 14.65
C SER B 86 19.98 15.22 14.48
N LYS B 87 20.40 14.86 13.27
CA LYS B 87 20.85 13.47 12.94
C LYS B 87 21.96 12.98 13.84
N VAL B 88 22.80 13.92 14.26
CA VAL B 88 23.91 13.70 15.15
C VAL B 88 23.40 13.60 16.57
N LEU B 89 22.71 14.63 17.05
CA LEU B 89 22.20 14.54 18.42
C LEU B 89 21.26 13.33 18.66
N LYS B 90 20.64 12.75 17.63
CA LYS B 90 19.88 11.48 17.77
C LYS B 90 20.74 10.32 18.32
N ILE B 91 22.02 10.35 18.04
CA ILE B 91 22.92 9.28 18.41
C ILE B 91 23.81 9.63 19.57
N VAL B 92 23.57 10.77 20.21
CA VAL B 92 24.29 11.12 21.44
C VAL B 92 23.48 10.59 22.59
N ASP B 93 24.17 10.01 23.57
CA ASP B 93 23.50 9.58 24.77
C ASP B 93 22.95 10.78 25.57
N SER B 94 21.73 10.63 26.02
CA SER B 94 21.09 11.63 26.90
C SER B 94 21.97 12.00 28.08
N ASN B 95 22.63 11.02 28.71
CA ASN B 95 23.25 11.20 30.05
C ASN B 95 24.68 11.62 30.02
N ASP B 96 25.21 11.70 28.80
CA ASP B 96 26.56 12.20 28.56
C ASP B 96 26.65 13.73 28.53
N SER B 97 27.85 14.26 28.70
CA SER B 97 28.15 15.66 28.44
C SER B 97 28.13 15.90 26.95
N LEU B 98 27.73 17.10 26.56
CA LEU B 98 27.96 17.57 25.20
C LEU B 98 28.71 18.91 25.23
N SER B 99 29.82 18.95 24.50
CA SER B 99 30.64 20.14 24.36
C SER B 99 30.55 20.67 22.93
N LEU B 100 29.93 21.85 22.82
CA LEU B 100 29.92 22.65 21.58
C LEU B 100 31.14 23.59 21.56
N ARG B 101 32.01 23.37 20.58
CA ARG B 101 33.26 24.07 20.50
C ARG B 101 33.49 24.52 19.03
N HIS B 102 33.87 25.79 18.83
CA HIS B 102 34.26 26.35 17.50
C HIS B 102 35.41 27.31 17.64
N ASP B 103 36.52 27.00 16.96
CA ASP B 103 37.77 27.80 16.99
C ASP B 103 37.61 29.04 16.14
N ASP B 104 38.29 30.11 16.51
CA ASP B 104 38.08 31.43 15.89
C ASP B 104 38.42 31.33 14.42
N ASP B 105 37.48 31.78 13.59
CA ASP B 105 37.50 31.56 12.14
C ASP B 105 37.91 30.11 11.76
N SER B 106 37.07 29.13 12.11
CA SER B 106 37.35 27.69 11.86
C SER B 106 36.56 27.07 10.74
N ASP B 107 35.34 27.54 10.47
CA ASP B 107 34.47 26.95 9.40
C ASP B 107 33.78 25.59 9.76
N VAL B 108 34.00 25.12 10.98
CA VAL B 108 33.42 23.89 11.44
C VAL B 108 33.13 24.14 12.90
N VAL B 109 32.18 23.41 13.42
CA VAL B 109 31.94 23.36 14.84
C VAL B 109 32.01 21.87 15.25
N THR B 110 32.48 21.63 16.49
CA THR B 110 32.71 20.26 16.98
C THR B 110 31.85 19.98 18.19
N LEU B 111 31.29 18.78 18.19
CA LEU B 111 30.53 18.26 19.29
C LEU B 111 31.37 17.17 19.91
N THR B 112 31.51 17.23 21.24
CA THR B 112 32.33 16.27 21.97
C THR B 112 31.52 15.69 23.13
N SER B 113 31.23 14.41 23.00
CA SER B 113 30.45 13.70 23.98
C SER B 113 31.39 12.85 24.79
N GLU B 114 31.25 12.93 26.11
CA GLU B 114 31.98 12.07 27.03
C GLU B 114 30.96 11.66 28.10
N ASN B 115 30.89 10.37 28.42
CA ASN B 115 30.11 9.84 29.62
C ASN B 115 30.66 10.33 30.94
N PRO B 116 29.99 10.01 32.06
CA PRO B 116 30.62 10.36 33.36
C PRO B 116 31.92 9.57 33.70
N GLU B 117 31.91 8.26 33.35
CA GLU B 117 33.05 7.31 33.53
C GLU B 117 34.30 7.65 32.68
N LYS B 118 34.22 8.58 31.76
CA LYS B 118 35.31 8.94 30.83
C LYS B 118 35.97 7.75 30.14
N THR B 119 35.23 6.64 30.00
CA THR B 119 35.60 5.48 29.21
C THR B 119 35.15 5.56 27.74
N ARG B 120 34.58 6.69 27.33
CA ARG B 120 34.07 6.84 25.97
C ARG B 120 34.08 8.34 25.61
N LYS B 121 34.60 8.60 24.42
CA LYS B 121 34.64 9.94 23.89
C LYS B 121 34.15 9.79 22.45
N CYS B 122 33.06 10.51 22.16
CA CYS B 122 32.60 10.71 20.80
C CYS B 122 32.88 12.14 20.43
N GLU B 123 33.36 12.33 19.20
CA GLU B 123 33.55 13.68 18.66
C GLU B 123 33.11 13.79 17.21
N TYR B 124 32.18 14.71 16.98
CA TYR B 124 31.54 14.92 15.70
C TYR B 124 31.82 16.34 15.20
N GLN B 125 32.13 16.45 13.91
CA GLN B 125 32.35 17.73 13.24
C GLN B 125 31.26 18.09 12.24
N LEU B 126 30.75 19.31 12.35
CA LEU B 126 29.70 19.82 11.48
C LEU B 126 30.15 21.11 10.80
N LYS B 127 30.13 21.13 9.46
CA LYS B 127 30.52 22.35 8.71
C LYS B 127 29.44 23.41 8.85
N LEU B 128 29.77 24.62 8.45
CA LEU B 128 28.94 25.78 8.78
C LEU B 128 28.30 26.41 7.61
N LEU B 129 27.33 27.28 7.89
CA LEU B 129 26.65 28.13 6.90
C LEU B 129 26.67 29.57 7.48
N GLU B 130 26.88 30.67 6.72
CA GLU B 130 26.28 31.07 5.45
C GLU B 130 24.81 31.36 5.60
N ILE B 131 24.41 32.14 6.60
CA ILE B 131 22.96 32.50 6.76
C ILE B 131 22.61 33.96 7.01
N GLU B 132 22.16 34.66 5.97
CA GLU B 132 21.57 36.03 6.08
C GLU B 132 20.66 36.26 7.33
N ALA B 133 20.81 37.42 7.94
CA ALA B 133 20.16 37.72 9.24
C ALA B 133 18.60 37.83 9.24
N GLU B 134 17.99 37.34 10.30
CA GLU B 134 16.55 37.53 10.49
C GLU B 134 16.25 39.04 10.54
N SER B 135 15.23 39.42 9.79
CA SER B 135 14.64 40.75 9.90
C SER B 135 13.25 40.49 10.46
N MET B 136 12.35 41.49 10.42
CA MET B 136 11.02 41.39 11.02
C MET B 136 11.18 40.51 12.27
N GLY B 137 12.04 40.95 13.18
CA GLY B 137 12.33 40.20 14.42
C GLY B 137 11.11 40.10 15.32
N ILE B 138 11.34 39.81 16.60
CA ILE B 138 10.21 39.56 17.56
C ILE B 138 9.21 40.75 17.48
N PRO B 139 7.92 40.49 17.23
CA PRO B 139 6.96 41.59 17.33
C PRO B 139 6.78 42.07 18.78
N GLU B 140 6.37 43.33 18.94
CA GLU B 140 6.24 43.99 20.26
C GLU B 140 4.74 44.09 20.45
N MET B 141 4.23 43.61 21.58
CA MET B 141 2.82 43.19 21.60
C MET B 141 2.00 43.56 22.78
N ASP B 142 2.56 43.38 23.99
CA ASP B 142 1.85 43.79 25.20
C ASP B 142 0.59 42.89 25.33
N TYR B 143 0.70 41.82 26.11
CA TYR B 143 -0.35 40.77 26.08
C TYR B 143 -1.46 40.99 27.15
N ARG B 144 -2.71 41.12 26.68
CA ARG B 144 -3.95 41.13 27.52
C ARG B 144 -4.18 39.91 28.43
N SER B 145 -4.27 38.73 27.81
CA SER B 145 -4.69 37.48 28.46
C SER B 145 -3.61 36.41 28.52
N THR B 146 -3.75 35.53 29.50
CA THR B 146 -2.73 34.53 29.75
C THR B 146 -3.32 33.27 30.26
N VAL B 147 -2.80 32.16 29.76
CA VAL B 147 -3.24 30.88 30.24
C VAL B 147 -2.01 30.00 30.36
N THR B 148 -2.02 29.23 31.44
CA THR B 148 -0.90 28.39 31.79
C THR B 148 -1.55 27.08 32.13
N LEU B 149 -0.98 25.99 31.59
CA LEU B 149 -1.57 24.64 31.68
C LEU B 149 -0.51 23.62 31.48
N ASN B 150 -0.83 22.38 31.82
CA ASN B 150 0.17 21.31 31.76
C ASN B 150 0.54 21.20 30.27
N SER B 151 1.82 21.32 29.98
CA SER B 151 2.35 21.25 28.63
C SER B 151 1.97 19.94 27.90
N ALA B 152 1.89 18.81 28.61
CA ALA B 152 1.38 17.60 27.98
C ALA B 152 -0.09 17.68 27.63
N GLU B 153 -0.91 18.22 28.53
CA GLU B 153 -2.32 18.43 28.18
C GLU B 153 -2.47 19.36 26.97
N PHE B 154 -1.59 20.34 26.83
CA PHE B 154 -1.66 21.19 25.66
C PHE B 154 -1.42 20.38 24.44
N ALA B 155 -0.35 19.62 24.50
CA ALA B 155 0.06 18.85 23.35
C ALA B 155 -1.01 17.85 22.91
N LYS B 156 -1.72 17.28 23.88
CA LYS B 156 -2.75 16.27 23.62
C LYS B 156 -3.91 17.01 22.98
N ILE B 157 -4.31 18.13 23.54
CA ILE B 157 -5.35 18.88 22.88
C ILE B 157 -4.99 19.18 21.44
N VAL B 158 -3.75 19.50 21.07
CA VAL B 158 -3.60 19.93 19.69
C VAL B 158 -3.60 18.75 18.75
N ARG B 159 -3.17 17.58 19.21
CA ARG B 159 -3.33 16.33 18.44
C ARG B 159 -4.82 15.95 18.24
N ASP B 160 -5.60 16.04 19.31
CA ASP B 160 -7.03 15.74 19.25
C ASP B 160 -7.74 16.65 18.25
N MET B 161 -7.55 17.96 18.42
CA MET B 161 -8.11 18.94 17.52
C MET B 161 -7.76 18.69 16.06
N GLN B 162 -6.55 18.15 15.83
CA GLN B 162 -6.12 17.84 14.46
C GLN B 162 -6.94 16.77 13.81
N VAL B 163 -7.65 15.92 14.56
CA VAL B 163 -8.60 14.97 13.89
C VAL B 163 -9.72 15.68 13.13
N PHE B 164 -10.12 16.84 13.64
CA PHE B 164 -11.22 17.58 13.03
C PHE B 164 -10.80 18.46 11.89
N GLY B 165 -9.94 19.42 12.18
CA GLY B 165 -9.60 20.48 11.22
C GLY B 165 -8.12 20.65 11.10
N ASP B 166 -7.73 21.60 10.30
CA ASP B 166 -6.36 22.10 10.31
C ASP B 166 -6.31 23.43 11.06
N THR B 167 -7.45 23.86 11.62
CA THR B 167 -7.54 25.07 12.40
C THR B 167 -8.23 24.86 13.74
N VAL B 168 -7.61 25.34 14.81
CA VAL B 168 -8.21 25.44 16.17
C VAL B 168 -8.56 26.88 16.55
N THR B 169 -9.67 27.01 17.26
CA THR B 169 -10.16 28.25 17.81
C THR B 169 -10.02 28.17 19.31
N ILE B 170 -9.18 29.05 19.85
CA ILE B 170 -9.02 29.16 21.28
C ILE B 170 -9.79 30.35 21.77
N ALA B 171 -10.55 30.12 22.84
CA ALA B 171 -11.44 31.13 23.46
C ALA B 171 -11.33 31.10 24.97
N ILE B 172 -10.54 32.10 25.45
CA ILE B 172 -10.28 32.38 26.85
C ILE B 172 -11.41 33.27 27.37
N SER B 173 -11.85 32.95 28.59
CA SER B 173 -12.91 33.68 29.30
C SER B 173 -12.75 33.46 30.81
N LYS B 174 -13.64 34.10 31.57
CA LYS B 174 -13.78 33.88 33.02
C LYS B 174 -13.48 32.42 33.44
N GLU B 175 -14.30 31.51 32.92
CA GLU B 175 -14.49 30.17 33.47
C GLU B 175 -13.31 29.27 33.10
N GLY B 176 -12.75 29.53 31.93
CA GLY B 176 -11.66 28.73 31.42
C GLY B 176 -11.35 29.03 29.98
N VAL B 177 -10.73 28.07 29.33
CA VAL B 177 -10.36 28.21 27.95
C VAL B 177 -10.95 27.02 27.14
N LYS B 178 -11.33 27.29 25.90
CA LYS B 178 -12.04 26.34 25.03
C LYS B 178 -11.37 26.27 23.67
N PHE B 179 -10.73 25.12 23.44
CA PHE B 179 -10.13 24.78 22.17
C PHE B 179 -11.20 24.07 21.35
N SER B 180 -11.45 24.51 20.12
CA SER B 180 -12.57 23.97 19.29
C SER B 180 -12.17 23.83 17.82
N SER B 181 -12.66 22.78 17.18
CA SER B 181 -12.34 22.52 15.78
C SER B 181 -13.45 21.82 15.02
N SER B 182 -13.38 21.88 13.68
CA SER B 182 -14.38 21.32 12.73
C SER B 182 -13.82 20.69 11.49
N GLY B 183 -14.53 19.74 10.97
CA GLY B 183 -14.19 19.15 9.69
C GLY B 183 -15.06 17.99 9.34
N ASP B 184 -14.62 17.23 8.36
CA ASP B 184 -15.46 16.18 7.85
C ASP B 184 -15.78 15.16 8.95
N VAL B 185 -14.84 14.77 9.79
CA VAL B 185 -15.23 13.89 10.91
C VAL B 185 -16.42 14.42 11.76
N GLY B 186 -16.40 15.71 12.03
CA GLY B 186 -17.39 16.32 12.87
C GLY B 186 -16.91 17.60 13.50
N GLN B 187 -17.20 17.73 14.79
CA GLN B 187 -16.83 18.91 15.52
C GLN B 187 -16.56 18.49 16.91
N GLY B 188 -15.63 19.20 17.50
CA GLY B 188 -15.12 18.84 18.79
C GLY B 188 -14.66 20.09 19.46
N TYR B 189 -14.74 20.06 20.78
CA TYR B 189 -14.06 21.00 21.57
C TYR B 189 -13.59 20.28 22.77
N THR B 190 -12.57 20.87 23.37
CA THR B 190 -12.09 20.49 24.66
C THR B 190 -12.09 21.78 25.48
N PHE B 191 -12.66 21.68 26.68
CA PHE B 191 -12.75 22.79 27.61
C PHE B 191 -12.02 22.50 28.92
N LEU B 192 -11.13 23.40 29.31
CA LEU B 192 -10.41 23.33 30.59
C LEU B 192 -10.89 24.45 31.49
N GLN B 193 -11.60 24.10 32.58
CA GLN B 193 -12.07 25.09 33.57
C GLN B 193 -10.90 25.35 34.51
N ALA B 194 -10.89 26.55 35.11
CA ALA B 194 -9.68 27.16 35.75
C ALA B 194 -9.34 26.80 37.25
N ALA B 195 -9.20 25.49 37.55
CA ALA B 195 -8.87 24.95 38.90
C ALA B 195 -7.42 24.46 38.99
N GLY B 237 -3.26 21.86 36.90
CA GLY B 237 -4.36 22.84 36.94
C GLY B 237 -4.11 24.13 36.16
N VAL B 238 -5.20 24.86 35.85
CA VAL B 238 -5.20 25.81 34.73
C VAL B 238 -5.33 27.28 35.10
N GLU B 239 -4.21 28.02 35.03
CA GLU B 239 -4.15 29.41 35.45
C GLU B 239 -4.53 30.43 34.36
N VAL B 240 -5.83 30.60 34.14
CA VAL B 240 -6.34 31.72 33.34
C VAL B 240 -6.16 32.99 34.12
N THR B 241 -5.92 34.06 33.39
CA THR B 241 -5.79 35.37 33.99
C THR B 241 -5.77 36.36 32.83
N MET B 242 -6.95 36.84 32.49
CA MET B 242 -7.12 37.78 31.40
C MET B 242 -7.44 39.17 31.92
N GLU B 243 -7.59 40.10 30.99
CA GLU B 243 -8.27 41.34 31.29
C GLU B 243 -9.65 41.34 30.62
N GLU B 244 -9.83 40.85 29.38
CA GLU B 244 -11.22 40.53 28.92
C GLU B 244 -11.39 39.21 28.14
N PRO B 245 -12.66 38.78 27.88
CA PRO B 245 -12.97 37.74 26.89
C PRO B 245 -12.37 38.02 25.51
N ILE B 246 -11.73 36.99 24.96
CA ILE B 246 -10.84 37.10 23.80
C ILE B 246 -10.81 35.74 23.09
N THR B 247 -11.09 35.74 21.78
CA THR B 247 -11.23 34.50 21.02
C THR B 247 -10.49 34.61 19.71
N LEU B 248 -9.51 33.72 19.51
CA LEU B 248 -8.65 33.73 18.34
C LEU B 248 -8.60 32.40 17.63
N SER B 249 -7.99 32.39 16.43
CA SER B 249 -7.85 31.16 15.65
C SER B 249 -6.49 30.96 15.00
N PHE B 250 -5.96 29.75 15.10
CA PHE B 250 -4.61 29.46 14.65
C PHE B 250 -4.50 28.14 13.92
N ALA B 251 -3.45 28.02 13.12
CA ALA B 251 -3.18 26.79 12.43
C ALA B 251 -2.62 25.69 13.32
N LEU B 252 -3.26 24.55 13.35
CA LEU B 252 -2.75 23.46 14.13
C LEU B 252 -1.41 22.92 13.63
N ARG B 253 -1.10 23.04 12.34
CA ARG B 253 0.24 22.56 11.93
C ARG B 253 1.35 23.11 12.81
N PHE B 254 1.21 24.35 13.21
CA PHE B 254 2.22 24.99 13.99
C PHE B 254 2.04 24.78 15.48
N MET B 255 0.79 24.80 15.92
CA MET B 255 0.52 24.54 17.32
C MET B 255 1.09 23.17 17.66
N GLY B 256 0.96 22.22 16.75
CA GLY B 256 1.60 20.94 16.91
C GLY B 256 3.10 21.05 17.09
N ILE B 257 3.75 21.69 16.13
CA ILE B 257 5.20 21.89 16.16
C ILE B 257 5.66 22.52 17.48
N PHE B 258 4.89 23.52 17.95
CA PHE B 258 5.21 24.23 19.19
C PHE B 258 5.10 23.32 20.37
N ALA B 259 4.02 22.54 20.39
CA ALA B 259 3.76 21.62 21.49
C ALA B 259 4.81 20.55 21.75
N LYS B 260 5.78 20.34 20.84
CA LYS B 260 6.92 19.46 21.17
C LYS B 260 7.78 20.05 22.32
N GLY B 261 7.66 21.35 22.58
CA GLY B 261 8.24 21.93 23.79
C GLY B 261 7.82 21.36 25.13
N SER B 262 6.82 20.49 25.12
CA SER B 262 6.42 19.82 26.34
C SER B 262 7.53 18.94 26.87
N THR B 263 8.48 18.55 26.02
CA THR B 263 9.65 17.83 26.48
C THR B 263 10.63 18.68 27.28
N LEU B 264 10.42 19.99 27.40
CA LEU B 264 11.34 20.87 28.11
C LEU B 264 10.77 21.46 29.40
N SER B 265 9.49 21.30 29.67
CA SER B 265 8.88 22.08 30.73
C SER B 265 7.53 21.52 30.96
N GLU B 266 7.30 21.07 32.19
CA GLU B 266 6.06 20.42 32.49
C GLU B 266 4.91 21.41 32.43
N ARG B 267 5.16 22.73 32.42
CA ARG B 267 4.08 23.71 32.10
C ARG B 267 4.41 24.59 30.91
N VAL B 268 3.37 25.19 30.34
CA VAL B 268 3.49 26.02 29.14
C VAL B 268 2.54 27.18 29.29
N THR B 269 2.95 28.32 28.78
CA THR B 269 2.16 29.52 28.87
C THR B 269 1.87 30.06 27.48
N LEU B 270 0.59 30.37 27.28
CA LEU B 270 0.10 30.95 26.07
C LEU B 270 -0.34 32.33 26.45
N LYS B 271 0.04 33.32 25.64
CA LYS B 271 -0.34 34.73 25.83
C LYS B 271 -0.97 35.22 24.54
N PHE B 272 -2.14 35.83 24.62
CA PHE B 272 -2.85 36.29 23.41
C PHE B 272 -3.21 37.75 23.56
N ALA B 273 -3.17 38.46 22.45
CA ALA B 273 -3.71 39.80 22.40
C ALA B 273 -4.60 39.81 21.20
N LYS B 274 -5.74 40.49 21.31
CA LYS B 274 -6.75 40.54 20.23
C LYS B 274 -6.18 40.85 18.82
N ASP B 275 -6.80 40.30 17.79
CA ASP B 275 -6.30 40.41 16.40
C ASP B 275 -4.76 40.35 16.17
N SER B 276 -4.04 39.65 17.05
CA SER B 276 -2.57 39.63 17.07
C SER B 276 -1.98 38.24 17.49
N PRO B 277 -0.73 38.01 17.11
CA PRO B 277 -0.07 36.78 17.40
C PRO B 277 -0.23 36.28 18.79
N CYS B 278 -0.17 34.98 18.91
CA CYS B 278 0.00 34.41 20.21
C CYS B 278 1.48 34.17 20.38
N MET B 279 1.81 34.10 21.65
CA MET B 279 3.06 33.61 22.09
C MET B 279 2.79 32.33 22.85
N VAL B 280 3.67 31.35 22.64
CA VAL B 280 3.66 30.18 23.48
C VAL B 280 5.08 30.01 23.93
N GLU B 281 5.23 30.05 25.26
CA GLU B 281 6.52 30.08 25.91
C GLU B 281 6.63 28.88 26.79
N TYR B 282 7.73 28.15 26.64
CA TYR B 282 8.11 27.10 27.58
C TYR B 282 9.30 27.65 28.35
N GLY B 283 9.16 27.81 29.67
CA GLY B 283 10.28 28.19 30.49
C GLY B 283 11.20 27.00 30.64
N ILE B 284 12.48 27.14 30.38
CA ILE B 284 13.43 26.04 30.60
C ILE B 284 13.97 26.20 32.02
N ASP B 285 13.05 26.07 32.99
CA ASP B 285 13.19 26.54 34.40
C ASP B 285 13.61 28.03 34.49
N ASN B 286 14.77 28.36 35.10
CA ASN B 286 15.35 29.72 35.14
C ASN B 286 16.47 29.94 34.12
N VAL B 287 17.32 28.94 34.00
CA VAL B 287 18.23 28.73 32.87
C VAL B 287 17.91 29.14 31.40
N GLY B 288 16.65 29.26 31.01
CA GLY B 288 16.34 29.67 29.63
C GLY B 288 14.87 29.84 29.28
N TYR B 289 14.64 30.14 28.01
CA TYR B 289 13.30 29.97 27.47
C TYR B 289 13.30 29.43 26.04
N LEU B 290 12.19 28.77 25.71
CA LEU B 290 11.79 28.55 24.33
C LEU B 290 10.47 29.25 24.09
N ARG B 291 10.43 30.02 23.03
CA ARG B 291 9.33 30.94 22.87
C ARG B 291 8.99 30.94 21.39
N TYR B 292 7.72 30.64 21.10
CA TYR B 292 7.22 30.48 19.72
C TYR B 292 6.13 31.54 19.51
N TYR B 293 6.09 32.12 18.32
CA TYR B 293 5.10 33.17 17.98
C TYR B 293 4.41 32.79 16.68
N LEU B 294 3.09 32.86 16.71
CA LEU B 294 2.30 32.52 15.57
C LEU B 294 1.21 33.54 15.25
N ALA B 295 1.11 33.86 13.97
CA ALA B 295 0.08 34.71 13.45
C ALA B 295 -1.24 34.09 13.59
N PRO B 296 -2.26 34.88 13.83
CA PRO B 296 -3.58 34.31 13.79
C PRO B 296 -4.10 34.32 12.37
N LYS B 297 -5.20 33.61 12.19
CA LYS B 297 -6.08 33.67 11.00
C LYS B 297 -7.27 34.52 11.44
N VAL B 298 -7.24 35.78 11.01
CA VAL B 298 -8.36 36.72 11.12
C VAL B 298 -9.12 36.41 9.85
N ASP B 299 -10.45 36.52 9.87
CA ASP B 299 -11.31 36.08 8.75
C ASP B 299 -10.85 34.64 8.25
N ASP B 300 -10.13 34.52 7.11
CA ASP B 300 -9.32 33.31 6.73
C ASP B 300 -7.93 33.81 6.30
N ALA B 301 -7.04 32.94 5.81
CA ALA B 301 -5.62 33.34 5.50
C ALA B 301 -4.77 33.76 6.76
N GLU B 302 -3.43 33.73 6.64
CA GLU B 302 -2.46 34.14 7.73
C GLU B 302 -2.34 33.17 8.99
N HIS C 1 -49.90 16.75 41.75
CA HIS C 1 -48.82 17.21 40.81
C HIS C 1 -48.75 16.29 39.58
N SER C 2 -49.67 16.48 38.61
CA SER C 2 -49.78 15.56 37.43
C SER C 2 -48.44 15.34 36.62
N GLY C 3 -47.52 14.56 37.21
CA GLY C 3 -46.21 14.21 36.67
C GLY C 3 -45.71 15.37 35.72
N ARG C 4 -45.16 16.44 36.35
CA ARG C 4 -44.62 17.68 35.71
C ARG C 4 -43.83 17.29 34.45
N PRO C 5 -44.53 17.40 33.31
CA PRO C 5 -44.08 16.85 32.00
C PRO C 5 -42.73 17.46 31.56
N VAL C 6 -41.83 16.58 31.14
CA VAL C 6 -40.47 16.98 30.77
C VAL C 6 -40.48 17.72 29.40
N LEU C 7 -39.40 18.45 29.15
CA LEU C 7 -39.15 19.07 27.84
C LEU C 7 -37.62 19.26 27.72
N GLY C 8 -37.06 18.64 26.69
CA GLY C 8 -35.61 18.71 26.42
C GLY C 8 -35.39 18.30 24.97
N SER C 9 -36.08 17.22 24.56
CA SER C 9 -35.92 16.57 23.27
C SER C 9 -34.98 15.33 23.42
N SER C 10 -34.42 15.11 24.62
CA SER C 10 -33.37 14.10 24.87
C SER C 10 -33.78 12.61 24.85
N MET C 11 -34.35 12.22 23.70
CA MET C 11 -34.68 10.85 23.34
C MET C 11 -33.69 9.79 23.82
N LEU C 12 -32.39 10.08 23.70
CA LEU C 12 -31.34 9.16 24.14
C LEU C 12 -30.30 9.90 25.00
N GLU C 13 -29.94 9.27 26.12
CA GLU C 13 -28.76 9.58 26.92
C GLU C 13 -28.24 8.24 27.38
N ALA C 14 -26.92 8.03 27.30
CA ALA C 14 -26.29 6.73 27.65
C ALA C 14 -24.85 7.03 28.00
N GLN C 15 -24.56 6.88 29.27
CA GLN C 15 -23.33 7.30 29.82
C GLN C 15 -22.71 6.11 30.49
N VAL C 16 -21.54 5.71 30.03
CA VAL C 16 -20.66 4.78 30.75
C VAL C 16 -19.70 5.54 31.66
N GLN C 17 -19.14 4.82 32.60
CA GLN C 17 -18.17 5.44 33.51
C GLN C 17 -16.80 5.50 32.84
N PHE C 18 -16.43 4.40 32.22
CA PHE C 18 -15.10 4.25 31.67
C PHE C 18 -15.20 4.10 30.16
N ALA C 19 -14.67 5.10 29.45
CA ALA C 19 -14.76 5.15 27.97
C ALA C 19 -14.11 3.98 27.26
N SER C 20 -13.14 3.31 27.91
CA SER C 20 -12.44 2.13 27.34
C SER C 20 -13.40 1.27 26.56
N LEU C 21 -14.47 0.87 27.24
CA LEU C 21 -15.51 0.05 26.65
C LEU C 21 -15.92 0.43 25.20
N TRP C 22 -16.25 1.70 25.02
CA TRP C 22 -16.71 2.16 23.75
C TRP C 22 -15.57 2.07 22.80
N LYS C 23 -14.45 2.68 23.19
CA LYS C 23 -13.23 2.65 22.41
C LYS C 23 -13.01 1.25 21.85
N ARG C 24 -12.99 0.27 22.73
CA ARG C 24 -12.61 -1.10 22.34
C ARG C 24 -13.65 -1.74 21.46
N LEU C 25 -14.92 -1.53 21.81
CA LEU C 25 -16.04 -2.00 20.97
C LEU C 25 -15.96 -1.45 19.59
N VAL C 26 -15.88 -0.13 19.45
CA VAL C 26 -15.91 0.41 18.13
C VAL C 26 -14.78 -0.15 17.28
N GLU C 27 -13.55 -0.26 17.82
CA GLU C 27 -12.47 -0.88 17.02
C GLU C 27 -12.87 -2.24 16.61
N CYS C 28 -13.47 -3.04 17.49
CA CYS C 28 -13.88 -4.44 17.11
C CYS C 28 -14.78 -4.49 15.92
N ILE C 29 -15.91 -3.79 16.05
CA ILE C 29 -16.91 -3.71 14.99
C ILE C 29 -16.45 -2.90 13.74
N ASN C 30 -15.65 -1.86 13.89
CA ASN C 30 -15.09 -1.13 12.70
C ASN C 30 -14.23 -1.98 11.77
N GLY C 31 -13.61 -2.98 12.34
CA GLY C 31 -12.88 -3.94 11.56
C GLY C 31 -13.72 -4.69 10.57
N LEU C 32 -15.04 -4.73 10.77
CA LEU C 32 -15.91 -5.49 9.90
C LEU C 32 -16.74 -4.67 8.97
N VAL C 33 -17.08 -3.45 9.40
CA VAL C 33 -18.02 -2.58 8.68
C VAL C 33 -17.69 -1.13 8.94
N ASN C 34 -18.00 -0.27 7.99
CA ASN C 34 -17.68 1.17 8.14
C ASN C 34 -18.78 1.99 8.66
N GLU C 35 -19.99 1.47 8.56
CA GLU C 35 -21.15 2.14 9.08
C GLU C 35 -22.09 1.12 9.60
N ALA C 36 -22.85 1.50 10.61
CA ALA C 36 -23.83 0.60 11.18
C ALA C 36 -24.87 1.42 11.92
N ASN C 37 -26.06 0.87 12.01
CA ASN C 37 -27.11 1.44 12.85
C ASN C 37 -26.96 1.00 14.27
N PHE C 38 -27.02 1.96 15.17
CA PHE C 38 -27.24 1.69 16.57
C PHE C 38 -28.79 1.69 16.81
N ASP C 39 -29.37 0.49 16.94
CA ASP C 39 -30.74 0.26 17.44
C ASP C 39 -30.81 0.51 18.96
N CYS C 40 -31.32 1.67 19.37
CA CYS C 40 -31.40 2.06 20.80
C CYS C 40 -32.82 2.01 21.42
N ASN C 41 -32.95 1.19 22.47
CA ASN C 41 -34.24 0.80 23.04
C ASN C 41 -34.18 1.01 24.50
N PRO C 42 -35.33 0.78 25.19
CA PRO C 42 -35.23 0.74 26.65
C PRO C 42 -34.57 -0.56 27.11
N GLY C 43 -34.53 -1.59 26.23
CA GLY C 43 -33.55 -2.71 26.41
C GLY C 43 -32.05 -2.31 26.55
N GLY C 44 -31.62 -1.40 25.67
CA GLY C 44 -30.22 -1.07 25.46
C GLY C 44 -29.87 -0.90 23.98
N LEU C 45 -28.57 -0.64 23.70
CA LEU C 45 -28.05 -0.44 22.33
C LEU C 45 -27.71 -1.77 21.75
N SER C 46 -28.16 -2.00 20.53
CA SER C 46 -27.77 -3.15 19.75
C SER C 46 -27.09 -2.59 18.49
N VAL C 47 -26.14 -3.32 17.93
CA VAL C 47 -25.70 -3.10 16.55
C VAL C 47 -25.83 -4.46 15.88
N GLN C 48 -26.34 -4.51 14.66
CA GLN C 48 -26.10 -5.69 13.87
C GLN C 48 -25.96 -5.32 12.41
N ALA C 49 -25.08 -6.04 11.71
CA ALA C 49 -24.43 -5.57 10.50
C ALA C 49 -23.57 -6.67 9.90
N MET C 50 -23.48 -6.65 8.57
CA MET C 50 -22.77 -7.62 7.73
C MET C 50 -21.66 -6.91 6.98
N ASP C 51 -20.59 -7.63 6.68
CA ASP C 51 -19.52 -7.05 5.88
C ASP C 51 -20.02 -7.04 4.47
N SER C 52 -19.35 -6.27 3.59
CA SER C 52 -19.80 -6.11 2.18
C SER C 52 -19.88 -7.39 1.41
N SER C 53 -19.01 -8.33 1.71
CA SER C 53 -19.07 -9.65 1.06
C SER C 53 -20.29 -10.51 1.42
N HIS C 54 -21.13 -10.11 2.35
CA HIS C 54 -22.27 -10.95 2.76
C HIS C 54 -21.82 -12.31 3.30
N VAL C 55 -20.64 -12.34 3.90
CA VAL C 55 -20.16 -13.55 4.51
C VAL C 55 -20.06 -13.56 6.06
N ALA C 56 -20.11 -12.41 6.71
CA ALA C 56 -19.88 -12.31 8.15
C ALA C 56 -20.78 -11.25 8.76
N LEU C 57 -21.12 -11.40 10.03
CA LEU C 57 -22.24 -10.70 10.59
C LEU C 57 -21.87 -10.42 12.02
N VAL C 58 -22.00 -9.17 12.46
CA VAL C 58 -21.70 -8.83 13.85
C VAL C 58 -23.03 -8.63 14.44
N HIS C 59 -23.17 -9.03 15.71
CA HIS C 59 -24.31 -8.66 16.53
C HIS C 59 -23.74 -8.25 17.90
N MET C 60 -24.06 -7.05 18.34
CA MET C 60 -23.57 -6.59 19.61
C MET C 60 -24.75 -6.09 20.37
N LEU C 61 -24.73 -6.31 21.67
CA LEU C 61 -25.74 -5.81 22.58
C LEU C 61 -25.11 -5.22 23.82
N LEU C 62 -25.32 -3.97 24.09
CA LEU C 62 -24.97 -3.46 25.39
C LEU C 62 -26.27 -3.21 26.03
N ARG C 63 -26.44 -3.82 27.18
CA ARG C 63 -27.73 -3.92 27.82
C ARG C 63 -27.86 -2.68 28.70
N ASP C 64 -29.07 -2.22 28.96
CA ASP C 64 -29.26 -1.01 29.78
C ASP C 64 -28.45 -0.96 31.08
N ASP C 65 -28.26 -2.10 31.76
CA ASP C 65 -27.47 -2.20 33.04
C ASP C 65 -25.99 -1.88 32.90
N CYS C 66 -25.50 -1.93 31.67
CA CYS C 66 -24.16 -1.51 31.29
C CYS C 66 -23.78 -0.04 31.55
N PHE C 67 -24.76 0.83 31.74
CA PHE C 67 -24.53 2.27 31.82
C PHE C 67 -24.86 2.79 33.20
N VAL C 68 -24.08 3.74 33.67
CA VAL C 68 -24.40 4.40 34.91
C VAL C 68 -25.58 5.31 34.75
N LYS C 69 -26.09 5.50 33.53
CA LYS C 69 -27.30 6.32 33.29
C LYS C 69 -27.89 6.00 31.89
N TYR C 70 -29.19 5.73 31.77
CA TYR C 70 -29.74 5.25 30.49
C TYR C 70 -31.17 5.58 30.21
N GLN C 71 -31.44 6.82 29.82
CA GLN C 71 -32.77 7.24 29.37
C GLN C 71 -32.97 6.86 27.84
N CYS C 72 -33.97 6.05 27.52
CA CYS C 72 -34.34 5.78 26.13
C CYS C 72 -35.78 5.30 25.95
N GLY C 73 -36.78 6.22 26.12
CA GLY C 73 -38.28 5.97 25.98
C GLY C 73 -38.67 5.22 24.69
N ARG C 74 -38.65 5.97 23.58
CA ARG C 74 -39.08 5.51 22.21
C ARG C 74 -37.92 4.65 21.73
N ASN C 75 -38.12 3.86 20.68
CA ASN C 75 -37.04 3.02 20.10
C ASN C 75 -36.39 3.74 18.96
N SER C 76 -35.50 4.69 19.25
CA SER C 76 -34.65 5.37 18.17
C SER C 76 -33.45 4.55 17.51
N ILE C 77 -33.30 4.70 16.17
CA ILE C 77 -32.22 4.10 15.31
C ILE C 77 -31.17 5.11 14.76
N LEU C 78 -29.93 5.07 15.23
CA LEU C 78 -28.89 6.02 14.83
C LEU C 78 -27.81 5.53 13.85
N GLY C 79 -27.88 5.94 12.58
CA GLY C 79 -26.84 5.58 11.60
C GLY C 79 -25.50 6.29 11.79
N LEU C 80 -24.44 5.54 12.04
CA LEU C 80 -23.16 6.13 12.34
C LEU C 80 -22.05 5.66 11.43
N ASN C 81 -21.10 6.54 11.26
CA ASN C 81 -19.96 6.20 10.47
C ASN C 81 -18.92 5.74 11.45
N LEU C 82 -18.65 4.46 11.43
CA LEU C 82 -17.76 3.89 12.43
C LEU C 82 -16.31 4.27 12.24
N ALA C 83 -15.93 4.59 11.00
CA ALA C 83 -14.63 5.21 10.72
C ALA C 83 -14.51 6.49 11.48
N SER C 84 -15.35 7.48 11.19
CA SER C 84 -15.37 8.72 11.99
C SER C 84 -15.49 8.50 13.49
N LEU C 85 -16.39 7.64 13.92
CA LEU C 85 -16.61 7.39 15.36
C LEU C 85 -15.34 6.88 15.96
N SER C 86 -14.62 6.06 15.20
CA SER C 86 -13.36 5.54 15.71
C SER C 86 -12.32 6.64 15.89
N LYS C 87 -12.18 7.48 14.86
CA LYS C 87 -11.22 8.57 14.91
C LYS C 87 -11.43 9.39 16.14
N VAL C 88 -12.68 9.61 16.51
CA VAL C 88 -12.98 10.39 17.68
C VAL C 88 -12.75 9.58 18.96
N LEU C 89 -13.18 8.33 19.03
CA LEU C 89 -12.92 7.59 20.27
C LEU C 89 -11.45 7.39 20.58
N LYS C 90 -10.59 7.36 19.56
CA LYS C 90 -9.12 7.33 19.76
C LYS C 90 -8.65 8.47 20.68
N ILE C 91 -9.24 9.65 20.51
CA ILE C 91 -8.78 10.80 21.26
C ILE C 91 -9.53 11.03 22.54
N VAL C 92 -10.39 10.10 22.91
CA VAL C 92 -11.06 10.18 24.20
C VAL C 92 -10.24 9.42 25.17
N ASP C 93 -9.97 10.00 26.34
CA ASP C 93 -9.18 9.28 27.33
C ASP C 93 -9.91 8.08 27.82
N SER C 94 -9.23 6.96 27.77
CA SER C 94 -9.72 5.68 28.29
C SER C 94 -10.56 5.74 29.63
N ASN C 95 -10.12 6.50 30.63
CA ASN C 95 -10.68 6.47 32.00
C ASN C 95 -11.68 7.54 32.28
N ASP C 96 -11.85 8.46 31.34
CA ASP C 96 -12.89 9.46 31.41
C ASP C 96 -14.28 8.81 31.18
N SER C 97 -15.29 9.57 31.58
CA SER C 97 -16.69 9.24 31.35
C SER C 97 -16.96 9.52 29.91
N LEU C 98 -17.91 8.80 29.35
CA LEU C 98 -18.34 9.13 28.02
C LEU C 98 -19.82 9.00 27.95
N SER C 99 -20.49 10.08 27.57
CA SER C 99 -21.92 10.10 27.44
C SER C 99 -22.32 10.37 26.01
N LEU C 100 -23.14 9.47 25.52
CA LEU C 100 -23.69 9.53 24.19
C LEU C 100 -25.12 10.08 24.27
N ARG C 101 -25.43 11.20 23.63
CA ARG C 101 -26.77 11.76 23.67
C ARG C 101 -27.27 12.17 22.28
N HIS C 102 -28.58 12.04 22.07
CA HIS C 102 -29.23 12.46 20.81
C HIS C 102 -30.58 13.12 21.04
N ASP C 103 -30.88 14.21 20.33
CA ASP C 103 -32.22 14.88 20.40
C ASP C 103 -33.13 14.67 19.16
N ASP C 104 -34.41 15.02 19.28
CA ASP C 104 -35.41 14.80 18.22
C ASP C 104 -35.21 15.63 16.94
N ASP C 105 -34.82 16.88 17.14
CA ASP C 105 -34.48 17.79 16.04
C ASP C 105 -33.12 17.46 15.44
N SER C 106 -32.26 16.82 16.23
CA SER C 106 -30.80 16.99 16.20
C SER C 106 -30.11 16.55 14.95
N ASP C 107 -30.54 15.46 14.33
CA ASP C 107 -29.73 14.87 13.20
C ASP C 107 -28.16 14.78 13.45
N VAL C 108 -27.78 14.64 14.70
CA VAL C 108 -26.42 14.57 15.13
C VAL C 108 -26.43 13.86 16.49
N VAL C 109 -25.52 12.91 16.66
CA VAL C 109 -25.33 12.25 17.94
C VAL C 109 -24.27 13.04 18.65
N THR C 110 -24.19 12.99 19.98
CA THR C 110 -23.15 13.83 20.63
C THR C 110 -22.47 13.10 21.75
N LEU C 111 -21.15 13.06 21.68
CA LEU C 111 -20.32 12.40 22.68
C LEU C 111 -19.70 13.43 23.61
N THR C 112 -19.79 13.17 24.90
CA THR C 112 -19.31 14.12 25.89
C THR C 112 -18.55 13.38 26.92
N SER C 113 -17.41 13.94 27.24
CA SER C 113 -16.48 13.28 28.14
C SER C 113 -16.01 14.28 29.15
N GLU C 114 -15.63 13.75 30.29
CA GLU C 114 -15.28 14.52 31.46
C GLU C 114 -14.44 13.61 32.32
N ASN C 115 -13.42 14.16 33.00
CA ASN C 115 -12.56 13.33 33.87
C ASN C 115 -13.25 12.96 35.17
N PRO C 116 -12.66 12.04 35.95
CA PRO C 116 -13.12 11.91 37.33
C PRO C 116 -13.21 13.29 38.05
N GLU C 117 -12.20 14.13 37.83
CA GLU C 117 -12.02 15.41 38.52
C GLU C 117 -12.86 16.57 37.99
N LYS C 118 -13.65 16.39 36.95
CA LYS C 118 -14.52 17.46 36.41
C LYS C 118 -13.79 18.78 36.03
N THR C 119 -12.50 18.69 35.66
CA THR C 119 -11.68 19.87 35.29
C THR C 119 -11.36 20.02 33.80
N ARG C 120 -11.61 18.96 33.04
CA ARG C 120 -11.63 18.98 31.59
C ARG C 120 -12.96 18.35 31.17
N LYS C 121 -13.55 18.92 30.14
CA LYS C 121 -14.74 18.38 29.52
C LYS C 121 -14.61 18.51 28.02
N CYS C 122 -14.84 17.40 27.33
CA CYS C 122 -14.79 17.33 25.89
C CYS C 122 -16.15 17.00 25.37
N GLU C 123 -16.51 17.62 24.25
CA GLU C 123 -17.72 17.29 23.57
C GLU C 123 -17.51 17.25 22.07
N TYR C 124 -17.81 16.11 21.48
CA TYR C 124 -17.70 15.88 20.03
C TYR C 124 -19.12 15.62 19.48
N GLN C 125 -19.35 15.93 18.20
CA GLN C 125 -20.65 15.79 17.56
C GLN C 125 -20.47 15.13 16.24
N LEU C 126 -20.98 13.92 16.09
CA LEU C 126 -20.91 13.22 14.80
C LEU C 126 -22.22 13.42 14.02
N LYS C 127 -22.21 13.50 12.69
CA LYS C 127 -23.49 13.59 11.95
C LYS C 127 -24.05 12.22 11.71
N LEU C 128 -25.36 12.13 11.52
CA LEU C 128 -25.98 10.81 11.46
C LEU C 128 -26.08 10.37 10.02
N LEU C 129 -26.42 9.13 9.77
CA LEU C 129 -26.61 8.59 8.44
C LEU C 129 -27.86 7.78 8.31
N GLU C 130 -28.49 7.84 7.15
CA GLU C 130 -29.64 7.02 6.88
C GLU C 130 -29.07 5.78 6.24
N ILE C 131 -28.95 4.76 7.07
CA ILE C 131 -28.49 3.45 6.68
C ILE C 131 -29.72 2.55 6.72
N GLU C 132 -29.99 1.83 5.64
CA GLU C 132 -31.07 0.81 5.56
C GLU C 132 -30.71 -0.37 6.46
N ALA C 133 -31.73 -0.95 7.07
CA ALA C 133 -31.57 -2.06 8.00
C ALA C 133 -31.09 -3.37 7.37
N GLU C 134 -30.64 -4.25 8.25
CA GLU C 134 -29.73 -5.32 7.92
C GLU C 134 -30.21 -6.29 6.84
N SER C 135 -31.39 -6.87 6.99
CA SER C 135 -31.87 -7.92 6.05
C SER C 135 -31.39 -9.38 6.32
N MET C 136 -30.08 -9.73 6.37
CA MET C 136 -29.77 -11.09 6.91
C MET C 136 -29.75 -10.93 8.42
N GLY C 137 -30.53 -11.79 9.09
CA GLY C 137 -30.61 -11.87 10.53
C GLY C 137 -29.83 -13.05 11.14
N ILE C 138 -29.70 -13.02 12.47
CA ILE C 138 -28.96 -14.04 13.21
C ILE C 138 -29.48 -15.43 12.71
N PRO C 139 -28.59 -16.33 12.24
CA PRO C 139 -29.10 -17.60 11.68
C PRO C 139 -29.48 -18.63 12.77
N GLU C 140 -29.84 -19.86 12.39
CA GLU C 140 -30.24 -20.91 13.36
C GLU C 140 -29.14 -21.28 14.38
N MET C 141 -29.53 -21.39 15.66
CA MET C 141 -28.62 -21.81 16.73
C MET C 141 -28.55 -23.36 16.73
N ASP C 142 -28.81 -24.02 17.86
CA ASP C 142 -28.60 -25.47 17.98
C ASP C 142 -27.12 -25.78 17.63
N TYR C 143 -26.25 -25.42 18.59
CA TYR C 143 -24.83 -25.57 18.39
C TYR C 143 -24.35 -26.95 18.88
N ARG C 144 -23.92 -27.75 17.90
CA ARG C 144 -23.30 -29.07 18.10
C ARG C 144 -22.10 -29.04 19.07
N SER C 145 -21.04 -28.35 18.66
CA SER C 145 -19.74 -28.43 19.32
C SER C 145 -19.41 -27.07 19.93
N THR C 146 -18.61 -27.06 21.00
CA THR C 146 -18.37 -25.81 21.75
C THR C 146 -17.07 -25.79 22.50
N VAL C 147 -16.28 -24.77 22.23
CA VAL C 147 -14.94 -24.71 22.73
C VAL C 147 -14.72 -23.32 23.30
N THR C 148 -13.83 -23.21 24.27
CA THR C 148 -13.66 -21.95 24.99
C THR C 148 -12.20 -21.83 25.38
N LEU C 149 -11.53 -20.80 24.86
CA LEU C 149 -10.13 -20.56 25.16
C LEU C 149 -9.97 -19.19 25.74
N ASN C 150 -8.78 -18.95 26.27
CA ASN C 150 -8.41 -17.61 26.63
C ASN C 150 -8.34 -16.90 25.26
N SER C 151 -8.80 -15.65 25.29
CA SER C 151 -9.11 -14.90 24.08
C SER C 151 -7.85 -14.40 23.38
N ALA C 152 -6.82 -14.12 24.15
CA ALA C 152 -5.54 -13.67 23.61
C ALA C 152 -4.81 -14.82 22.93
N GLU C 153 -5.07 -16.04 23.42
CA GLU C 153 -4.52 -17.23 22.80
C GLU C 153 -5.20 -17.39 21.45
N PHE C 154 -6.53 -17.31 21.46
CA PHE C 154 -7.26 -17.45 20.22
C PHE C 154 -6.72 -16.47 19.16
N ALA C 155 -6.38 -15.27 19.66
CA ALA C 155 -5.86 -14.16 18.88
C ALA C 155 -4.54 -14.50 18.28
N LYS C 156 -3.63 -14.96 19.16
CA LYS C 156 -2.29 -15.37 18.75
C LYS C 156 -2.47 -16.42 17.69
N ILE C 157 -3.28 -17.44 17.99
CA ILE C 157 -3.42 -18.59 17.10
C ILE C 157 -3.76 -18.16 15.67
N VAL C 158 -4.71 -17.23 15.53
CA VAL C 158 -5.20 -16.89 14.18
C VAL C 158 -4.17 -16.08 13.47
N ARG C 159 -3.44 -15.25 14.20
CA ARG C 159 -2.32 -14.47 13.66
C ARG C 159 -1.18 -15.41 13.23
N ASP C 160 -0.97 -16.44 14.03
CA ASP C 160 0.02 -17.47 13.74
C ASP C 160 -0.38 -18.26 12.51
N MET C 161 -1.64 -18.73 12.40
CA MET C 161 -2.07 -19.46 11.17
C MET C 161 -2.02 -18.57 9.95
N GLN C 162 -2.13 -17.28 10.19
CA GLN C 162 -2.06 -16.29 9.14
C GLN C 162 -0.76 -16.39 8.33
N VAL C 163 0.38 -16.80 8.91
CA VAL C 163 1.65 -16.87 8.12
C VAL C 163 1.57 -17.91 7.02
N PHE C 164 0.73 -18.94 7.23
CA PHE C 164 0.74 -20.08 6.32
C PHE C 164 -0.11 -19.83 5.09
N GLY C 165 -1.40 -19.69 5.33
CA GLY C 165 -2.34 -19.36 4.27
C GLY C 165 -3.49 -18.48 4.70
N ASP C 166 -4.52 -18.47 3.86
CA ASP C 166 -5.67 -17.64 4.07
C ASP C 166 -6.85 -18.41 4.68
N THR C 167 -6.65 -19.69 4.98
CA THR C 167 -7.73 -20.53 5.54
C THR C 167 -7.23 -21.28 6.75
N VAL C 168 -8.09 -21.47 7.72
CA VAL C 168 -7.74 -22.20 8.90
C VAL C 168 -8.74 -23.33 8.98
N THR C 169 -8.25 -24.56 9.05
CA THR C 169 -9.09 -25.66 9.45
C THR C 169 -9.14 -25.81 10.96
N ILE C 170 -10.35 -25.83 11.51
CA ILE C 170 -10.54 -26.12 12.90
C ILE C 170 -11.18 -27.48 12.93
N ALA C 171 -10.47 -28.45 13.49
CA ALA C 171 -11.03 -29.76 13.81
C ALA C 171 -11.14 -29.90 15.32
N ILE C 172 -12.34 -30.27 15.77
CA ILE C 172 -12.60 -30.48 17.19
C ILE C 172 -12.66 -31.99 17.45
N SER C 173 -12.29 -32.38 18.66
CA SER C 173 -12.34 -33.77 19.08
C SER C 173 -12.56 -33.88 20.60
N LYS C 174 -12.71 -35.14 21.02
CA LYS C 174 -12.79 -35.53 22.42
C LYS C 174 -11.84 -34.70 23.31
N GLU C 175 -10.54 -34.82 23.08
CA GLU C 175 -9.50 -34.29 23.99
C GLU C 175 -8.97 -32.88 23.66
N GLY C 176 -9.45 -32.27 22.57
CA GLY C 176 -9.00 -30.93 22.20
C GLY C 176 -9.32 -30.44 20.79
N VAL C 177 -8.75 -29.28 20.45
CA VAL C 177 -9.03 -28.57 19.20
C VAL C 177 -7.72 -28.18 18.51
N LYS C 178 -7.70 -28.32 17.18
CA LYS C 178 -6.50 -28.29 16.37
C LYS C 178 -6.67 -27.34 15.17
N PHE C 179 -6.05 -26.18 15.31
CA PHE C 179 -6.10 -25.15 14.31
C PHE C 179 -4.99 -25.45 13.32
N SER C 180 -5.36 -25.72 12.07
CA SER C 180 -4.45 -26.18 11.00
C SER C 180 -4.45 -25.17 9.88
N SER C 181 -3.38 -25.14 9.12
CA SER C 181 -3.22 -24.19 8.01
C SER C 181 -2.08 -24.59 7.12
N SER C 182 -2.03 -24.05 5.91
CA SER C 182 -1.04 -24.46 4.91
C SER C 182 -0.71 -23.40 3.81
N GLY C 183 0.28 -23.68 2.97
CA GLY C 183 0.61 -22.83 1.80
C GLY C 183 2.09 -22.58 1.59
N ASP C 184 2.39 -21.65 0.70
CA ASP C 184 3.75 -21.45 0.14
C ASP C 184 4.93 -21.40 1.12
N VAL C 185 4.69 -21.18 2.39
CA VAL C 185 5.78 -21.25 3.34
C VAL C 185 5.83 -22.64 3.93
N GLY C 186 4.69 -23.22 4.28
CA GLY C 186 4.69 -24.54 4.90
C GLY C 186 3.36 -25.21 5.17
N GLN C 187 3.28 -25.90 6.31
CA GLN C 187 2.04 -26.39 6.90
C GLN C 187 2.24 -26.24 8.37
N GLY C 188 1.19 -25.90 9.10
CA GLY C 188 1.28 -25.69 10.54
C GLY C 188 0.05 -26.18 11.24
N TYR C 189 0.20 -26.51 12.51
CA TYR C 189 -0.95 -26.67 13.39
C TYR C 189 -0.64 -26.26 14.80
N THR C 190 -1.68 -26.13 15.58
CA THR C 190 -1.56 -25.74 16.95
C THR C 190 -2.71 -26.47 17.58
N PHE C 191 -2.39 -27.28 18.58
CA PHE C 191 -3.34 -28.15 19.21
C PHE C 191 -3.41 -27.73 20.66
N LEU C 192 -4.64 -27.65 21.18
CA LEU C 192 -4.90 -27.20 22.54
C LEU C 192 -5.67 -28.29 23.26
N GLN C 193 -5.17 -28.69 24.42
CA GLN C 193 -5.63 -29.91 25.08
C GLN C 193 -6.70 -29.54 26.08
N ALA C 194 -7.74 -30.39 26.20
CA ALA C 194 -8.95 -30.02 26.98
C ALA C 194 -8.87 -30.13 28.54
N ALA C 195 -8.28 -29.11 29.18
CA ALA C 195 -8.15 -29.04 30.65
C ALA C 195 -9.52 -28.92 31.34
N GLY C 237 -6.69 -22.63 29.84
CA GLY C 237 -7.29 -23.96 30.01
C GLY C 237 -8.52 -24.09 29.13
N VAL C 238 -8.47 -25.00 28.16
CA VAL C 238 -9.56 -25.16 27.20
C VAL C 238 -10.71 -25.99 27.76
N GLU C 239 -11.91 -25.67 27.29
CA GLU C 239 -13.12 -26.36 27.64
C GLU C 239 -13.86 -26.72 26.38
N VAL C 240 -13.43 -27.80 25.73
CA VAL C 240 -14.33 -28.49 24.80
C VAL C 240 -15.57 -28.97 25.60
N THR C 241 -16.69 -29.03 24.88
CA THR C 241 -17.92 -29.65 25.34
C THR C 241 -18.70 -29.82 24.04
N MET C 242 -18.79 -31.05 23.56
CA MET C 242 -19.25 -31.30 22.19
C MET C 242 -20.17 -32.53 22.08
N GLU C 243 -20.43 -33.01 20.87
CA GLU C 243 -21.24 -34.21 20.69
C GLU C 243 -20.61 -35.20 19.76
N GLU C 244 -20.28 -34.77 18.55
CA GLU C 244 -19.44 -35.55 17.65
C GLU C 244 -18.28 -34.71 17.15
N PRO C 245 -17.17 -35.36 16.74
CA PRO C 245 -16.09 -34.63 16.13
C PRO C 245 -16.55 -33.94 14.84
N ILE C 246 -16.29 -32.66 14.79
CA ILE C 246 -16.74 -31.78 13.73
C ILE C 246 -15.51 -31.08 13.16
N THR C 247 -15.55 -30.68 11.90
CA THR C 247 -14.36 -30.13 11.27
C THR C 247 -14.68 -29.17 10.13
N LEU C 248 -14.59 -27.88 10.44
CA LEU C 248 -14.90 -26.84 9.48
C LEU C 248 -13.69 -26.01 9.09
N SER C 249 -13.80 -25.26 8.01
CA SER C 249 -12.75 -24.33 7.62
C SER C 249 -13.26 -22.91 7.34
N PHE C 250 -12.44 -21.91 7.65
CA PHE C 250 -12.86 -20.53 7.66
C PHE C 250 -11.86 -19.58 7.06
N ALA C 251 -12.37 -18.48 6.53
CA ALA C 251 -11.51 -17.43 6.02
C ALA C 251 -10.81 -16.76 7.18
N LEU C 252 -9.50 -16.61 7.06
CA LEU C 252 -8.76 -16.11 8.20
C LEU C 252 -8.87 -14.60 8.33
N ARG C 253 -8.97 -13.88 7.20
CA ARG C 253 -9.28 -12.44 7.22
C ARG C 253 -10.28 -12.18 8.34
N PHE C 254 -11.41 -12.91 8.33
CA PHE C 254 -12.48 -12.61 9.26
C PHE C 254 -12.23 -13.05 10.70
N MET C 255 -11.58 -14.21 10.85
CA MET C 255 -11.24 -14.70 12.18
C MET C 255 -10.34 -13.67 12.85
N GLY C 256 -9.45 -13.08 12.06
CA GLY C 256 -8.58 -12.02 12.52
C GLY C 256 -9.36 -10.80 12.91
N ILE C 257 -10.32 -10.40 12.10
CA ILE C 257 -11.16 -9.26 12.47
C ILE C 257 -11.86 -9.49 13.82
N PHE C 258 -12.40 -10.71 13.98
CA PHE C 258 -13.16 -11.11 15.16
C PHE C 258 -12.26 -11.24 16.36
N ALA C 259 -11.02 -11.67 16.13
CA ALA C 259 -10.04 -11.87 17.19
C ALA C 259 -9.70 -10.62 18.03
N LYS C 260 -9.98 -9.40 17.53
CA LYS C 260 -9.74 -8.16 18.28
C LYS C 260 -10.68 -8.02 19.49
N GLY C 261 -11.73 -8.82 19.51
CA GLY C 261 -12.54 -9.03 20.73
C GLY C 261 -11.80 -9.37 22.01
N SER C 262 -10.58 -9.89 21.88
CA SER C 262 -9.74 -10.15 23.05
C SER C 262 -9.75 -8.95 23.96
N THR C 263 -9.73 -7.73 23.43
CA THR C 263 -9.74 -6.51 24.25
C THR C 263 -10.97 -6.27 25.15
N LEU C 264 -12.00 -7.10 25.01
CA LEU C 264 -13.23 -7.04 25.81
C LEU C 264 -13.40 -8.12 26.88
N SER C 265 -12.91 -9.32 26.63
CA SER C 265 -13.24 -10.48 27.42
C SER C 265 -12.04 -11.44 27.48
N GLU C 266 -11.56 -11.80 28.70
CA GLU C 266 -10.49 -12.81 28.89
C GLU C 266 -10.68 -14.09 28.07
N ARG C 267 -11.91 -14.63 28.11
CA ARG C 267 -12.22 -15.86 27.42
C ARG C 267 -13.01 -15.53 26.18
N VAL C 268 -13.17 -16.50 25.30
CA VAL C 268 -13.90 -16.35 24.06
C VAL C 268 -14.52 -17.70 23.73
N THR C 269 -15.72 -17.73 23.20
CA THR C 269 -16.32 -18.98 22.87
C THR C 269 -16.52 -19.14 21.38
N LEU C 270 -15.97 -20.20 20.83
CA LEU C 270 -16.34 -20.62 19.48
C LEU C 270 -17.47 -21.66 19.64
N LYS C 271 -18.33 -21.75 18.63
CA LYS C 271 -19.51 -22.64 18.60
C LYS C 271 -19.67 -23.07 17.17
N PHE C 272 -19.93 -24.35 16.90
CA PHE C 272 -19.95 -24.87 15.50
C PHE C 272 -21.12 -25.81 15.29
N ALA C 273 -21.53 -25.90 14.04
CA ALA C 273 -22.49 -26.91 13.61
C ALA C 273 -22.22 -27.10 12.13
N LYS C 274 -22.35 -28.32 11.60
CA LYS C 274 -21.78 -28.61 10.27
C LYS C 274 -22.57 -27.91 9.18
N ASP C 275 -21.89 -27.51 8.10
CA ASP C 275 -22.49 -26.71 7.02
C ASP C 275 -23.51 -25.67 7.56
N SER C 276 -22.99 -24.90 8.49
CA SER C 276 -23.77 -23.97 9.27
C SER C 276 -22.75 -22.96 9.85
N PRO C 277 -23.02 -21.65 9.67
CA PRO C 277 -22.18 -20.64 10.25
C PRO C 277 -21.76 -20.87 11.69
N CYS C 278 -20.47 -20.81 11.91
CA CYS C 278 -19.92 -20.83 13.25
C CYS C 278 -20.19 -19.50 13.85
N MET C 279 -20.00 -19.44 15.15
CA MET C 279 -20.14 -18.24 15.91
C MET C 279 -18.95 -18.07 16.89
N VAL C 280 -18.56 -16.84 17.16
CA VAL C 280 -17.54 -16.58 18.12
C VAL C 280 -18.10 -15.45 18.94
N GLU C 281 -18.19 -15.69 20.23
CA GLU C 281 -18.87 -14.82 21.16
C GLU C 281 -17.88 -14.32 22.15
N TYR C 282 -17.99 -13.04 22.49
CA TYR C 282 -17.19 -12.40 23.49
C TYR C 282 -18.20 -11.77 24.45
N GLY C 283 -18.06 -12.00 25.74
CA GLY C 283 -19.00 -11.42 26.70
C GLY C 283 -18.51 -10.19 27.42
N ILE C 284 -19.28 -9.12 27.37
CA ILE C 284 -19.02 -7.92 28.17
C ILE C 284 -19.76 -8.14 29.49
N ASP C 285 -19.05 -8.63 30.53
CA ASP C 285 -19.65 -8.93 31.87
C ASP C 285 -20.97 -9.71 31.80
N ASN C 286 -21.92 -9.40 32.67
CA ASN C 286 -23.29 -9.92 32.53
C ASN C 286 -24.14 -8.73 32.12
N VAL C 287 -23.60 -8.00 31.16
CA VAL C 287 -24.05 -6.67 30.79
C VAL C 287 -24.07 -6.43 29.26
N GLY C 288 -23.85 -7.49 28.47
CA GLY C 288 -23.79 -7.41 27.02
C GLY C 288 -23.03 -8.52 26.31
N TYR C 289 -23.03 -8.52 24.99
CA TYR C 289 -22.13 -9.36 24.26
C TYR C 289 -21.84 -8.82 22.88
N LEU C 290 -20.68 -9.24 22.37
CA LEU C 290 -20.27 -9.05 21.00
C LEU C 290 -20.14 -10.41 20.41
N ARG C 291 -20.59 -10.59 19.18
CA ARG C 291 -20.91 -11.92 18.71
C ARG C 291 -20.87 -11.99 17.18
N TYR C 292 -19.90 -12.69 16.63
CA TYR C 292 -19.63 -12.66 15.21
C TYR C 292 -20.15 -13.96 14.65
N TYR C 293 -20.51 -14.02 13.36
CA TYR C 293 -20.93 -15.28 12.71
C TYR C 293 -20.30 -15.35 11.36
N LEU C 294 -19.87 -16.53 10.95
CA LEU C 294 -19.13 -16.64 9.71
C LEU C 294 -19.42 -17.90 8.95
N ALA C 295 -19.60 -17.74 7.65
CA ALA C 295 -19.77 -18.85 6.71
C ALA C 295 -18.58 -19.73 6.86
N PRO C 296 -18.81 -21.04 6.95
CA PRO C 296 -17.69 -21.95 6.77
C PRO C 296 -17.45 -21.99 5.30
N LYS C 297 -16.26 -22.40 4.89
CA LYS C 297 -15.92 -22.61 3.50
C LYS C 297 -15.83 -24.11 3.27
N VAL C 298 -16.56 -24.63 2.27
CA VAL C 298 -16.23 -25.93 1.66
C VAL C 298 -15.76 -25.65 0.20
N ASP C 299 -14.84 -26.49 -0.28
CA ASP C 299 -14.28 -26.39 -1.64
C ASP C 299 -13.67 -27.74 -2.10
N MET D 11 17.49 -36.48 -28.84
CA MET D 11 17.70 -35.25 -29.69
C MET D 11 16.35 -34.73 -30.27
N LEU D 12 15.90 -33.55 -29.80
CA LEU D 12 14.65 -32.90 -30.29
C LEU D 12 14.83 -31.44 -30.68
N GLU D 13 14.03 -31.05 -31.68
CA GLU D 13 14.04 -29.70 -32.21
C GLU D 13 12.70 -29.45 -32.86
N ALA D 14 11.93 -28.50 -32.31
CA ALA D 14 10.60 -28.08 -32.83
C ALA D 14 10.51 -26.56 -32.98
N GLN D 15 10.78 -26.10 -34.21
CA GLN D 15 10.64 -24.71 -34.61
C GLN D 15 9.23 -24.50 -35.14
N VAL D 16 8.67 -23.35 -34.77
CA VAL D 16 7.33 -22.97 -35.20
C VAL D 16 7.53 -21.58 -35.79
N GLN D 17 6.64 -21.20 -36.69
CA GLN D 17 6.89 -20.00 -37.49
C GLN D 17 6.59 -18.74 -36.69
N PHE D 18 5.40 -18.76 -36.06
CA PHE D 18 4.88 -17.65 -35.27
C PHE D 18 4.72 -18.06 -33.76
N ALA D 19 5.62 -17.57 -32.89
CA ALA D 19 5.52 -17.80 -31.41
C ALA D 19 4.15 -17.56 -30.79
N SER D 20 3.32 -16.76 -31.45
CA SER D 20 1.87 -16.62 -31.16
C SER D 20 1.26 -17.89 -30.68
N LEU D 21 1.59 -18.97 -31.37
CA LEU D 21 0.97 -20.24 -31.05
C LEU D 21 1.41 -20.73 -29.65
N TRP D 22 2.73 -20.80 -29.44
CA TRP D 22 3.21 -21.37 -28.19
C TRP D 22 2.66 -20.55 -27.04
N LYS D 23 2.76 -19.23 -27.17
CA LYS D 23 2.27 -18.28 -26.17
C LYS D 23 0.82 -18.54 -25.82
N ARG D 24 -0.06 -18.58 -26.82
CA ARG D 24 -1.49 -18.77 -26.56
C ARG D 24 -1.78 -20.13 -25.90
N LEU D 25 -0.98 -21.13 -26.27
CA LEU D 25 -1.14 -22.50 -25.73
C LEU D 25 -0.75 -22.67 -24.29
N VAL D 26 0.43 -22.18 -23.97
CA VAL D 26 0.90 -22.29 -22.62
C VAL D 26 -0.01 -21.54 -21.65
N GLU D 27 -0.45 -20.33 -21.98
CA GLU D 27 -1.49 -19.68 -21.18
C GLU D 27 -2.67 -20.61 -20.98
N CYS D 28 -3.11 -21.24 -22.06
CA CYS D 28 -4.23 -22.17 -21.97
C CYS D 28 -4.04 -23.34 -20.98
N ILE D 29 -2.90 -24.04 -21.03
CA ILE D 29 -2.75 -25.20 -20.14
C ILE D 29 -2.29 -24.75 -18.76
N ASN D 30 -1.56 -23.63 -18.70
CA ASN D 30 -1.11 -23.07 -17.40
C ASN D 30 -2.25 -22.66 -16.47
N GLY D 31 -3.33 -22.19 -17.06
CA GLY D 31 -4.56 -22.00 -16.32
C GLY D 31 -5.11 -23.20 -15.56
N LEU D 32 -4.66 -24.40 -15.96
CA LEU D 32 -5.11 -25.63 -15.34
C LEU D 32 -4.07 -26.30 -14.53
N VAL D 33 -2.77 -26.18 -14.88
CA VAL D 33 -1.71 -26.91 -14.13
C VAL D 33 -0.38 -26.19 -14.06
N ASN D 34 0.42 -26.46 -13.05
CA ASN D 34 1.67 -25.67 -12.86
C ASN D 34 2.85 -26.21 -13.58
N GLU D 35 2.81 -27.52 -13.78
CA GLU D 35 3.87 -28.25 -14.47
C GLU D 35 3.21 -29.37 -15.23
N ALA D 36 3.87 -29.77 -16.30
CA ALA D 36 3.32 -30.83 -17.09
C ALA D 36 4.43 -31.42 -17.90
N ASN D 37 4.18 -32.66 -18.35
CA ASN D 37 5.10 -33.41 -19.20
C ASN D 37 4.83 -33.18 -20.67
N PHE D 38 5.88 -32.79 -21.39
CA PHE D 38 5.85 -32.55 -22.82
C PHE D 38 6.34 -33.86 -23.44
N ASP D 39 5.36 -34.62 -23.94
CA ASP D 39 5.52 -35.96 -24.49
C ASP D 39 5.73 -35.84 -26.02
N CYS D 40 6.99 -35.88 -26.46
CA CYS D 40 7.37 -35.68 -27.87
C CYS D 40 7.70 -36.98 -28.65
N ASN D 41 6.93 -37.22 -29.72
CA ASN D 41 6.98 -38.42 -30.59
C ASN D 41 7.30 -37.97 -31.99
N PRO D 42 7.52 -38.92 -32.92
CA PRO D 42 7.65 -38.47 -34.32
C PRO D 42 6.35 -37.93 -34.88
N GLY D 43 5.22 -38.35 -34.28
CA GLY D 43 3.89 -37.87 -34.65
C GLY D 43 3.50 -36.47 -34.18
N GLY D 44 4.19 -35.96 -33.14
CA GLY D 44 3.95 -34.61 -32.57
C GLY D 44 4.08 -34.49 -31.05
N LEU D 45 4.13 -33.24 -30.56
CA LEU D 45 4.10 -32.95 -29.12
C LEU D 45 2.73 -33.20 -28.54
N SER D 46 2.71 -33.88 -27.41
CA SER D 46 1.51 -34.19 -26.67
C SER D 46 1.74 -33.67 -25.26
N VAL D 47 0.69 -33.12 -24.65
CA VAL D 47 0.70 -32.74 -23.24
C VAL D 47 -0.61 -33.30 -22.66
N GLN D 48 -0.49 -34.09 -21.62
CA GLN D 48 -1.67 -34.62 -20.96
C GLN D 48 -1.46 -34.33 -19.52
N ALA D 49 -2.49 -33.88 -18.81
CA ALA D 49 -2.33 -33.39 -17.42
C ALA D 49 -3.64 -33.23 -16.72
N MET D 50 -3.63 -33.53 -15.43
CA MET D 50 -4.82 -33.38 -14.61
C MET D 50 -4.53 -32.29 -13.57
N ASP D 51 -5.59 -31.59 -13.17
CA ASP D 51 -5.43 -30.56 -12.16
C ASP D 51 -5.33 -31.27 -10.83
N SER D 52 -4.93 -30.50 -9.83
CA SER D 52 -4.68 -31.04 -8.49
C SER D 52 -5.91 -31.62 -7.81
N SER D 53 -7.10 -31.10 -8.10
CA SER D 53 -8.33 -31.69 -7.56
C SER D 53 -8.89 -32.85 -8.40
N HIS D 54 -8.11 -33.34 -9.34
CA HIS D 54 -8.51 -34.50 -10.11
C HIS D 54 -9.99 -34.37 -10.57
N VAL D 55 -10.39 -33.19 -11.06
CA VAL D 55 -11.76 -32.96 -11.58
C VAL D 55 -11.75 -32.74 -13.08
N ALA D 56 -10.58 -32.50 -13.66
CA ALA D 56 -10.54 -32.00 -15.01
C ALA D 56 -9.17 -32.12 -15.62
N LEU D 57 -9.17 -32.34 -16.93
CA LEU D 57 -8.06 -32.93 -17.62
C LEU D 57 -7.78 -32.15 -18.92
N VAL D 58 -6.50 -31.91 -19.20
CA VAL D 58 -6.13 -31.32 -20.47
C VAL D 58 -5.49 -32.37 -21.32
N HIS D 59 -5.93 -32.48 -22.58
CA HIS D 59 -5.16 -33.13 -23.63
C HIS D 59 -4.85 -32.18 -24.76
N MET D 60 -3.59 -32.05 -25.10
CA MET D 60 -3.20 -31.15 -26.17
C MET D 60 -2.27 -31.85 -27.11
N LEU D 61 -2.66 -31.92 -28.38
CA LEU D 61 -1.79 -32.50 -29.37
C LEU D 61 -1.35 -31.46 -30.37
N LEU D 62 -0.08 -31.40 -30.65
CA LEU D 62 0.35 -30.67 -31.80
C LEU D 62 1.06 -31.57 -32.77
N ARG D 63 0.42 -31.84 -33.91
CA ARG D 63 0.96 -32.81 -34.89
C ARG D 63 2.25 -32.35 -35.55
N ASP D 64 2.98 -33.27 -36.15
CA ASP D 64 4.34 -32.98 -36.64
C ASP D 64 4.36 -31.85 -37.66
N ASP D 65 3.25 -31.71 -38.41
CA ASP D 65 3.06 -30.78 -39.56
C ASP D 65 2.67 -29.34 -39.16
N CYS D 66 2.12 -29.19 -37.97
CA CYS D 66 2.03 -27.91 -37.26
C CYS D 66 3.34 -27.09 -37.17
N PHE D 67 4.49 -27.69 -37.39
CA PHE D 67 5.75 -26.96 -37.24
C PHE D 67 6.39 -26.70 -38.59
N VAL D 68 7.25 -25.68 -38.70
CA VAL D 68 8.16 -25.56 -39.85
C VAL D 68 9.17 -26.71 -39.84
N LYS D 69 9.64 -27.14 -38.68
CA LYS D 69 10.60 -28.23 -38.63
C LYS D 69 10.60 -29.03 -37.32
N TYR D 70 10.52 -30.34 -37.44
CA TYR D 70 10.24 -31.19 -36.31
C TYR D 70 11.13 -32.43 -36.34
N GLN D 71 11.85 -32.70 -35.24
CA GLN D 71 12.87 -33.75 -35.19
C GLN D 71 12.75 -34.59 -33.90
N CYS D 72 12.29 -35.82 -34.03
CA CYS D 72 11.97 -36.66 -32.89
C CYS D 72 11.93 -38.16 -33.29
N GLY D 73 13.17 -38.69 -33.49
CA GLY D 73 13.46 -40.11 -33.74
C GLY D 73 12.91 -40.87 -32.56
N ARG D 74 13.62 -40.80 -31.43
CA ARG D 74 13.21 -41.44 -30.13
C ARG D 74 11.99 -40.77 -29.46
N ASN D 75 11.19 -41.50 -28.68
CA ASN D 75 10.05 -40.90 -27.95
C ASN D 75 10.44 -40.36 -26.59
N SER D 76 11.35 -39.36 -26.57
CA SER D 76 11.68 -38.54 -25.34
C SER D 76 10.51 -37.75 -24.65
N ILE D 77 10.63 -37.58 -23.34
CA ILE D 77 9.71 -36.80 -22.50
C ILE D 77 10.43 -35.58 -21.90
N LEU D 78 9.70 -34.49 -21.69
CA LEU D 78 10.21 -33.28 -21.03
C LEU D 78 9.22 -32.73 -20.00
N GLY D 79 9.66 -32.62 -18.76
CA GLY D 79 8.84 -32.05 -17.71
C GLY D 79 9.19 -30.58 -17.55
N LEU D 80 8.16 -29.77 -17.51
CA LEU D 80 8.39 -28.37 -17.70
C LEU D 80 7.55 -27.61 -16.71
N ASN D 81 8.20 -26.59 -16.13
CA ASN D 81 7.53 -25.73 -15.20
C ASN D 81 6.76 -24.64 -15.93
N LEU D 82 5.44 -24.74 -15.95
CA LEU D 82 4.65 -23.86 -16.79
C LEU D 82 4.50 -22.46 -16.23
N ALA D 83 4.88 -22.26 -14.97
CA ALA D 83 5.11 -20.94 -14.42
C ALA D 83 6.27 -20.29 -15.15
N SER D 84 7.50 -20.77 -14.93
CA SER D 84 8.68 -20.29 -15.69
C SER D 84 8.46 -20.24 -17.22
N LEU D 85 7.90 -21.30 -17.79
CA LEU D 85 7.74 -21.34 -19.22
C LEU D 85 6.86 -20.19 -19.64
N SER D 86 5.80 -19.95 -18.88
CA SER D 86 4.85 -18.90 -19.23
C SER D 86 5.44 -17.52 -19.10
N LYS D 87 6.20 -17.32 -18.01
CA LYS D 87 6.93 -16.08 -17.76
C LYS D 87 7.85 -15.71 -18.92
N VAL D 88 8.46 -16.72 -19.54
CA VAL D 88 9.44 -16.50 -20.58
C VAL D 88 8.78 -16.24 -21.92
N LEU D 89 7.80 -17.05 -22.25
CA LEU D 89 7.03 -16.82 -23.46
C LEU D 89 6.39 -15.42 -23.49
N LYS D 90 5.90 -14.95 -22.33
CA LYS D 90 5.46 -13.55 -22.15
C LYS D 90 6.35 -12.54 -22.89
N ILE D 91 7.67 -12.69 -22.79
CA ILE D 91 8.61 -11.70 -23.31
C ILE D 91 9.12 -11.97 -24.71
N VAL D 92 8.39 -12.76 -25.51
CA VAL D 92 8.85 -13.20 -26.84
C VAL D 92 7.87 -12.68 -27.87
N ASP D 93 8.35 -12.01 -28.91
CA ASP D 93 7.40 -11.35 -29.79
C ASP D 93 6.46 -12.35 -30.48
N SER D 94 5.19 -11.97 -30.59
CA SER D 94 4.16 -12.77 -31.27
C SER D 94 4.66 -13.32 -32.63
N ASN D 95 5.28 -12.46 -33.43
CA ASN D 95 5.57 -12.74 -34.83
C ASN D 95 6.99 -13.13 -35.03
N ASP D 96 7.68 -13.47 -33.95
CA ASP D 96 8.98 -14.08 -34.05
C ASP D 96 8.88 -15.60 -34.08
N SER D 97 9.95 -16.22 -34.57
CA SER D 97 10.02 -17.65 -34.68
C SER D 97 10.58 -18.16 -33.38
N LEU D 98 10.11 -19.33 -32.99
CA LEU D 98 10.47 -19.90 -31.71
C LEU D 98 10.85 -21.36 -31.86
N SER D 99 12.12 -21.66 -31.58
CA SER D 99 12.64 -23.02 -31.66
C SER D 99 12.92 -23.67 -30.29
N LEU D 100 12.09 -24.66 -29.98
CA LEU D 100 12.29 -25.51 -28.81
C LEU D 100 13.23 -26.70 -29.10
N ARG D 101 14.34 -26.82 -28.36
CA ARG D 101 15.35 -27.87 -28.57
C ARG D 101 15.87 -28.42 -27.28
N HIS D 102 15.94 -29.75 -27.19
CA HIS D 102 16.59 -30.44 -26.08
C HIS D 102 17.70 -31.29 -26.65
N ASP D 103 18.93 -31.11 -26.17
CA ASP D 103 20.06 -31.90 -26.69
C ASP D 103 20.09 -33.27 -26.01
N ASP D 104 20.91 -34.16 -26.57
CA ASP D 104 21.08 -35.53 -26.04
C ASP D 104 21.52 -35.47 -24.58
N ASP D 105 20.58 -35.74 -23.69
CA ASP D 105 20.86 -35.71 -22.27
C ASP D 105 21.54 -34.38 -21.76
N SER D 106 20.85 -33.25 -21.97
CA SER D 106 21.04 -32.01 -21.19
C SER D 106 20.00 -32.07 -20.03
N ASP D 107 20.16 -31.23 -19.03
CA ASP D 107 19.15 -31.10 -17.97
C ASP D 107 18.25 -29.86 -18.22
N VAL D 108 18.49 -29.16 -19.35
CA VAL D 108 17.72 -27.98 -19.74
C VAL D 108 17.18 -28.11 -21.16
N VAL D 109 15.94 -27.70 -21.33
CA VAL D 109 15.38 -27.40 -22.63
C VAL D 109 15.86 -26.01 -23.03
N THR D 110 15.95 -25.72 -24.33
CA THR D 110 16.14 -24.30 -24.75
C THR D 110 15.17 -23.79 -25.82
N LEU D 111 14.62 -22.61 -25.52
CA LEU D 111 13.84 -21.81 -26.42
C LEU D 111 14.75 -20.81 -27.06
N THR D 112 14.51 -20.56 -28.35
CA THR D 112 15.42 -19.74 -29.16
C THR D 112 14.57 -18.99 -30.16
N SER D 113 14.81 -17.68 -30.23
CA SER D 113 13.90 -16.75 -30.91
C SER D 113 14.59 -15.74 -31.84
N GLU D 114 13.98 -15.55 -33.01
CA GLU D 114 14.55 -14.67 -34.01
C GLU D 114 13.46 -13.96 -34.79
N ASN D 115 13.87 -12.88 -35.47
CA ASN D 115 12.96 -12.05 -36.27
C ASN D 115 12.37 -12.80 -37.43
N PRO D 116 11.65 -12.09 -38.32
CA PRO D 116 11.77 -12.58 -39.69
C PRO D 116 13.17 -12.20 -40.29
N GLU D 117 13.64 -10.98 -40.02
CA GLU D 117 14.87 -10.44 -40.61
C GLU D 117 16.20 -10.68 -39.88
N LYS D 118 16.28 -11.68 -39.01
CA LYS D 118 17.56 -12.02 -38.35
C LYS D 118 18.38 -10.94 -37.57
N THR D 119 17.84 -9.74 -37.30
CA THR D 119 18.64 -8.66 -36.64
C THR D 119 18.82 -8.76 -35.10
N ARG D 120 18.15 -9.73 -34.47
CA ARG D 120 18.03 -9.89 -33.00
C ARG D 120 17.71 -11.36 -32.72
N LYS D 121 18.40 -11.92 -31.73
CA LYS D 121 18.31 -13.32 -31.43
C LYS D 121 18.20 -13.44 -29.92
N CYS D 122 17.21 -14.18 -29.47
CA CYS D 122 17.00 -14.40 -28.05
C CYS D 122 17.10 -15.89 -27.77
N GLU D 123 17.88 -16.24 -26.76
CA GLU D 123 17.96 -17.62 -26.27
C GLU D 123 17.63 -17.69 -24.79
N TYR D 124 16.74 -18.60 -24.41
CA TYR D 124 16.38 -18.76 -23.01
C TYR D 124 16.52 -20.23 -22.68
N GLN D 125 17.03 -20.53 -21.50
CA GLN D 125 17.15 -21.91 -21.05
C GLN D 125 16.41 -22.20 -19.75
N LEU D 126 15.61 -23.27 -19.75
CA LEU D 126 14.81 -23.65 -18.59
C LEU D 126 15.26 -25.02 -18.07
N LYS D 127 15.54 -25.14 -16.78
CA LYS D 127 15.82 -26.46 -16.20
C LYS D 127 14.56 -27.32 -16.25
N LEU D 128 14.70 -28.62 -16.52
CA LEU D 128 13.53 -29.54 -16.63
C LEU D 128 13.19 -30.12 -15.26
N LEU D 129 12.16 -30.94 -15.15
CA LEU D 129 11.80 -31.53 -13.85
C LEU D 129 11.33 -32.98 -13.95
N GLU D 130 11.77 -33.85 -13.05
CA GLU D 130 11.12 -35.15 -12.88
C GLU D 130 9.68 -34.79 -12.52
N ILE D 131 8.75 -35.08 -13.40
CA ILE D 131 7.35 -35.06 -13.04
C ILE D 131 6.83 -36.46 -13.25
N GLU D 132 6.30 -37.07 -12.18
CA GLU D 132 5.76 -38.42 -12.32
C GLU D 132 4.58 -38.29 -13.26
N ALA D 133 4.64 -39.05 -14.36
CA ALA D 133 3.57 -39.10 -15.39
C ALA D 133 2.38 -39.73 -14.71
N GLU D 134 1.17 -39.28 -14.99
CA GLU D 134 0.07 -39.61 -14.08
C GLU D 134 -0.77 -40.76 -14.63
N SER D 135 -1.60 -41.32 -13.74
CA SER D 135 -2.53 -42.41 -14.08
C SER D 135 -3.69 -41.85 -14.90
N MET D 136 -4.30 -40.81 -14.33
CA MET D 136 -5.23 -39.87 -15.00
C MET D 136 -6.36 -40.46 -15.86
N GLY D 137 -6.06 -40.79 -17.12
CA GLY D 137 -6.96 -41.54 -17.98
C GLY D 137 -7.97 -40.72 -18.72
N ILE D 138 -7.74 -40.48 -20.01
CA ILE D 138 -8.75 -39.80 -20.86
C ILE D 138 -10.07 -40.60 -20.68
N PRO D 139 -11.20 -39.92 -20.40
CA PRO D 139 -12.47 -40.64 -20.44
C PRO D 139 -12.71 -41.32 -21.78
N GLU D 140 -13.16 -42.57 -21.72
CA GLU D 140 -13.12 -43.46 -22.88
C GLU D 140 -14.43 -43.46 -23.68
N MET D 141 -15.37 -42.56 -23.36
CA MET D 141 -16.76 -42.67 -23.88
C MET D 141 -17.01 -41.97 -25.22
N ASP D 142 -18.21 -42.20 -25.73
CA ASP D 142 -18.70 -41.53 -26.92
C ASP D 142 -20.00 -40.86 -26.50
N TYR D 143 -20.25 -39.71 -27.12
CA TYR D 143 -21.19 -38.73 -26.64
C TYR D 143 -22.43 -38.74 -27.54
N ARG D 144 -23.63 -38.82 -26.96
CA ARG D 144 -24.87 -38.70 -27.75
C ARG D 144 -25.47 -37.26 -27.68
N SER D 145 -24.58 -36.28 -27.67
CA SER D 145 -24.92 -34.85 -27.71
C SER D 145 -23.69 -34.01 -27.97
N THR D 146 -23.81 -33.12 -28.95
CA THR D 146 -22.71 -32.27 -29.39
C THR D 146 -23.28 -30.94 -29.75
N VAL D 147 -22.65 -29.89 -29.26
CA VAL D 147 -22.97 -28.53 -29.64
C VAL D 147 -21.66 -27.87 -30.03
N THR D 148 -21.69 -27.16 -31.14
CA THR D 148 -20.57 -26.36 -31.54
C THR D 148 -21.07 -24.94 -31.54
N LEU D 149 -20.17 -23.97 -31.26
CA LEU D 149 -20.53 -22.52 -31.16
C LEU D 149 -19.31 -21.65 -31.18
N ASN D 150 -19.52 -20.34 -31.20
CA ASN D 150 -18.40 -19.41 -31.30
C ASN D 150 -17.65 -19.41 -29.96
N SER D 151 -16.33 -19.54 -30.09
CA SER D 151 -15.43 -19.63 -28.95
C SER D 151 -15.52 -18.41 -28.05
N ALA D 152 -15.52 -17.24 -28.67
CA ALA D 152 -15.61 -16.00 -27.96
C ALA D 152 -16.98 -15.89 -27.30
N GLU D 153 -18.05 -16.20 -28.03
CA GLU D 153 -19.40 -16.25 -27.39
C GLU D 153 -19.39 -17.20 -26.21
N PHE D 154 -18.82 -18.39 -26.38
CA PHE D 154 -18.70 -19.33 -25.27
C PHE D 154 -18.06 -18.68 -24.06
N ALA D 155 -16.89 -18.10 -24.26
CA ALA D 155 -16.16 -17.52 -23.14
C ALA D 155 -16.96 -16.42 -22.45
N LYS D 156 -17.58 -15.53 -23.22
CA LYS D 156 -18.47 -14.52 -22.67
C LYS D 156 -19.55 -15.23 -21.82
N ILE D 157 -20.22 -16.25 -22.32
CA ILE D 157 -21.25 -16.94 -21.51
C ILE D 157 -20.75 -17.47 -20.17
N VAL D 158 -19.54 -17.99 -20.05
CA VAL D 158 -19.12 -18.48 -18.72
C VAL D 158 -18.96 -17.26 -17.78
N ARG D 159 -18.20 -16.27 -18.22
CA ARG D 159 -18.00 -15.00 -17.53
C ARG D 159 -19.36 -14.40 -17.09
N ASP D 160 -20.30 -14.25 -18.02
CA ASP D 160 -21.69 -13.91 -17.69
C ASP D 160 -22.13 -14.75 -16.48
N MET D 161 -22.21 -16.07 -16.66
CA MET D 161 -22.85 -16.95 -15.66
C MET D 161 -22.18 -16.79 -14.31
N GLN D 162 -20.87 -16.56 -14.30
CA GLN D 162 -20.13 -16.33 -13.04
C GLN D 162 -20.62 -15.18 -12.17
N VAL D 163 -21.23 -14.15 -12.76
CA VAL D 163 -21.78 -13.11 -11.90
C VAL D 163 -22.80 -13.71 -10.93
N PHE D 164 -23.41 -14.83 -11.30
CA PHE D 164 -24.46 -15.50 -10.49
C PHE D 164 -23.92 -16.58 -9.58
N GLY D 165 -23.13 -17.50 -10.11
CA GLY D 165 -22.74 -18.65 -9.33
C GLY D 165 -21.34 -19.13 -9.56
N ASP D 166 -21.11 -20.31 -9.02
CA ASP D 166 -19.90 -21.08 -9.28
C ASP D 166 -20.26 -22.28 -10.14
N THR D 167 -21.56 -22.43 -10.46
CA THR D 167 -22.08 -23.59 -11.16
C THR D 167 -23.04 -23.22 -12.31
N VAL D 168 -22.62 -23.57 -13.53
CA VAL D 168 -23.48 -23.48 -14.70
C VAL D 168 -24.19 -24.79 -14.99
N THR D 169 -25.46 -24.69 -15.36
CA THR D 169 -26.30 -25.80 -15.77
C THR D 169 -26.57 -25.68 -17.26
N ILE D 170 -25.94 -26.55 -18.02
CA ILE D 170 -26.06 -26.59 -19.48
C ILE D 170 -27.22 -27.51 -19.83
N ALA D 171 -27.97 -27.15 -20.87
CA ALA D 171 -29.19 -27.88 -21.25
C ALA D 171 -29.32 -27.96 -22.75
N ILE D 172 -28.77 -29.05 -23.31
CA ILE D 172 -28.91 -29.29 -24.73
C ILE D 172 -30.32 -29.82 -25.01
N SER D 173 -30.93 -29.18 -26.00
CA SER D 173 -32.12 -29.71 -26.65
C SER D 173 -31.99 -29.44 -28.19
N LYS D 174 -32.85 -30.07 -28.97
CA LYS D 174 -32.85 -29.88 -30.44
C LYS D 174 -33.13 -28.43 -30.89
N GLU D 175 -33.73 -27.60 -30.01
CA GLU D 175 -33.93 -26.14 -30.23
C GLU D 175 -32.63 -25.32 -30.01
N GLY D 176 -31.99 -25.58 -28.88
CA GLY D 176 -30.64 -25.10 -28.62
C GLY D 176 -30.22 -25.33 -27.18
N VAL D 177 -29.02 -24.85 -26.86
CA VAL D 177 -28.45 -24.98 -25.51
C VAL D 177 -28.88 -23.84 -24.60
N LYS D 178 -29.04 -24.14 -23.31
CA LYS D 178 -29.51 -23.17 -22.32
C LYS D 178 -28.68 -23.27 -21.03
N PHE D 179 -27.65 -22.42 -21.03
CA PHE D 179 -26.81 -22.16 -19.90
C PHE D 179 -27.55 -21.36 -18.77
N SER D 180 -27.51 -21.86 -17.54
CA SER D 180 -28.27 -21.28 -16.41
C SER D 180 -27.37 -21.21 -15.18
N SER D 181 -27.68 -20.28 -14.28
CA SER D 181 -26.95 -20.14 -13.05
C SER D 181 -27.72 -19.34 -12.00
N SER D 182 -27.35 -19.52 -10.73
CA SER D 182 -28.07 -18.92 -9.57
C SER D 182 -27.14 -18.55 -8.46
N GLY D 183 -27.54 -17.53 -7.70
CA GLY D 183 -26.75 -17.00 -6.60
C GLY D 183 -27.39 -15.84 -5.90
N ASP D 184 -26.62 -15.15 -5.08
CA ASP D 184 -27.13 -14.04 -4.26
C ASP D 184 -27.64 -12.97 -5.19
N VAL D 185 -26.93 -12.71 -6.30
CA VAL D 185 -27.31 -11.61 -7.19
C VAL D 185 -28.70 -11.85 -7.75
N GLY D 186 -28.96 -13.11 -8.10
CA GLY D 186 -30.20 -13.52 -8.70
C GLY D 186 -30.00 -14.75 -9.56
N GLN D 187 -30.83 -14.83 -10.60
CA GLN D 187 -30.82 -15.95 -11.51
C GLN D 187 -30.64 -15.41 -12.88
N GLY D 188 -29.89 -16.14 -13.68
CA GLY D 188 -29.78 -15.82 -15.08
C GLY D 188 -29.71 -17.03 -15.97
N TYR D 189 -30.21 -16.88 -17.19
CA TYR D 189 -29.85 -17.79 -18.28
C TYR D 189 -29.56 -17.07 -19.57
N THR D 190 -28.75 -17.70 -20.39
CA THR D 190 -28.50 -17.28 -21.74
C THR D 190 -29.00 -18.49 -22.53
N PHE D 191 -29.89 -18.25 -23.50
CA PHE D 191 -30.42 -19.32 -24.37
C PHE D 191 -29.88 -19.14 -25.75
N LEU D 192 -29.35 -20.21 -26.31
CA LEU D 192 -28.94 -20.20 -27.69
C LEU D 192 -29.92 -21.01 -28.56
N GLN D 193 -29.96 -20.65 -29.84
CA GLN D 193 -30.80 -21.27 -30.86
C GLN D 193 -29.93 -21.86 -31.96
N ALA D 194 -30.38 -23.00 -32.51
CA ALA D 194 -29.70 -23.68 -33.63
C ALA D 194 -29.60 -22.80 -34.92
N ALA D 195 -28.88 -23.30 -35.93
CA ALA D 195 -28.73 -22.62 -37.24
C ALA D 195 -28.25 -23.59 -38.33
N GLY D 237 -24.36 -19.52 -36.46
CA GLY D 237 -24.95 -19.83 -35.16
C GLY D 237 -24.52 -21.15 -34.51
N VAL D 238 -25.39 -21.66 -33.66
CA VAL D 238 -25.09 -22.82 -32.86
C VAL D 238 -25.42 -24.08 -33.67
N GLU D 239 -24.55 -25.08 -33.62
CA GLU D 239 -24.79 -26.39 -34.26
C GLU D 239 -24.95 -27.53 -33.25
N VAL D 240 -26.20 -27.80 -32.87
CA VAL D 240 -26.57 -28.98 -32.07
C VAL D 240 -26.50 -30.27 -32.92
N THR D 241 -26.09 -31.39 -32.32
CA THR D 241 -26.33 -32.74 -32.88
C THR D 241 -26.64 -33.68 -31.68
N MET D 242 -27.90 -33.61 -31.29
CA MET D 242 -28.41 -34.23 -30.10
C MET D 242 -29.23 -35.47 -30.52
N GLU D 243 -29.34 -36.45 -29.63
CA GLU D 243 -30.39 -37.47 -29.75
C GLU D 243 -30.99 -37.85 -28.37
N GLU D 244 -30.95 -36.91 -27.43
CA GLU D 244 -31.46 -37.07 -26.07
C GLU D 244 -31.63 -35.66 -25.49
N PRO D 245 -32.79 -35.33 -24.90
CA PRO D 245 -32.90 -34.19 -23.97
C PRO D 245 -31.93 -34.26 -22.76
N ILE D 246 -30.64 -34.07 -23.05
CA ILE D 246 -29.55 -34.22 -22.06
C ILE D 246 -29.07 -32.86 -21.52
N THR D 247 -28.95 -32.80 -20.19
CA THR D 247 -28.77 -31.53 -19.48
C THR D 247 -27.97 -31.74 -18.18
N LEU D 248 -26.73 -31.24 -18.14
CA LEU D 248 -25.82 -31.42 -16.97
C LEU D 248 -25.41 -30.11 -16.28
N SER D 249 -24.65 -30.26 -15.19
CA SER D 249 -24.15 -29.13 -14.41
C SER D 249 -22.65 -29.25 -14.23
N PHE D 250 -21.95 -28.10 -14.16
CA PHE D 250 -20.47 -28.02 -14.06
C PHE D 250 -19.93 -26.88 -13.25
N ALA D 251 -18.67 -27.02 -12.92
CA ALA D 251 -17.93 -25.99 -12.25
C ALA D 251 -17.46 -24.91 -13.21
N LEU D 252 -18.03 -23.70 -13.04
CA LEU D 252 -17.61 -22.50 -13.79
C LEU D 252 -16.15 -22.14 -13.62
N ARG D 253 -15.56 -22.38 -12.45
CA ARG D 253 -14.12 -22.12 -12.35
C ARG D 253 -13.33 -22.69 -13.53
N PHE D 254 -13.77 -23.85 -14.01
CA PHE D 254 -12.99 -24.62 -14.94
C PHE D 254 -13.36 -24.32 -16.35
N MET D 255 -14.67 -24.30 -16.59
CA MET D 255 -15.22 -23.78 -17.83
C MET D 255 -14.53 -22.47 -18.20
N GLY D 256 -14.46 -21.54 -17.25
CA GLY D 256 -13.57 -20.38 -17.36
C GLY D 256 -12.21 -20.71 -17.93
N ILE D 257 -11.44 -21.55 -17.23
CA ILE D 257 -10.08 -21.87 -17.62
C ILE D 257 -10.02 -22.40 -19.02
N PHE D 258 -10.97 -23.27 -19.34
CA PHE D 258 -11.04 -23.92 -20.65
C PHE D 258 -11.27 -22.89 -21.72
N ALA D 259 -12.18 -21.97 -21.44
CA ALA D 259 -12.56 -20.95 -22.39
C ALA D 259 -11.42 -20.03 -22.87
N LYS D 260 -10.26 -20.06 -22.21
CA LYS D 260 -9.10 -19.40 -22.77
C LYS D 260 -8.80 -19.98 -24.17
N GLY D 261 -9.33 -21.16 -24.45
CA GLY D 261 -9.30 -21.73 -25.79
C GLY D 261 -9.66 -20.82 -26.96
N SER D 262 -10.51 -19.83 -26.72
CA SER D 262 -10.82 -18.88 -27.79
C SER D 262 -9.60 -18.11 -28.37
N THR D 263 -8.49 -18.02 -27.64
CA THR D 263 -7.26 -17.51 -28.25
C THR D 263 -6.73 -18.40 -29.38
N LEU D 264 -7.27 -19.62 -29.54
CA LEU D 264 -6.75 -20.62 -30.52
C LEU D 264 -7.67 -20.93 -31.71
N SER D 265 -8.95 -20.59 -31.65
CA SER D 265 -9.92 -21.17 -32.53
C SER D 265 -11.24 -20.38 -32.50
N GLU D 266 -11.67 -19.82 -33.62
CA GLU D 266 -12.99 -19.21 -33.72
C GLU D 266 -14.11 -20.09 -33.16
N ARG D 267 -14.00 -21.42 -33.25
CA ARG D 267 -15.10 -22.26 -32.75
C ARG D 267 -14.68 -23.30 -31.70
N VAL D 268 -15.67 -23.79 -30.96
CA VAL D 268 -15.43 -24.67 -29.84
C VAL D 268 -16.54 -25.70 -29.88
N THR D 269 -16.19 -26.96 -29.62
CA THR D 269 -17.18 -28.00 -29.54
C THR D 269 -17.23 -28.54 -28.16
N LEU D 270 -18.44 -28.65 -27.67
CA LEU D 270 -18.71 -29.27 -26.39
C LEU D 270 -19.39 -30.59 -26.69
N LYS D 271 -19.16 -31.58 -25.81
CA LYS D 271 -19.68 -32.94 -25.99
C LYS D 271 -20.14 -33.52 -24.66
N PHE D 272 -21.32 -34.13 -24.67
CA PHE D 272 -21.98 -34.53 -23.42
C PHE D 272 -22.62 -35.90 -23.53
N ALA D 273 -22.19 -36.78 -22.63
CA ALA D 273 -22.82 -38.07 -22.40
C ALA D 273 -23.45 -38.03 -21.01
N LYS D 274 -24.71 -38.46 -20.87
CA LYS D 274 -25.46 -38.47 -19.58
C LYS D 274 -24.54 -38.91 -18.41
N ASP D 275 -24.72 -38.35 -17.21
CA ASP D 275 -23.81 -38.66 -16.06
C ASP D 275 -22.30 -38.78 -16.33
N SER D 276 -21.73 -37.98 -17.23
CA SER D 276 -20.31 -38.13 -17.62
C SER D 276 -19.45 -36.85 -17.78
N PRO D 277 -18.11 -37.00 -17.71
CA PRO D 277 -17.13 -36.05 -18.11
C PRO D 277 -17.40 -35.48 -19.48
N CYS D 278 -17.74 -34.18 -19.51
CA CYS D 278 -17.90 -33.46 -20.77
C CYS D 278 -16.53 -33.10 -21.33
N MET D 279 -16.53 -32.85 -22.64
CA MET D 279 -15.33 -32.51 -23.36
C MET D 279 -15.55 -31.22 -24.08
N VAL D 280 -14.51 -30.39 -24.08
CA VAL D 280 -14.56 -29.19 -24.88
C VAL D 280 -13.31 -29.24 -25.73
N GLU D 281 -13.52 -29.06 -27.02
CA GLU D 281 -12.44 -29.22 -27.95
C GLU D 281 -12.21 -27.96 -28.69
N TYR D 282 -10.94 -27.67 -28.93
CA TYR D 282 -10.54 -26.49 -29.68
C TYR D 282 -9.67 -27.05 -30.76
N GLY D 283 -10.14 -27.02 -31.99
CA GLY D 283 -9.27 -27.35 -33.11
C GLY D 283 -8.16 -26.32 -33.28
N ILE D 284 -6.90 -26.74 -33.32
CA ILE D 284 -5.79 -25.82 -33.61
C ILE D 284 -5.44 -25.99 -35.07
N ASP D 285 -6.04 -25.13 -35.91
CA ASP D 285 -5.91 -25.21 -37.37
C ASP D 285 -6.44 -26.60 -37.81
N ASN D 286 -5.85 -27.25 -38.83
CA ASN D 286 -5.96 -28.73 -38.94
C ASN D 286 -4.76 -29.52 -38.35
N VAL D 287 -3.85 -28.82 -37.69
CA VAL D 287 -2.56 -29.36 -37.25
C VAL D 287 -2.43 -29.67 -35.74
N GLY D 288 -3.56 -29.80 -35.04
CA GLY D 288 -3.52 -30.10 -33.62
C GLY D 288 -4.87 -30.00 -32.92
N TYR D 289 -4.92 -30.19 -31.62
CA TYR D 289 -6.13 -29.82 -30.86
C TYR D 289 -5.78 -29.46 -29.40
N LEU D 290 -6.72 -28.78 -28.76
CA LEU D 290 -6.75 -28.65 -27.34
C LEU D 290 -8.05 -29.22 -26.83
N ARG D 291 -7.94 -30.13 -25.88
CA ARG D 291 -9.08 -30.89 -25.43
C ARG D 291 -9.15 -30.84 -23.91
N TYR D 292 -10.30 -30.50 -23.38
CA TYR D 292 -10.40 -30.39 -21.95
C TYR D 292 -11.55 -31.29 -21.55
N TYR D 293 -11.41 -32.01 -20.45
CA TYR D 293 -12.49 -32.87 -20.00
C TYR D 293 -12.75 -32.48 -18.58
N LEU D 294 -14.03 -32.31 -18.24
CA LEU D 294 -14.44 -31.93 -16.90
C LEU D 294 -15.62 -32.76 -16.33
N ALA D 295 -15.46 -33.19 -15.07
CA ALA D 295 -16.47 -33.95 -14.37
C ALA D 295 -17.66 -33.12 -14.02
N PRO D 296 -18.86 -33.72 -14.05
CA PRO D 296 -20.04 -32.95 -13.65
C PRO D 296 -20.27 -33.00 -12.17
N LYS D 297 -21.11 -32.06 -11.73
CA LYS D 297 -21.56 -31.94 -10.37
C LYS D 297 -22.79 -32.79 -10.32
N VAL D 298 -22.89 -33.61 -9.27
CA VAL D 298 -23.92 -34.66 -9.12
C VAL D 298 -24.37 -34.68 -7.64
N ASP D 299 -25.48 -35.39 -7.38
CA ASP D 299 -26.12 -35.50 -6.05
C ASP D 299 -25.74 -36.81 -5.33
N MET E 11 13.07 36.64 -10.32
CA MET E 11 11.88 36.55 -11.25
C MET E 11 12.18 35.66 -12.49
N LEU E 12 12.31 34.34 -12.23
CA LEU E 12 12.33 33.25 -13.28
C LEU E 12 11.07 33.21 -14.16
N GLU E 13 11.20 32.70 -15.38
CA GLU E 13 10.06 32.46 -16.27
C GLU E 13 10.46 31.57 -17.41
N ALA E 14 9.67 30.53 -17.67
CA ALA E 14 10.10 29.40 -18.49
C ALA E 14 8.92 28.68 -19.09
N GLN E 15 8.47 29.26 -20.21
CA GLN E 15 7.40 28.71 -21.00
C GLN E 15 7.90 27.78 -22.07
N VAL E 16 7.73 26.49 -21.81
CA VAL E 16 7.74 25.46 -22.84
C VAL E 16 6.43 25.62 -23.65
N GLN E 17 6.27 24.98 -24.78
CA GLN E 17 5.05 25.23 -25.57
C GLN E 17 4.06 24.08 -25.61
N PHE E 18 4.56 22.89 -25.91
CA PHE E 18 3.82 21.65 -25.75
C PHE E 18 4.22 21.03 -24.37
N ALA E 19 3.25 20.98 -23.44
CA ALA E 19 3.53 20.55 -22.05
C ALA E 19 3.95 19.09 -21.89
N SER E 20 3.72 18.27 -22.93
CA SER E 20 4.24 16.89 -23.02
C SER E 20 5.64 16.80 -22.50
N LEU E 21 6.49 17.73 -22.94
CA LEU E 21 7.91 17.63 -22.63
C LEU E 21 8.15 17.58 -21.13
N TRP E 22 7.53 18.52 -20.45
CA TRP E 22 7.64 18.60 -19.02
C TRP E 22 7.06 17.35 -18.37
N LYS E 23 5.95 16.89 -18.92
CA LYS E 23 5.27 15.69 -18.41
C LYS E 23 6.19 14.52 -18.59
N ARG E 24 6.64 14.28 -19.81
CA ARG E 24 7.39 13.05 -20.10
C ARG E 24 8.70 13.02 -19.29
N LEU E 25 9.22 14.23 -19.02
CA LEU E 25 10.52 14.39 -18.33
C LEU E 25 10.45 14.05 -16.88
N VAL E 26 9.56 14.74 -16.19
CA VAL E 26 9.40 14.56 -14.76
C VAL E 26 9.13 13.10 -14.45
N GLU E 27 8.28 12.48 -15.25
CA GLU E 27 8.03 11.06 -15.10
C GLU E 27 9.35 10.36 -15.03
N CYS E 28 10.25 10.61 -15.98
CA CYS E 28 11.56 9.92 -15.99
C CYS E 28 12.35 10.11 -14.73
N ILE E 29 12.56 11.38 -14.39
CA ILE E 29 13.50 11.69 -13.33
C ILE E 29 12.89 11.30 -11.97
N ASN E 30 11.57 11.48 -11.85
CA ASN E 30 10.82 10.97 -10.68
C ASN E 30 11.00 9.46 -10.41
N GLY E 31 11.26 8.69 -11.47
CA GLY E 31 11.67 7.30 -11.29
C GLY E 31 12.85 7.13 -10.35
N LEU E 32 13.74 8.11 -10.35
CA LEU E 32 14.97 7.97 -9.62
C LEU E 32 14.96 8.67 -8.28
N VAL E 33 14.25 9.80 -8.18
CA VAL E 33 14.34 10.70 -7.00
C VAL E 33 13.04 11.37 -6.66
N ASN E 34 12.80 11.59 -5.38
CA ASN E 34 11.54 12.17 -4.89
C ASN E 34 11.51 13.67 -4.94
N GLU E 35 12.69 14.27 -4.86
CA GLU E 35 12.84 15.72 -4.80
C GLU E 35 14.09 16.08 -5.56
N ALA E 36 14.13 17.27 -6.11
CA ALA E 36 15.31 17.65 -6.87
C ALA E 36 15.40 19.13 -7.06
N ASN E 37 16.62 19.68 -6.90
CA ASN E 37 16.87 21.10 -7.21
C ASN E 37 16.93 21.35 -8.71
N PHE E 38 16.28 22.43 -9.15
CA PHE E 38 16.32 22.89 -10.54
C PHE E 38 17.32 24.05 -10.60
N ASP E 39 18.55 23.82 -11.08
CA ASP E 39 19.55 24.89 -11.33
C ASP E 39 19.12 25.69 -12.53
N CYS E 40 18.76 26.96 -12.31
CA CYS E 40 18.19 27.81 -13.34
C CYS E 40 19.13 28.96 -13.63
N ASN E 41 19.88 28.81 -14.71
CA ASN E 41 20.88 29.77 -15.18
C ASN E 41 20.21 30.42 -16.37
N PRO E 42 20.81 31.50 -16.95
CA PRO E 42 20.28 32.09 -18.23
C PRO E 42 20.68 31.27 -19.45
N GLY E 43 21.52 30.27 -19.18
CA GLY E 43 21.80 29.22 -20.12
C GLY E 43 21.02 27.95 -19.92
N GLY E 44 19.74 28.09 -19.53
CA GLY E 44 18.79 26.96 -19.35
C GLY E 44 18.59 26.36 -17.96
N LEU E 45 17.69 25.35 -17.88
CA LEU E 45 17.41 24.62 -16.63
C LEU E 45 18.14 23.33 -16.60
N SER E 46 18.50 22.89 -15.41
CA SER E 46 19.19 21.61 -15.26
C SER E 46 19.00 21.04 -13.86
N VAL E 47 18.62 19.79 -13.82
CA VAL E 47 18.46 19.07 -12.61
C VAL E 47 19.69 18.16 -12.52
N GLN E 48 20.31 18.10 -11.37
CA GLN E 48 21.34 17.11 -11.14
C GLN E 48 21.05 16.38 -9.82
N ALA E 49 21.16 15.05 -9.77
CA ALA E 49 20.60 14.26 -8.65
C ALA E 49 21.04 12.81 -8.54
N MET E 50 21.05 12.31 -7.31
CA MET E 50 21.43 10.94 -7.00
C MET E 50 20.29 10.25 -6.29
N ASP E 51 20.17 8.94 -6.49
CA ASP E 51 19.18 8.17 -5.76
C ASP E 51 19.65 8.10 -4.32
N SER E 52 18.73 7.73 -3.43
CA SER E 52 19.05 7.54 -2.00
C SER E 52 20.15 6.49 -1.73
N SER E 53 20.22 5.40 -2.51
CA SER E 53 21.30 4.39 -2.33
C SER E 53 22.67 4.85 -2.94
N HIS E 54 22.80 6.13 -3.24
CA HIS E 54 24.03 6.73 -3.75
C HIS E 54 24.78 5.84 -4.75
N VAL E 55 24.05 5.20 -5.65
CA VAL E 55 24.58 4.33 -6.74
C VAL E 55 24.32 4.86 -8.19
N ALA E 56 23.47 5.89 -8.35
CA ALA E 56 22.98 6.28 -9.69
C ALA E 56 22.61 7.73 -9.77
N LEU E 57 22.86 8.31 -10.93
CA LEU E 57 22.94 9.76 -11.06
C LEU E 57 22.10 10.22 -12.23
N VAL E 58 21.40 11.35 -12.09
CA VAL E 58 20.73 11.97 -13.23
C VAL E 58 21.29 13.35 -13.42
N HIS E 59 21.58 13.67 -14.68
CA HIS E 59 21.82 15.02 -15.07
C HIS E 59 20.90 15.26 -16.26
N MET E 60 20.08 16.29 -16.18
CA MET E 60 19.26 16.68 -17.31
C MET E 60 19.48 18.14 -17.52
N LEU E 61 19.70 18.54 -18.77
CA LEU E 61 19.75 19.96 -19.11
C LEU E 61 18.76 20.24 -20.22
N LEU E 62 18.01 21.31 -20.05
CA LEU E 62 17.22 21.94 -21.09
C LEU E 62 17.86 23.25 -21.31
N ARG E 63 18.64 23.32 -22.39
CA ARG E 63 19.19 24.57 -22.89
C ARG E 63 18.09 25.62 -23.10
N ASP E 64 18.36 26.87 -22.75
CA ASP E 64 17.39 27.96 -22.93
C ASP E 64 16.73 28.15 -24.33
N ASP E 65 17.32 27.65 -25.41
CA ASP E 65 16.68 27.64 -26.77
C ASP E 65 15.46 26.74 -26.83
N CYS E 66 15.42 25.76 -25.93
CA CYS E 66 14.28 24.83 -25.65
C CYS E 66 12.86 25.37 -25.39
N PHE E 67 12.79 26.58 -24.84
CA PHE E 67 11.57 27.24 -24.38
C PHE E 67 11.18 28.34 -25.33
N VAL E 68 9.91 28.57 -25.56
CA VAL E 68 9.48 29.71 -26.39
C VAL E 68 9.46 31.02 -25.59
N LYS E 69 10.00 30.98 -24.39
CA LYS E 69 10.07 32.16 -23.57
C LYS E 69 10.96 31.77 -22.41
N TYR E 70 12.16 32.32 -22.33
CA TYR E 70 13.02 32.09 -21.20
C TYR E 70 13.45 33.42 -20.61
N GLN E 71 13.71 33.42 -19.31
CA GLN E 71 14.07 34.62 -18.58
C GLN E 71 14.67 34.30 -17.19
N CYS E 72 15.99 34.34 -17.11
CA CYS E 72 16.68 34.10 -15.88
C CYS E 72 17.93 35.02 -15.87
N GLY E 73 17.73 36.33 -15.63
CA GLY E 73 18.81 37.31 -15.32
C GLY E 73 19.76 36.69 -14.27
N ARG E 74 19.31 36.66 -13.02
CA ARG E 74 20.11 36.01 -11.95
C ARG E 74 20.19 34.48 -12.21
N ASN E 75 20.93 33.77 -11.37
CA ASN E 75 20.86 32.30 -11.29
C ASN E 75 20.14 31.88 -9.97
N SER E 76 18.95 31.28 -10.06
CA SER E 76 18.32 30.66 -8.85
C SER E 76 18.25 29.11 -8.86
N ILE E 77 18.37 28.55 -7.67
CA ILE E 77 18.09 27.15 -7.37
C ILE E 77 16.61 27.08 -6.89
N LEU E 78 15.87 26.01 -7.27
CA LEU E 78 14.44 25.79 -6.89
C LEU E 78 14.24 24.37 -6.48
N GLY E 79 14.00 24.14 -5.20
CA GLY E 79 13.78 22.78 -4.69
C GLY E 79 12.34 22.39 -4.88
N LEU E 80 12.10 21.18 -5.40
CA LEU E 80 10.75 20.70 -5.72
C LEU E 80 10.49 19.25 -5.29
N ASN E 81 9.30 19.02 -4.74
CA ASN E 81 8.84 17.64 -4.50
C ASN E 81 8.32 17.14 -5.83
N LEU E 82 8.92 16.07 -6.32
CA LEU E 82 8.71 15.64 -7.68
C LEU E 82 7.48 14.80 -7.74
N ALA E 83 7.32 13.93 -6.74
CA ALA E 83 6.03 13.29 -6.47
C ALA E 83 4.81 14.31 -6.60
N SER E 84 4.77 15.42 -5.84
CA SER E 84 3.76 16.47 -6.12
C SER E 84 3.83 17.11 -7.51
N LEU E 85 5.02 17.35 -8.05
CA LEU E 85 5.09 17.98 -9.36
C LEU E 85 4.51 17.02 -10.40
N SER E 86 4.78 15.73 -10.22
CA SER E 86 4.22 14.69 -11.10
C SER E 86 2.70 14.62 -11.07
N LYS E 87 2.12 14.66 -9.86
CA LYS E 87 0.65 14.64 -9.67
C LYS E 87 -0.02 15.80 -10.36
N VAL E 88 0.63 16.95 -10.35
CA VAL E 88 0.04 18.09 -11.00
C VAL E 88 0.19 17.95 -12.49
N LEU E 89 1.32 17.44 -12.93
CA LEU E 89 1.59 17.33 -14.35
C LEU E 89 0.74 16.28 -15.05
N LYS E 90 0.42 15.16 -14.38
CA LYS E 90 -0.55 14.19 -14.93
C LYS E 90 -1.91 14.82 -15.19
N ILE E 91 -2.28 15.92 -14.54
CA ILE E 91 -3.51 16.55 -14.96
C ILE E 91 -3.34 17.60 -16.05
N VAL E 92 -2.21 17.69 -16.73
CA VAL E 92 -2.02 18.82 -17.69
C VAL E 92 -2.04 18.29 -19.09
N ASP E 93 -2.79 18.93 -19.99
CA ASP E 93 -2.99 18.39 -21.34
C ASP E 93 -1.72 18.54 -22.17
N SER E 94 -1.07 17.45 -22.50
CA SER E 94 0.14 17.45 -23.33
C SER E 94 0.19 18.53 -24.39
N ASN E 95 -0.93 18.81 -25.06
CA ASN E 95 -0.96 19.84 -26.13
C ASN E 95 -1.28 21.25 -25.65
N ASP E 96 -0.81 21.60 -24.46
CA ASP E 96 -1.04 22.91 -23.89
C ASP E 96 0.30 23.61 -23.56
N SER E 97 0.29 24.94 -23.63
CA SER E 97 1.27 25.80 -22.95
C SER E 97 1.61 25.30 -21.52
N LEU E 98 2.86 25.46 -21.10
CA LEU E 98 3.19 25.33 -19.68
C LEU E 98 4.33 26.27 -19.21
N SER E 99 3.94 27.48 -18.82
CA SER E 99 4.83 28.43 -18.14
C SER E 99 5.15 28.09 -16.67
N LEU E 100 6.42 27.84 -16.38
CA LEU E 100 6.93 27.80 -15.00
C LEU E 100 7.22 29.25 -14.51
N ARG E 101 7.33 29.48 -13.20
CA ARG E 101 7.52 30.87 -12.65
C ARG E 101 7.74 30.95 -11.11
N HIS E 102 8.90 31.49 -10.71
CA HIS E 102 9.26 31.75 -9.30
C HIS E 102 9.51 33.23 -9.23
N ASP E 103 9.26 33.87 -8.09
CA ASP E 103 9.53 35.33 -7.88
C ASP E 103 10.37 35.46 -6.63
N ASP E 104 10.84 36.67 -6.32
CA ASP E 104 11.86 36.81 -5.25
C ASP E 104 11.25 36.57 -3.87
N ASP E 105 11.96 35.75 -3.06
CA ASP E 105 11.57 35.32 -1.70
C ASP E 105 10.13 34.78 -1.61
N SER E 106 9.80 33.79 -2.44
CA SER E 106 8.40 33.48 -2.75
C SER E 106 7.87 32.18 -2.20
N ASP E 107 8.70 31.30 -1.59
CA ASP E 107 8.14 30.07 -0.95
C ASP E 107 7.52 29.10 -2.00
N VAL E 108 6.95 29.64 -3.12
CA VAL E 108 6.16 28.88 -4.10
C VAL E 108 6.50 29.14 -5.57
N VAL E 109 6.56 28.05 -6.33
CA VAL E 109 6.71 28.08 -7.79
C VAL E 109 5.35 27.98 -8.42
N THR E 110 5.15 28.51 -9.63
CA THR E 110 3.81 28.49 -10.29
C THR E 110 3.72 28.03 -11.76
N LEU E 111 3.25 26.80 -11.90
CA LEU E 111 2.84 26.25 -13.22
C LEU E 111 1.57 26.90 -13.80
N THR E 112 1.52 27.07 -15.12
CA THR E 112 0.44 27.81 -15.78
C THR E 112 0.26 27.33 -17.21
N SER E 113 -0.87 26.72 -17.49
CA SER E 113 -1.15 26.14 -18.77
C SER E 113 -2.28 26.90 -19.45
N GLU E 114 -2.28 26.79 -20.78
CA GLU E 114 -3.28 27.43 -21.58
C GLU E 114 -3.50 26.59 -22.83
N ASN E 115 -4.74 26.57 -23.30
CA ASN E 115 -5.14 26.03 -24.58
C ASN E 115 -4.25 26.54 -25.67
N PRO E 116 -4.15 25.82 -26.81
CA PRO E 116 -3.90 26.55 -28.05
C PRO E 116 -4.84 27.79 -28.21
N GLU E 117 -6.15 27.54 -28.27
CA GLU E 117 -7.15 28.60 -28.53
C GLU E 117 -7.50 29.56 -27.35
N LYS E 118 -6.60 29.73 -26.38
CA LYS E 118 -6.77 30.67 -25.24
C LYS E 118 -8.13 30.69 -24.50
N THR E 119 -8.88 29.57 -24.52
CA THR E 119 -10.19 29.42 -23.86
C THR E 119 -10.12 28.70 -22.49
N ARG E 120 -8.93 28.27 -22.07
CA ARG E 120 -8.81 27.54 -20.81
C ARG E 120 -7.50 27.89 -20.19
N LYS E 121 -7.53 28.40 -18.97
CA LYS E 121 -6.30 28.75 -18.31
C LYS E 121 -6.30 27.88 -17.10
N CYS E 122 -5.17 27.24 -16.82
CA CYS E 122 -5.01 26.49 -15.59
C CYS E 122 -3.83 27.03 -14.84
N GLU E 123 -3.88 27.04 -13.52
CA GLU E 123 -2.78 27.57 -12.82
C GLU E 123 -2.59 26.89 -11.51
N TYR E 124 -1.51 26.16 -11.43
CA TYR E 124 -1.17 25.47 -10.20
C TYR E 124 -0.04 26.16 -9.42
N GLN E 125 0.14 25.78 -8.16
CA GLN E 125 1.05 26.46 -7.24
C GLN E 125 1.64 25.56 -6.23
N LEU E 126 2.93 25.27 -6.35
CA LEU E 126 3.57 24.30 -5.44
C LEU E 126 4.54 25.00 -4.48
N LYS E 127 4.74 24.36 -3.35
CA LYS E 127 5.57 24.89 -2.28
C LYS E 127 6.95 24.47 -2.70
N LEU E 128 7.93 25.36 -2.61
CA LEU E 128 9.34 24.94 -2.76
C LEU E 128 9.82 24.19 -1.53
N LEU E 129 10.84 23.34 -1.71
CA LEU E 129 11.62 22.84 -0.58
C LEU E 129 12.99 23.47 -0.55
N GLU E 130 13.64 23.28 0.61
CA GLU E 130 15.06 23.51 0.75
C GLU E 130 15.56 22.11 0.63
N ILE E 131 16.50 21.89 -0.29
CA ILE E 131 17.20 20.61 -0.43
C ILE E 131 18.70 20.87 -0.39
N GLU E 132 19.43 20.11 0.42
CA GLU E 132 20.89 20.22 0.50
C GLU E 132 21.51 20.15 -0.92
N ALA E 133 22.41 21.08 -1.26
CA ALA E 133 23.14 21.05 -2.56
C ALA E 133 23.98 19.76 -2.68
N GLU E 134 24.01 19.18 -3.87
CA GLU E 134 24.67 17.88 -4.10
C GLU E 134 26.21 17.90 -4.04
N SER E 135 26.80 17.07 -3.17
CA SER E 135 28.25 16.99 -3.05
C SER E 135 28.85 15.77 -3.77
N MET E 136 28.08 15.08 -4.63
CA MET E 136 28.67 14.39 -5.80
C MET E 136 28.02 14.88 -7.09
N GLY E 137 28.82 15.00 -8.15
CA GLY E 137 28.31 15.52 -9.43
C GLY E 137 29.16 15.25 -10.67
N ILE E 138 28.67 14.36 -11.54
CA ILE E 138 29.33 13.94 -12.79
C ILE E 138 30.53 13.07 -12.35
N PRO E 139 31.00 12.17 -13.24
CA PRO E 139 32.40 11.68 -13.30
C PRO E 139 33.43 12.44 -14.21
N GLU E 140 32.99 12.92 -15.38
CA GLU E 140 33.81 13.68 -16.40
C GLU E 140 34.63 12.76 -17.31
N MET E 141 34.09 11.57 -17.60
CA MET E 141 34.89 10.47 -18.17
C MET E 141 35.20 10.50 -19.67
N ASP E 142 36.06 9.58 -20.05
CA ASP E 142 36.43 9.30 -21.45
C ASP E 142 35.27 8.69 -22.25
N TYR E 143 34.81 7.51 -21.81
CA TYR E 143 33.97 6.54 -22.55
C TYR E 143 34.47 6.31 -23.99
N ARG E 144 35.34 5.34 -24.23
CA ARG E 144 35.65 5.06 -25.67
C ARG E 144 34.77 3.96 -26.29
N SER E 145 34.32 3.02 -25.45
CA SER E 145 33.20 2.08 -25.79
C SER E 145 31.76 2.72 -25.91
N THR E 146 31.09 2.57 -27.03
CA THR E 146 29.79 3.22 -27.29
C THR E 146 28.84 2.17 -27.89
N VAL E 147 27.53 2.39 -27.74
CA VAL E 147 26.52 1.68 -28.51
C VAL E 147 25.26 2.52 -28.55
N THR E 148 24.58 2.46 -29.68
CA THR E 148 23.37 3.22 -29.89
C THR E 148 22.35 2.29 -30.53
N LEU E 149 21.14 2.26 -29.97
CA LEU E 149 20.07 1.35 -30.40
C LEU E 149 18.73 2.02 -30.19
N ASN E 150 17.69 1.49 -30.81
CA ASN E 150 16.36 2.11 -30.65
C ASN E 150 15.91 2.02 -29.16
N SER E 151 15.48 3.18 -28.66
CA SER E 151 15.22 3.40 -27.24
C SER E 151 14.17 2.44 -26.65
N ALA E 152 13.15 2.14 -27.45
CA ALA E 152 12.11 1.17 -27.06
C ALA E 152 12.58 -0.27 -27.02
N GLU E 153 13.57 -0.64 -27.84
CA GLU E 153 14.08 -2.01 -27.80
C GLU E 153 14.88 -2.13 -26.53
N PHE E 154 15.65 -1.10 -26.22
CA PHE E 154 16.40 -1.08 -24.99
C PHE E 154 15.47 -1.29 -23.81
N ALA E 155 14.31 -0.63 -23.85
CA ALA E 155 13.37 -0.68 -22.72
C ALA E 155 12.72 -2.02 -22.64
N LYS E 156 12.26 -2.54 -23.79
CA LYS E 156 11.76 -3.93 -23.93
C LYS E 156 12.81 -4.85 -23.30
N ILE E 157 14.05 -4.74 -23.72
CA ILE E 157 15.10 -5.64 -23.20
C ILE E 157 15.31 -5.60 -21.66
N VAL E 158 15.37 -4.43 -21.04
CA VAL E 158 15.57 -4.44 -19.57
C VAL E 158 14.39 -5.14 -18.87
N ARG E 159 13.18 -4.94 -19.38
CA ARG E 159 11.97 -5.52 -18.80
C ARG E 159 11.96 -7.02 -19.00
N ASP E 160 12.52 -7.45 -20.12
CA ASP E 160 12.64 -8.87 -20.46
C ASP E 160 13.64 -9.49 -19.51
N MET E 161 14.86 -8.98 -19.52
CA MET E 161 15.88 -9.45 -18.58
C MET E 161 15.41 -9.51 -17.12
N GLN E 162 14.50 -8.64 -16.73
CA GLN E 162 13.95 -8.67 -15.39
C GLN E 162 13.18 -9.94 -15.01
N VAL E 163 12.70 -10.70 -15.98
CA VAL E 163 12.00 -11.95 -15.63
C VAL E 163 12.96 -12.97 -15.06
N PHE E 164 14.24 -12.86 -15.42
CA PHE E 164 15.26 -13.80 -14.98
C PHE E 164 15.94 -13.43 -13.69
N GLY E 165 16.38 -12.19 -13.58
CA GLY E 165 17.19 -11.78 -12.44
C GLY E 165 17.14 -10.29 -12.22
N ASP E 166 17.92 -9.85 -11.25
CA ASP E 166 18.02 -8.45 -10.89
C ASP E 166 19.27 -7.82 -11.53
N THR E 167 20.11 -8.66 -12.17
CA THR E 167 21.34 -8.20 -12.79
C THR E 167 21.40 -8.54 -14.25
N VAL E 168 21.59 -7.50 -15.07
CA VAL E 168 21.89 -7.65 -16.50
C VAL E 168 23.38 -7.55 -16.68
N THR E 169 23.92 -8.44 -17.52
CA THR E 169 25.31 -8.36 -17.96
C THR E 169 25.34 -8.01 -19.41
N ILE E 170 26.03 -6.93 -19.73
CA ILE E 170 26.09 -6.36 -21.06
C ILE E 170 27.45 -6.69 -21.59
N ALA E 171 27.50 -7.37 -22.72
CA ALA E 171 28.77 -7.66 -23.39
C ALA E 171 28.84 -6.90 -24.73
N ILE E 172 29.93 -6.17 -24.98
CA ILE E 172 30.07 -5.50 -26.27
C ILE E 172 31.29 -6.03 -27.00
N SER E 173 31.04 -6.66 -28.16
CA SER E 173 32.05 -6.85 -29.23
C SER E 173 31.64 -6.01 -30.47
N LYS E 174 32.42 -6.06 -31.54
CA LYS E 174 32.11 -5.34 -32.80
C LYS E 174 30.93 -6.01 -33.56
N GLU E 175 30.78 -7.33 -33.35
CA GLU E 175 29.66 -8.13 -33.90
C GLU E 175 28.31 -7.63 -33.40
N GLY E 176 28.26 -7.24 -32.13
CA GLY E 176 27.03 -6.77 -31.53
C GLY E 176 27.12 -6.59 -30.02
N VAL E 177 25.94 -6.60 -29.39
CA VAL E 177 25.83 -6.42 -27.95
C VAL E 177 24.84 -7.46 -27.41
N LYS E 178 25.36 -8.27 -26.50
CA LYS E 178 24.63 -9.34 -25.82
C LYS E 178 24.20 -8.85 -24.43
N PHE E 179 22.92 -9.02 -24.12
CA PHE E 179 22.39 -8.75 -22.80
C PHE E 179 22.03 -10.09 -22.13
N SER E 180 22.66 -10.44 -21.00
CA SER E 180 22.48 -11.73 -20.34
C SER E 180 21.89 -11.59 -18.97
N SER E 181 21.11 -12.58 -18.53
CA SER E 181 20.62 -12.61 -17.16
C SER E 181 20.33 -14.02 -16.66
N SER E 182 20.50 -14.21 -15.34
CA SER E 182 20.36 -15.51 -14.68
C SER E 182 19.49 -15.46 -13.41
N GLY E 183 18.79 -16.56 -13.10
CA GLY E 183 18.03 -16.70 -11.82
C GLY E 183 17.10 -17.89 -11.77
N ASP E 184 16.35 -18.01 -10.66
CA ASP E 184 15.42 -19.15 -10.40
C ASP E 184 14.70 -19.72 -11.61
N VAL E 185 14.16 -18.83 -12.42
CA VAL E 185 13.40 -19.16 -13.64
C VAL E 185 14.21 -19.89 -14.72
N GLY E 186 15.44 -19.43 -14.90
CA GLY E 186 16.30 -19.88 -15.98
C GLY E 186 17.37 -18.85 -16.31
N GLN E 187 17.84 -18.90 -17.55
CA GLN E 187 18.82 -17.96 -18.03
C GLN E 187 18.38 -17.47 -19.35
N GLY E 188 18.62 -16.19 -19.57
CA GLY E 188 18.15 -15.53 -20.78
C GLY E 188 19.26 -14.70 -21.35
N TYR E 189 19.21 -14.51 -22.65
CA TYR E 189 20.00 -13.47 -23.29
C TYR E 189 19.34 -12.91 -24.53
N THR E 190 19.63 -11.65 -24.84
CA THR E 190 19.18 -11.03 -26.09
C THR E 190 20.39 -10.43 -26.80
N PHE E 191 20.67 -10.94 -28.00
CA PHE E 191 21.82 -10.48 -28.81
C PHE E 191 21.33 -9.59 -29.92
N LEU E 192 22.02 -8.47 -30.07
CA LEU E 192 21.73 -7.52 -31.13
C LEU E 192 22.87 -7.42 -32.15
N GLN E 193 22.51 -7.45 -33.44
CA GLN E 193 23.49 -7.38 -34.55
C GLN E 193 23.99 -5.95 -34.71
N ALA E 194 25.21 -5.79 -35.21
CA ALA E 194 25.79 -4.47 -35.41
C ALA E 194 25.54 -3.98 -36.84
N ALA E 195 25.32 -2.67 -37.02
CA ALA E 195 25.10 -2.03 -38.33
C ALA E 195 24.23 -2.94 -39.22
N GLY E 237 18.05 -0.95 -35.72
CA GLY E 237 19.41 -1.28 -36.14
C GLY E 237 20.49 -0.58 -35.32
N VAL E 238 21.49 -1.35 -34.89
CA VAL E 238 22.42 -0.93 -33.83
C VAL E 238 23.71 -0.35 -34.37
N GLU E 239 24.08 0.85 -33.92
CA GLU E 239 25.39 1.44 -34.22
C GLU E 239 26.33 1.25 -33.02
N VAL E 240 26.86 0.05 -32.87
CA VAL E 240 28.05 -0.15 -32.03
C VAL E 240 29.24 0.58 -32.62
N THR E 241 30.12 1.02 -31.74
CA THR E 241 31.41 1.60 -32.13
C THR E 241 32.31 1.60 -30.89
N MET E 242 33.14 0.58 -30.73
CA MET E 242 34.05 0.55 -29.58
C MET E 242 35.51 0.65 -29.99
N GLU E 243 36.33 1.15 -29.08
CA GLU E 243 37.79 0.98 -29.17
C GLU E 243 38.11 -0.49 -28.82
N GLU E 244 37.71 -0.94 -27.63
CA GLU E 244 38.12 -2.24 -27.10
C GLU E 244 36.92 -3.11 -26.67
N PRO E 245 36.98 -4.42 -26.95
CA PRO E 245 35.98 -5.36 -26.41
C PRO E 245 35.99 -5.53 -24.88
N ILE E 246 34.94 -4.99 -24.22
CA ILE E 246 34.67 -5.22 -22.78
C ILE E 246 33.19 -5.60 -22.50
N THR E 247 32.97 -6.02 -21.25
CA THR E 247 31.67 -6.53 -20.75
C THR E 247 31.45 -6.20 -19.22
N LEU E 248 30.43 -5.40 -18.91
CA LEU E 248 30.11 -4.98 -17.54
C LEU E 248 28.74 -5.49 -17.12
N SER E 249 28.46 -5.39 -15.84
CA SER E 249 27.18 -5.82 -15.29
C SER E 249 26.55 -4.71 -14.48
N PHE E 250 25.21 -4.71 -14.39
CA PHE E 250 24.42 -3.63 -13.72
C PHE E 250 23.12 -4.05 -13.07
N ALA E 251 22.66 -3.24 -12.13
CA ALA E 251 21.41 -3.48 -11.45
C ALA E 251 20.27 -3.09 -12.37
N LEU E 252 19.42 -4.07 -12.65
CA LEU E 252 18.29 -3.87 -13.55
C LEU E 252 17.22 -2.90 -13.02
N ARG E 253 17.11 -2.80 -11.69
CA ARG E 253 16.25 -1.80 -11.05
C ARG E 253 16.46 -0.48 -11.78
N PHE E 254 17.71 -0.03 -11.79
CA PHE E 254 18.04 1.28 -12.32
C PHE E 254 18.00 1.35 -13.83
N MET E 255 18.53 0.33 -14.49
CA MET E 255 18.42 0.26 -15.93
C MET E 255 16.96 0.51 -16.30
N GLY E 256 16.08 -0.22 -15.60
CA GLY E 256 14.66 -0.05 -15.68
C GLY E 256 14.27 1.40 -15.62
N ILE E 257 14.55 2.03 -14.50
CA ILE E 257 14.23 3.45 -14.30
C ILE E 257 14.66 4.32 -15.45
N PHE E 258 15.90 4.05 -15.94
CA PHE E 258 16.50 4.84 -17.00
C PHE E 258 15.72 4.66 -18.31
N ALA E 259 15.45 3.41 -18.66
CA ALA E 259 14.75 3.07 -19.89
C ALA E 259 13.52 3.90 -20.19
N LYS E 260 12.93 4.49 -19.15
CA LYS E 260 11.71 5.29 -19.29
C LYS E 260 11.94 6.52 -20.16
N GLY E 261 13.21 6.90 -20.27
CA GLY E 261 13.67 7.87 -21.27
C GLY E 261 13.20 7.66 -22.71
N SER E 262 12.79 6.43 -23.04
CA SER E 262 12.22 6.13 -24.35
C SER E 262 11.04 6.99 -24.78
N THR E 263 10.35 7.61 -23.84
CA THR E 263 9.31 8.58 -24.18
C THR E 263 9.82 9.94 -24.73
N LEU E 264 11.11 10.25 -24.55
CA LEU E 264 11.69 11.51 -25.04
C LEU E 264 12.39 11.38 -26.39
N SER E 265 13.40 10.51 -26.49
CA SER E 265 14.17 10.25 -27.72
C SER E 265 13.83 8.90 -28.32
N GLU E 266 13.60 8.84 -29.63
CA GLU E 266 13.52 7.54 -30.33
C GLU E 266 14.79 6.72 -30.25
N ARG E 267 15.95 7.32 -30.04
CA ARG E 267 17.17 6.52 -29.87
C ARG E 267 17.83 6.80 -28.53
N VAL E 268 18.62 5.84 -28.07
CA VAL E 268 19.35 5.96 -26.81
C VAL E 268 20.80 5.63 -27.05
N THR E 269 21.68 6.23 -26.28
CA THR E 269 23.09 5.96 -26.35
C THR E 269 23.64 5.54 -25.00
N LEU E 270 24.26 4.38 -25.00
CA LEU E 270 24.99 3.87 -23.85
C LEU E 270 26.50 4.05 -24.08
N LYS E 271 27.24 4.37 -23.04
CA LYS E 271 28.69 4.49 -23.09
C LYS E 271 29.25 3.74 -21.91
N PHE E 272 30.40 3.10 -22.07
CA PHE E 272 30.97 2.23 -21.03
C PHE E 272 32.46 2.46 -20.88
N ALA E 273 32.98 1.90 -19.80
CA ALA E 273 34.43 1.89 -19.56
C ALA E 273 34.73 0.95 -18.41
N LYS E 274 35.84 0.23 -18.51
CA LYS E 274 36.19 -0.77 -17.50
C LYS E 274 36.17 -0.12 -16.11
N ASP E 275 35.52 -0.80 -15.16
CA ASP E 275 35.26 -0.29 -13.81
C ASP E 275 35.10 1.24 -13.72
N SER E 276 34.16 1.68 -14.54
CA SER E 276 33.79 3.07 -14.66
C SER E 276 32.24 3.05 -14.79
N PRO E 277 31.57 3.80 -13.89
CA PRO E 277 30.15 4.06 -14.08
C PRO E 277 29.78 4.36 -15.53
N CYS E 278 29.11 3.39 -16.16
CA CYS E 278 28.45 3.61 -17.44
C CYS E 278 27.52 4.82 -17.41
N MET E 279 27.28 5.38 -18.59
CA MET E 279 26.32 6.46 -18.80
C MET E 279 25.28 6.03 -19.83
N VAL E 280 24.04 6.51 -19.67
CA VAL E 280 22.99 6.28 -20.66
C VAL E 280 22.32 7.60 -20.93
N GLU E 281 22.27 7.97 -22.22
CA GLU E 281 22.03 9.35 -22.65
C GLU E 281 20.87 9.30 -23.54
N TYR E 282 20.04 10.36 -23.48
CA TYR E 282 18.81 10.48 -24.26
C TYR E 282 18.83 11.91 -24.70
N GLY E 283 18.96 12.13 -26.00
CA GLY E 283 18.92 13.49 -26.51
C GLY E 283 17.48 13.93 -26.51
N ILE E 284 17.17 15.03 -25.83
CA ILE E 284 15.86 15.68 -26.02
C ILE E 284 15.95 16.42 -27.37
N ASP E 285 15.88 15.63 -28.45
CA ASP E 285 16.23 16.03 -29.85
C ASP E 285 17.56 16.82 -29.93
N ASN E 286 17.49 18.13 -30.18
CA ASN E 286 18.64 19.01 -30.13
C ASN E 286 18.52 20.10 -29.04
N VAL E 287 17.38 20.23 -28.34
CA VAL E 287 17.25 21.28 -27.26
C VAL E 287 17.64 20.86 -25.80
N GLY E 288 18.18 19.66 -25.63
CA GLY E 288 18.76 19.31 -24.36
C GLY E 288 19.13 17.86 -24.31
N TYR E 289 19.53 17.41 -23.11
CA TYR E 289 19.74 16.00 -22.86
C TYR E 289 19.22 15.57 -21.48
N LEU E 290 18.97 14.26 -21.37
CA LEU E 290 18.82 13.55 -20.13
C LEU E 290 19.83 12.41 -20.07
N ARG E 291 20.54 12.33 -18.97
CA ARG E 291 21.74 11.56 -18.87
C ARG E 291 21.73 10.80 -17.53
N TYR E 292 21.97 9.51 -17.59
CA TYR E 292 22.00 8.71 -16.38
C TYR E 292 23.38 8.09 -16.26
N TYR E 293 23.87 7.93 -15.05
CA TYR E 293 25.12 7.24 -14.78
C TYR E 293 24.86 6.18 -13.72
N LEU E 294 25.38 4.99 -13.93
CA LEU E 294 25.24 3.90 -12.96
C LEU E 294 26.54 3.05 -12.68
N ALA E 295 26.97 3.01 -11.42
CA ALA E 295 28.04 2.11 -10.93
C ALA E 295 27.82 0.68 -11.36
N PRO E 296 28.85 0.01 -11.91
CA PRO E 296 28.72 -1.45 -12.21
C PRO E 296 28.80 -2.32 -10.99
N LYS E 297 28.56 -3.63 -11.18
CA LYS E 297 28.58 -4.64 -10.11
C LYS E 297 29.79 -5.44 -10.40
N VAL E 298 30.85 -5.28 -9.59
CA VAL E 298 32.15 -5.94 -9.84
C VAL E 298 32.41 -7.09 -8.82
N ASP E 299 32.25 -8.34 -9.28
CA ASP E 299 32.28 -9.57 -8.44
C ASP E 299 31.30 -9.53 -7.24
N MET F 11 18.29 -39.45 9.63
CA MET F 11 17.36 -39.51 10.82
C MET F 11 17.89 -38.60 11.96
N LEU F 12 17.49 -37.31 11.90
CA LEU F 12 17.81 -36.24 12.90
C LEU F 12 16.70 -35.97 13.91
N GLU F 13 17.05 -35.71 15.16
CA GLU F 13 16.13 -35.14 16.12
C GLU F 13 16.87 -34.27 17.15
N ALA F 14 17.11 -33.01 16.81
CA ALA F 14 17.70 -31.99 17.69
C ALA F 14 16.60 -31.25 18.50
N GLN F 15 16.88 -30.86 19.73
CA GLN F 15 15.86 -30.15 20.53
C GLN F 15 16.40 -29.23 21.62
N VAL F 16 16.34 -27.91 21.37
CA VAL F 16 16.61 -26.92 22.42
C VAL F 16 15.44 -26.86 23.44
N GLN F 17 15.73 -26.35 24.61
CA GLN F 17 14.77 -26.30 25.70
C GLN F 17 13.98 -25.03 25.62
N PHE F 18 14.69 -23.93 25.39
CA PHE F 18 14.10 -22.62 25.10
C PHE F 18 14.31 -22.21 23.61
N ALA F 19 13.21 -22.06 22.84
CA ALA F 19 13.32 -21.61 21.41
C ALA F 19 13.99 -20.27 21.21
N SER F 20 14.00 -19.40 22.25
CA SER F 20 14.75 -18.10 22.26
C SER F 20 15.95 -18.14 21.35
N LEU F 21 16.76 -19.19 21.57
CA LEU F 21 18.00 -19.40 20.86
C LEU F 21 17.80 -19.60 19.37
N TRP F 22 16.97 -20.55 19.00
CA TRP F 22 16.78 -20.79 17.58
C TRP F 22 16.27 -19.51 16.85
N LYS F 23 15.28 -18.84 17.44
CA LYS F 23 14.74 -17.59 16.92
C LYS F 23 15.85 -16.54 16.79
N ARG F 24 16.54 -16.24 17.89
CA ARG F 24 17.61 -15.22 17.85
C ARG F 24 18.69 -15.47 16.77
N LEU F 25 18.94 -16.75 16.50
CA LEU F 25 20.01 -17.15 15.62
C LEU F 25 19.60 -16.90 14.26
N VAL F 26 18.50 -17.55 13.89
CA VAL F 26 18.01 -17.52 12.52
C VAL F 26 17.82 -16.09 12.05
N GLU F 27 17.34 -15.21 12.92
CA GLU F 27 17.42 -13.74 12.75
C GLU F 27 18.78 -13.25 12.27
N CYS F 28 19.82 -13.50 13.07
CA CYS F 28 21.17 -13.05 12.73
C CYS F 28 21.67 -13.56 11.40
N ILE F 29 21.56 -14.89 11.21
CA ILE F 29 22.13 -15.54 10.03
C ILE F 29 21.28 -15.12 8.78
N ASN F 30 19.93 -15.03 8.91
CA ASN F 30 18.97 -14.52 7.84
C ASN F 30 19.12 -13.05 7.43
N GLY F 31 19.72 -12.25 8.28
CA GLY F 31 20.27 -10.98 7.83
C GLY F 31 21.40 -11.02 6.81
N LEU F 32 22.07 -12.15 6.66
CA LEU F 32 23.22 -12.24 5.77
C LEU F 32 22.93 -13.04 4.51
N VAL F 33 22.17 -14.11 4.60
CA VAL F 33 21.83 -14.94 3.44
C VAL F 33 20.44 -15.45 3.61
N ASN F 34 19.74 -15.74 2.51
CA ASN F 34 18.30 -16.14 2.61
C ASN F 34 18.01 -17.62 2.46
N GLU F 35 19.00 -18.40 2.05
CA GLU F 35 18.98 -19.88 2.10
C GLU F 35 20.33 -20.34 2.64
N ALA F 36 20.32 -21.47 3.35
CA ALA F 36 21.57 -22.07 3.82
C ALA F 36 21.40 -23.53 4.19
N ASN F 37 22.53 -24.24 4.18
CA ASN F 37 22.57 -25.66 4.53
C ASN F 37 22.85 -25.91 6.01
N PHE F 38 22.07 -26.82 6.58
CA PHE F 38 22.30 -27.29 7.94
C PHE F 38 23.14 -28.56 7.89
N ASP F 39 24.43 -28.42 8.25
CA ASP F 39 25.38 -29.55 8.27
C ASP F 39 25.17 -30.26 9.62
N CYS F 40 24.58 -31.44 9.56
CA CYS F 40 24.16 -32.13 10.77
C CYS F 40 25.02 -33.35 11.05
N ASN F 41 26.22 -33.12 11.58
CA ASN F 41 27.12 -34.20 12.05
C ASN F 41 26.58 -34.68 13.41
N PRO F 42 27.15 -35.76 14.01
CA PRO F 42 26.83 -36.08 15.44
C PRO F 42 27.62 -35.28 16.45
N GLY F 43 28.64 -34.52 15.96
CA GLY F 43 29.31 -33.47 16.73
C GLY F 43 28.45 -32.26 17.05
N GLY F 44 27.37 -32.09 16.26
CA GLY F 44 26.42 -30.99 16.33
C GLY F 44 26.20 -30.33 14.96
N LEU F 45 25.62 -29.13 15.00
CA LEU F 45 25.14 -28.41 13.81
C LEU F 45 26.06 -27.32 13.39
N SER F 46 26.20 -27.18 12.08
CA SER F 46 26.80 -25.99 11.52
C SER F 46 25.98 -25.44 10.34
N VAL F 47 25.96 -24.13 10.26
CA VAL F 47 25.62 -23.43 9.06
C VAL F 47 26.92 -22.71 8.78
N GLN F 48 27.34 -22.78 7.53
CA GLN F 48 28.50 -22.08 7.09
C GLN F 48 28.13 -21.56 5.73
N ALA F 49 28.15 -20.24 5.52
CA ALA F 49 27.61 -19.66 4.26
C ALA F 49 28.06 -18.24 3.97
N MET F 50 27.85 -17.84 2.72
CA MET F 50 28.39 -16.59 2.19
C MET F 50 27.28 -15.74 1.61
N ASP F 51 27.40 -14.42 1.73
CA ASP F 51 26.40 -13.51 1.12
C ASP F 51 26.53 -13.48 -0.36
N SER F 52 25.43 -13.27 -1.04
CA SER F 52 25.45 -13.31 -2.49
C SER F 52 26.35 -12.24 -3.15
N SER F 53 26.77 -11.19 -2.43
CA SER F 53 27.78 -10.27 -2.97
C SER F 53 29.23 -10.78 -2.82
N HIS F 54 29.38 -11.96 -2.23
CA HIS F 54 30.69 -12.67 -2.04
C HIS F 54 31.69 -12.04 -1.04
N VAL F 55 31.35 -10.88 -0.50
CA VAL F 55 32.17 -10.12 0.44
C VAL F 55 32.23 -10.65 1.90
N ALA F 56 31.37 -11.61 2.31
CA ALA F 56 31.32 -12.02 3.74
C ALA F 56 30.71 -13.39 4.06
N LEU F 57 30.98 -13.83 5.30
CA LEU F 57 30.86 -15.22 5.67
C LEU F 57 30.22 -15.44 7.05
N VAL F 58 29.33 -16.43 7.13
CA VAL F 58 28.80 -16.86 8.41
C VAL F 58 29.20 -18.29 8.67
N HIS F 59 29.78 -18.50 9.84
CA HIS F 59 29.97 -19.84 10.35
C HIS F 59 29.35 -19.81 11.72
N MET F 60 28.36 -20.69 11.90
CA MET F 60 27.66 -20.87 13.15
C MET F 60 27.84 -22.32 13.47
N LEU F 61 28.09 -22.58 14.75
CA LEU F 61 28.35 -23.93 15.23
C LEU F 61 27.56 -24.07 16.49
N LEU F 62 26.78 -25.15 16.52
CA LEU F 62 26.09 -25.55 17.74
C LEU F 62 26.52 -26.98 18.05
N ARG F 63 27.39 -27.11 19.06
CA ARG F 63 27.83 -28.42 19.58
C ARG F 63 26.64 -29.13 20.19
N ASP F 64 26.55 -30.44 20.01
CA ASP F 64 25.53 -31.25 20.68
C ASP F 64 25.33 -31.00 22.19
N ASP F 65 26.33 -30.42 22.88
CA ASP F 65 26.16 -29.97 24.29
C ASP F 65 24.98 -28.94 24.45
N CYS F 66 24.77 -28.15 23.40
CA CYS F 66 23.70 -27.12 23.29
C CYS F 66 22.27 -27.63 23.42
N PHE F 67 21.99 -28.76 22.80
CA PHE F 67 20.64 -29.32 22.76
C PHE F 67 20.36 -30.03 24.05
N VAL F 68 19.13 -30.48 24.23
CA VAL F 68 18.80 -31.31 25.37
C VAL F 68 18.41 -32.68 24.87
N LYS F 69 18.46 -32.90 23.56
CA LYS F 69 18.22 -34.23 22.99
C LYS F 69 18.64 -34.24 21.52
N TYR F 70 19.95 -34.20 21.26
CA TYR F 70 20.51 -34.38 19.90
C TYR F 70 20.59 -35.85 19.50
N GLN F 71 20.63 -36.11 18.19
CA GLN F 71 20.63 -37.47 17.68
C GLN F 71 21.06 -37.56 16.20
N CYS F 72 22.31 -37.99 15.98
CA CYS F 72 22.79 -38.31 14.65
C CYS F 72 23.56 -39.63 14.55
N GLY F 73 23.18 -40.45 13.56
CA GLY F 73 24.01 -41.53 13.06
C GLY F 73 24.93 -40.82 12.08
N ARG F 74 24.60 -40.85 10.80
CA ARG F 74 25.49 -40.27 9.75
C ARG F 74 25.43 -38.72 9.71
N ASN F 75 26.18 -38.12 8.79
CA ASN F 75 26.08 -36.70 8.39
C ASN F 75 25.13 -36.53 7.19
N SER F 76 23.99 -35.88 7.40
CA SER F 76 23.14 -35.40 6.30
C SER F 76 23.08 -33.88 6.33
N ILE F 77 23.02 -33.29 5.13
CA ILE F 77 22.99 -31.85 4.87
C ILE F 77 21.52 -31.47 4.58
N LEU F 78 20.95 -30.48 5.30
CA LEU F 78 19.56 -29.93 5.06
C LEU F 78 19.59 -28.52 4.50
N GLY F 79 19.27 -28.39 3.22
CA GLY F 79 19.06 -27.09 2.61
C GLY F 79 17.72 -26.54 3.09
N LEU F 80 17.76 -25.28 3.60
CA LEU F 80 16.61 -24.57 4.20
C LEU F 80 16.45 -23.12 3.74
N ASN F 81 15.21 -22.72 3.46
CA ASN F 81 14.86 -21.30 3.19
C ASN F 81 14.72 -20.48 4.47
N LEU F 82 15.62 -19.55 4.68
CA LEU F 82 15.65 -18.87 5.96
C LEU F 82 14.59 -17.83 6.10
N ALA F 83 14.25 -17.19 4.98
CA ALA F 83 12.99 -16.45 4.87
C ALA F 83 11.83 -17.27 5.54
N SER F 84 11.46 -18.40 4.96
CA SER F 84 10.41 -19.26 5.54
C SER F 84 10.66 -19.63 7.02
N LEU F 85 11.88 -20.00 7.35
CA LEU F 85 12.16 -20.46 8.68
C LEU F 85 12.02 -19.32 9.64
N SER F 86 12.49 -18.14 9.23
CA SER F 86 12.41 -16.93 10.07
C SER F 86 10.99 -16.56 10.38
N LYS F 87 10.13 -16.58 9.36
CA LYS F 87 8.70 -16.39 9.57
C LYS F 87 8.13 -17.37 10.58
N VAL F 88 8.37 -18.65 10.40
CA VAL F 88 7.86 -19.64 11.36
C VAL F 88 8.43 -19.46 12.76
N LEU F 89 9.69 -19.12 12.89
CA LEU F 89 10.22 -19.04 14.22
C LEU F 89 9.64 -17.84 14.92
N LYS F 90 9.50 -16.73 14.21
CA LYS F 90 8.80 -15.53 14.71
C LYS F 90 7.44 -15.84 15.45
N ILE F 91 6.66 -16.82 14.98
CA ILE F 91 5.43 -17.20 15.69
C ILE F 91 5.56 -18.16 16.88
N VAL F 92 6.75 -18.68 17.15
CA VAL F 92 6.93 -19.67 18.22
C VAL F 92 7.31 -18.91 19.45
N ASP F 93 6.71 -19.27 20.59
CA ASP F 93 7.00 -18.58 21.86
C ASP F 93 8.48 -18.74 22.25
N SER F 94 9.13 -17.61 22.53
CA SER F 94 10.42 -17.59 23.26
C SER F 94 10.61 -18.82 24.23
N ASN F 95 9.70 -19.02 25.19
CA ASN F 95 9.92 -20.02 26.25
C ASN F 95 9.27 -21.37 26.04
N ASP F 96 9.07 -21.75 24.79
CA ASP F 96 8.65 -23.10 24.46
C ASP F 96 9.87 -23.89 23.98
N SER F 97 9.72 -25.21 24.11
CA SER F 97 10.72 -26.13 23.63
C SER F 97 10.58 -26.23 22.12
N LEU F 98 11.66 -26.60 21.43
CA LEU F 98 11.65 -26.66 19.96
C LEU F 98 12.46 -27.79 19.29
N SER F 99 11.79 -28.92 19.08
CA SER F 99 12.34 -30.03 18.31
C SER F 99 12.36 -29.78 16.80
N LEU F 100 13.56 -29.74 16.21
CA LEU F 100 13.75 -29.95 14.77
C LEU F 100 13.86 -31.46 14.48
N ARG F 101 13.44 -31.97 13.32
CA ARG F 101 13.53 -33.43 13.01
C ARG F 101 13.32 -33.82 11.53
N HIS F 102 14.31 -34.48 10.93
CA HIS F 102 14.20 -34.90 9.53
C HIS F 102 14.39 -36.40 9.31
N ASP F 103 13.41 -37.03 8.64
CA ASP F 103 13.47 -38.46 8.32
C ASP F 103 14.07 -38.74 6.92
N ASP F 104 14.66 -39.93 6.75
CA ASP F 104 15.49 -40.26 5.54
C ASP F 104 14.77 -40.00 4.19
N ASP F 105 13.51 -40.45 4.19
CA ASP F 105 12.56 -40.33 3.08
C ASP F 105 12.10 -38.89 2.81
N SER F 106 11.03 -38.42 3.45
CA SER F 106 10.60 -37.01 3.13
C SER F 106 10.63 -35.62 2.55
N ASP F 107 11.77 -35.15 2.06
CA ASP F 107 11.95 -33.74 1.56
C ASP F 107 11.39 -32.57 2.44
N VAL F 108 11.28 -32.79 3.75
CA VAL F 108 10.56 -31.92 4.71
C VAL F 108 11.17 -32.02 6.13
N VAL F 109 11.79 -30.93 6.61
CA VAL F 109 12.21 -30.76 8.03
C VAL F 109 10.96 -30.57 8.94
N THR F 110 11.04 -30.54 10.29
CA THR F 110 9.79 -30.48 11.14
C THR F 110 9.93 -29.87 12.51
N LEU F 111 9.48 -28.62 12.66
CA LEU F 111 9.63 -27.91 13.93
C LEU F 111 8.44 -28.16 14.78
N THR F 112 8.67 -28.69 15.95
CA THR F 112 7.63 -29.14 16.83
C THR F 112 7.92 -28.44 18.11
N SER F 113 6.91 -28.01 18.80
CA SER F 113 7.16 -27.08 19.89
C SER F 113 6.04 -27.23 20.87
N GLU F 114 6.39 -27.01 22.13
CA GLU F 114 5.49 -27.35 23.20
C GLU F 114 5.80 -26.43 24.38
N ASN F 115 4.78 -26.12 25.16
CA ASN F 115 4.92 -25.24 26.34
C ASN F 115 5.54 -26.04 27.48
N PRO F 116 5.93 -25.33 28.57
CA PRO F 116 6.24 -26.06 29.80
C PRO F 116 5.12 -27.03 30.21
N GLU F 117 3.91 -26.53 30.26
CA GLU F 117 2.86 -27.21 30.97
C GLU F 117 2.12 -28.27 30.13
N LYS F 118 2.62 -28.66 28.95
CA LYS F 118 2.01 -29.77 28.13
C LYS F 118 0.66 -29.47 27.41
N THR F 119 0.08 -28.28 27.61
CA THR F 119 -1.31 -27.97 27.23
C THR F 119 -1.49 -27.53 25.75
N ARG F 120 -0.37 -27.15 25.11
CA ARG F 120 -0.34 -26.63 23.74
C ARG F 120 0.85 -27.23 22.99
N LYS F 121 0.61 -27.72 21.79
CA LYS F 121 1.65 -28.28 20.98
C LYS F 121 1.47 -27.76 19.59
N CYS F 122 2.58 -27.46 18.92
CA CYS F 122 2.55 -26.80 17.62
C CYS F 122 3.58 -27.40 16.68
N GLU F 123 3.15 -27.79 15.47
CA GLU F 123 4.02 -28.43 14.52
C GLU F 123 4.02 -27.86 13.09
N TYR F 124 5.09 -27.18 12.76
CA TYR F 124 5.26 -26.63 11.44
C TYR F 124 6.19 -27.55 10.62
N GLN F 125 6.02 -27.55 9.30
CA GLN F 125 6.78 -28.40 8.41
C GLN F 125 7.23 -27.62 7.20
N LEU F 126 8.52 -27.38 7.05
CA LEU F 126 9.02 -26.60 5.92
C LEU F 126 9.53 -27.59 4.92
N LYS F 127 9.35 -27.29 3.63
CA LYS F 127 10.01 -28.06 2.57
C LYS F 127 11.47 -27.64 2.53
N LEU F 128 12.28 -28.46 1.86
CA LEU F 128 13.76 -28.39 1.92
C LEU F 128 14.30 -28.03 0.57
N LEU F 129 15.13 -27.01 0.52
CA LEU F 129 15.82 -26.65 -0.70
C LEU F 129 16.94 -27.66 -0.99
N GLU F 130 17.36 -27.70 -2.26
CA GLU F 130 18.62 -28.32 -2.67
C GLU F 130 19.61 -27.16 -2.91
N ILE F 131 20.73 -27.11 -2.16
CA ILE F 131 21.67 -25.97 -2.29
C ILE F 131 23.15 -26.33 -2.50
N GLU F 132 23.77 -25.68 -3.49
CA GLU F 132 25.23 -25.73 -3.71
C GLU F 132 25.97 -25.34 -2.42
N ALA F 133 26.93 -26.16 -1.98
CA ALA F 133 27.87 -25.82 -0.86
C ALA F 133 28.88 -24.70 -1.26
N GLU F 134 29.55 -24.07 -0.29
CA GLU F 134 30.13 -22.70 -0.48
C GLU F 134 31.55 -22.62 -1.12
N SER F 135 32.03 -21.38 -1.34
CA SER F 135 33.40 -21.09 -1.89
C SER F 135 34.45 -20.55 -0.87
N MET F 136 34.58 -19.21 -0.64
CA MET F 136 35.81 -18.56 0.01
C MET F 136 36.39 -19.33 1.23
N GLY F 137 35.59 -20.21 1.88
CA GLY F 137 36.13 -21.36 2.67
C GLY F 137 36.17 -21.29 4.19
N ILE F 138 36.72 -20.19 4.70
CA ILE F 138 36.99 -19.86 6.14
C ILE F 138 38.49 -19.56 6.15
N PRO F 139 38.90 -18.32 5.77
CA PRO F 139 40.33 -18.04 5.58
C PRO F 139 41.19 -18.29 6.83
N GLU F 140 40.69 -17.79 7.96
CA GLU F 140 41.22 -18.08 9.32
C GLU F 140 42.69 -17.75 9.60
N MET F 141 43.00 -17.76 10.89
CA MET F 141 44.36 -17.58 11.43
C MET F 141 45.04 -16.24 11.09
N ASP F 142 46.09 -15.97 11.86
CA ASP F 142 46.99 -14.82 11.68
C ASP F 142 46.50 -13.64 12.52
N TYR F 143 45.80 -13.90 13.63
CA TYR F 143 45.11 -12.81 14.34
C TYR F 143 46.02 -12.04 15.32
N ARG F 144 46.55 -10.93 14.79
CA ARG F 144 47.51 -10.05 15.46
C ARG F 144 46.84 -9.33 16.61
N SER F 145 45.76 -8.60 16.32
CA SER F 145 45.07 -7.73 17.28
C SER F 145 43.64 -8.19 17.57
N THR F 146 43.29 -8.21 18.86
CA THR F 146 41.96 -8.62 19.35
C THR F 146 41.38 -7.57 20.29
N VAL F 147 40.11 -7.25 20.07
CA VAL F 147 39.35 -6.33 20.90
C VAL F 147 37.99 -6.93 21.27
N THR F 148 37.63 -6.72 22.54
CA THR F 148 36.45 -7.34 23.15
C THR F 148 35.73 -6.32 24.04
N LEU F 149 34.44 -6.12 23.69
CA LEU F 149 33.62 -5.01 24.16
C LEU F 149 32.19 -5.49 24.26
N ASN F 150 31.37 -4.66 24.93
CA ASN F 150 29.97 -5.02 25.23
C ASN F 150 29.15 -4.95 23.91
N SER F 151 28.47 -6.04 23.59
CA SER F 151 27.90 -6.25 22.24
C SER F 151 26.84 -5.25 21.90
N ALA F 152 26.10 -4.84 22.93
CA ALA F 152 25.15 -3.77 22.81
C ALA F 152 25.82 -2.49 22.32
N GLU F 153 26.81 -2.04 23.06
CA GLU F 153 27.59 -0.85 22.66
C GLU F 153 28.20 -1.00 21.23
N PHE F 154 28.72 -2.18 20.90
CA PHE F 154 29.24 -2.37 19.56
C PHE F 154 28.18 -2.08 18.50
N ALA F 155 26.97 -2.58 18.74
CA ALA F 155 25.84 -2.40 17.82
C ALA F 155 25.42 -0.95 17.80
N LYS F 156 25.38 -0.30 18.96
CA LYS F 156 25.16 1.16 18.98
C LYS F 156 26.20 1.78 18.07
N ILE F 157 27.47 1.53 18.33
CA ILE F 157 28.49 2.25 17.58
C ILE F 157 28.35 2.10 16.08
N VAL F 158 27.97 0.93 15.63
CA VAL F 158 27.81 0.66 14.22
C VAL F 158 26.66 1.51 13.65
N ARG F 159 25.47 1.39 14.24
CA ARG F 159 24.30 2.23 13.86
C ARG F 159 24.62 3.74 13.93
N ASP F 160 25.37 4.13 14.94
CA ASP F 160 25.79 5.52 15.13
C ASP F 160 26.77 6.01 14.07
N MET F 161 27.65 5.12 13.60
CA MET F 161 28.55 5.46 12.51
C MET F 161 27.81 5.56 11.19
N GLN F 162 26.75 4.78 11.03
CA GLN F 162 25.95 4.86 9.81
C GLN F 162 25.33 6.25 9.54
N VAL F 163 25.15 7.14 10.53
CA VAL F 163 24.57 8.45 10.19
C VAL F 163 25.48 9.24 9.28
N PHE F 164 26.78 8.99 9.32
CA PHE F 164 27.77 9.75 8.56
C PHE F 164 27.99 9.16 7.18
N GLY F 165 28.58 7.97 7.14
CA GLY F 165 28.96 7.31 5.88
C GLY F 165 28.53 5.87 5.89
N ASP F 166 28.89 5.13 4.83
CA ASP F 166 28.64 3.67 4.75
C ASP F 166 29.91 2.86 5.00
N THR F 167 30.96 3.56 5.43
CA THR F 167 32.24 2.92 5.65
C THR F 167 32.87 3.39 6.98
N VAL F 168 33.33 2.42 7.79
CA VAL F 168 33.90 2.67 9.12
C VAL F 168 35.33 2.17 9.18
N THR F 169 36.13 2.90 9.98
CA THR F 169 37.55 2.65 10.19
C THR F 169 37.80 2.42 11.68
N ILE F 170 38.14 1.18 12.02
CA ILE F 170 38.47 0.83 13.38
C ILE F 170 39.96 1.09 13.46
N ALA F 171 40.42 1.58 14.61
CA ALA F 171 41.82 1.95 14.81
C ALA F 171 42.25 1.51 16.22
N ILE F 172 42.91 0.36 16.27
CA ILE F 172 43.22 -0.32 17.52
C ILE F 172 44.62 0.08 17.99
N SER F 173 44.74 0.26 19.30
CA SER F 173 45.87 0.93 19.91
C SER F 173 45.78 0.84 21.43
N LYS F 174 46.64 0.03 22.08
CA LYS F 174 46.74 0.04 23.55
C LYS F 174 46.46 1.45 24.10
N GLU F 175 45.61 1.52 25.13
CA GLU F 175 44.85 2.72 25.64
C GLU F 175 43.43 2.85 25.03
N GLY F 176 43.16 2.18 23.91
CA GLY F 176 41.81 2.03 23.37
C GLY F 176 41.60 1.66 21.89
N VAL F 177 40.33 1.62 21.49
CA VAL F 177 39.91 1.39 20.10
C VAL F 177 39.02 2.56 19.70
N LYS F 178 39.24 3.05 18.47
CA LYS F 178 38.57 4.22 17.95
C LYS F 178 37.93 3.91 16.61
N PHE F 179 36.60 4.05 16.53
CA PHE F 179 35.83 3.86 15.28
C PHE F 179 35.52 5.23 14.71
N SER F 180 35.59 5.34 13.39
CA SER F 180 35.43 6.63 12.73
C SER F 180 34.64 6.45 11.42
N SER F 181 33.89 7.48 11.08
CA SER F 181 33.26 7.53 9.78
C SER F 181 33.13 8.95 9.33
N SER F 182 32.82 9.06 8.02
CA SER F 182 32.78 10.32 7.31
C SER F 182 31.81 10.35 6.10
N GLY F 183 31.08 11.45 5.95
CA GLY F 183 30.17 11.64 4.81
C GLY F 183 29.66 13.08 4.71
N ASP F 184 28.49 13.25 4.11
CA ASP F 184 27.89 14.59 3.93
C ASP F 184 27.69 15.27 5.27
N VAL F 185 26.89 14.61 6.11
CA VAL F 185 26.49 15.13 7.42
C VAL F 185 27.67 15.71 8.22
N GLY F 186 28.85 15.10 8.06
CA GLY F 186 30.09 15.47 8.78
C GLY F 186 31.05 14.27 8.94
N GLN F 187 31.91 14.35 9.95
CA GLN F 187 32.67 13.17 10.38
C GLN F 187 32.51 13.04 11.87
N GLY F 188 32.58 11.80 12.33
CA GLY F 188 32.62 11.52 13.74
C GLY F 188 33.50 10.31 14.02
N TYR F 189 33.96 10.25 15.28
CA TYR F 189 34.55 9.07 15.86
C TYR F 189 33.96 8.81 17.23
N THR F 190 33.71 7.53 17.52
CA THR F 190 33.62 7.00 18.89
C THR F 190 34.98 6.42 19.23
N PHE F 191 35.52 6.80 20.39
CA PHE F 191 36.75 6.23 20.95
C PHE F 191 36.45 5.61 22.32
N LEU F 192 36.64 4.30 22.39
CA LEU F 192 36.47 3.56 23.63
C LEU F 192 37.81 3.34 24.34
N GLN F 193 37.94 3.86 25.56
CA GLN F 193 39.04 3.56 26.49
C GLN F 193 39.16 2.06 26.76
N ALA F 194 40.39 1.60 27.03
CA ALA F 194 40.63 0.25 27.61
C ALA F 194 40.74 0.28 29.16
N ALA F 195 40.03 1.24 29.80
CA ALA F 195 40.04 1.47 31.26
C ALA F 195 39.67 0.22 32.06
N GLY F 237 34.33 -1.49 30.43
CA GLY F 237 34.08 -1.95 29.07
C GLY F 237 35.15 -2.85 28.43
N VAL F 238 36.26 -2.25 27.98
CA VAL F 238 37.02 -2.78 26.82
C VAL F 238 38.37 -3.45 27.11
N GLU F 239 38.62 -4.53 26.37
CA GLU F 239 39.79 -5.37 26.52
C GLU F 239 40.48 -5.58 25.18
N VAL F 240 41.57 -4.87 25.01
CA VAL F 240 42.41 -4.97 23.84
C VAL F 240 43.72 -5.68 24.22
N THR F 241 44.25 -6.58 23.40
CA THR F 241 45.73 -6.78 23.32
C THR F 241 46.07 -7.04 21.86
N MET F 242 47.22 -6.51 21.47
CA MET F 242 47.67 -6.46 20.09
C MET F 242 49.15 -6.84 20.09
N GLU F 243 49.72 -6.95 18.90
CA GLU F 243 51.17 -6.99 18.74
C GLU F 243 51.58 -5.56 18.40
N GLU F 244 51.20 -5.07 17.21
CA GLU F 244 51.46 -3.67 16.81
C GLU F 244 50.13 -2.87 16.60
N PRO F 245 50.17 -1.54 16.79
CA PRO F 245 49.03 -0.72 16.37
C PRO F 245 48.63 -1.01 14.94
N ILE F 246 47.31 -0.92 14.70
CA ILE F 246 46.71 -1.34 13.44
C ILE F 246 45.55 -0.36 13.13
N THR F 247 45.09 -0.39 11.88
CA THR F 247 44.00 0.48 11.38
C THR F 247 43.37 -0.18 10.15
N LEU F 248 42.11 -0.60 10.27
CA LEU F 248 41.40 -1.23 9.18
C LEU F 248 40.07 -0.53 8.85
N SER F 249 39.48 -0.91 7.72
CA SER F 249 38.21 -0.35 7.27
C SER F 249 37.26 -1.38 6.73
N PHE F 250 35.98 -1.19 7.03
CA PHE F 250 34.92 -2.10 6.57
C PHE F 250 33.59 -1.42 6.22
N ALA F 251 32.73 -2.25 5.63
CA ALA F 251 31.42 -1.84 5.17
C ALA F 251 30.42 -1.87 6.29
N LEU F 252 29.84 -0.70 6.60
CA LEU F 252 28.83 -0.62 7.66
C LEU F 252 27.57 -1.42 7.40
N ARG F 253 27.22 -1.64 6.13
CA ARG F 253 26.11 -2.53 5.81
C ARG F 253 26.24 -3.88 6.49
N PHE F 254 27.45 -4.43 6.50
CA PHE F 254 27.62 -5.75 7.09
C PHE F 254 27.88 -5.71 8.61
N MET F 255 28.66 -4.75 9.07
CA MET F 255 28.91 -4.65 10.51
C MET F 255 27.59 -4.52 11.25
N GLY F 256 26.69 -3.78 10.59
CA GLY F 256 25.31 -3.68 11.00
C GLY F 256 24.68 -5.04 11.03
N ILE F 257 24.64 -5.73 9.90
CA ILE F 257 24.07 -7.07 9.87
C ILE F 257 24.61 -7.95 11.01
N PHE F 258 25.91 -7.79 11.32
CA PHE F 258 26.60 -8.64 12.32
C PHE F 258 26.17 -8.40 13.74
N ALA F 259 26.05 -7.12 14.08
CA ALA F 259 25.75 -6.69 15.43
C ALA F 259 24.40 -7.19 16.01
N LYS F 260 23.49 -7.72 15.17
CA LYS F 260 22.32 -8.44 15.71
C LYS F 260 22.74 -9.56 16.66
N GLY F 261 23.91 -10.14 16.43
CA GLY F 261 24.55 -11.01 17.41
C GLY F 261 24.42 -10.68 18.89
N SER F 262 24.44 -9.39 19.23
CA SER F 262 24.12 -8.95 20.60
C SER F 262 22.85 -9.53 21.24
N THR F 263 21.90 -10.04 20.47
CA THR F 263 20.83 -10.90 21.00
C THR F 263 21.32 -12.26 21.59
N LEU F 264 22.56 -12.68 21.29
CA LEU F 264 23.08 -13.98 21.77
C LEU F 264 24.04 -13.80 22.97
N SER F 265 25.11 -13.06 22.76
CA SER F 265 26.19 -12.91 23.70
C SER F 265 26.15 -11.47 24.21
N GLU F 266 26.36 -11.28 25.50
CA GLU F 266 26.58 -9.93 26.05
C GLU F 266 27.89 -9.29 25.64
N ARG F 267 28.82 -10.06 25.08
CA ARG F 267 30.09 -9.48 24.62
C ARG F 267 30.49 -10.10 23.29
N VAL F 268 31.23 -9.32 22.53
CA VAL F 268 31.56 -9.65 21.16
C VAL F 268 33.06 -9.52 21.06
N THR F 269 33.64 -10.36 20.24
CA THR F 269 35.07 -10.34 20.06
C THR F 269 35.31 -10.04 18.60
N LEU F 270 36.24 -9.11 18.37
CA LEU F 270 36.64 -8.70 17.01
C LEU F 270 38.13 -8.93 16.81
N LYS F 271 38.51 -9.65 15.75
CA LYS F 271 39.93 -9.96 15.48
C LYS F 271 40.40 -9.45 14.11
N PHE F 272 41.64 -8.98 14.03
CA PHE F 272 42.13 -8.23 12.86
C PHE F 272 43.53 -8.63 12.39
N ALA F 273 43.74 -8.59 11.07
CA ALA F 273 44.97 -9.05 10.42
C ALA F 273 45.30 -8.19 9.20
N LYS F 274 46.30 -7.30 9.31
CA LYS F 274 46.59 -6.32 8.23
C LYS F 274 46.19 -6.77 6.80
N ASP F 275 45.32 -6.01 6.15
CA ASP F 275 44.80 -6.31 4.80
C ASP F 275 44.24 -7.74 4.53
N SER F 276 43.67 -8.37 5.58
CA SER F 276 42.96 -9.67 5.49
C SER F 276 41.57 -9.60 6.18
N PRO F 277 40.69 -10.61 5.92
CA PRO F 277 39.44 -10.77 6.66
C PRO F 277 39.51 -10.52 8.17
N CYS F 278 38.53 -9.76 8.68
CA CYS F 278 38.25 -9.69 10.11
C CYS F 278 37.14 -10.67 10.51
N MET F 279 37.03 -10.83 11.81
CA MET F 279 36.13 -11.78 12.41
C MET F 279 35.36 -11.07 13.54
N VAL F 280 34.04 -11.26 13.57
CA VAL F 280 33.29 -10.92 14.75
C VAL F 280 32.66 -12.24 15.27
N GLU F 281 32.94 -12.48 16.55
CA GLU F 281 32.63 -13.74 17.17
C GLU F 281 31.63 -13.46 18.24
N TYR F 282 30.54 -14.22 18.20
CA TYR F 282 29.54 -14.14 19.25
C TYR F 282 29.58 -15.48 19.96
N GLY F 283 29.98 -15.40 21.24
CA GLY F 283 29.95 -16.59 22.08
C GLY F 283 28.57 -17.08 22.45
N ILE F 284 28.25 -18.32 22.07
CA ILE F 284 27.04 -18.98 22.61
C ILE F 284 27.41 -19.83 23.86
N ASP F 285 28.03 -19.17 24.85
CA ASP F 285 28.40 -19.75 26.18
C ASP F 285 28.82 -21.22 26.14
N ASN F 286 29.95 -21.47 25.48
CA ASN F 286 30.57 -22.81 25.41
C ASN F 286 29.95 -23.84 24.50
N VAL F 287 28.64 -23.76 24.24
CA VAL F 287 27.96 -24.78 23.45
C VAL F 287 27.91 -24.46 21.94
N GLY F 288 28.47 -23.31 21.57
CA GLY F 288 28.53 -22.96 20.16
C GLY F 288 29.14 -21.60 19.99
N TYR F 289 29.28 -21.21 18.73
CA TYR F 289 29.61 -19.82 18.43
C TYR F 289 28.78 -19.45 17.20
N LEU F 290 28.61 -18.14 17.03
CA LEU F 290 28.30 -17.59 15.74
C LEU F 290 29.42 -16.61 15.39
N ARG F 291 29.89 -16.79 14.17
CA ARG F 291 31.11 -16.15 13.77
C ARG F 291 30.94 -15.66 12.34
N TYR F 292 31.34 -14.40 12.17
CA TYR F 292 31.13 -13.67 10.92
C TYR F 292 32.49 -13.20 10.42
N TYR F 293 32.74 -13.35 9.13
CA TYR F 293 33.98 -12.87 8.53
C TYR F 293 33.63 -11.95 7.39
N LEU F 294 34.32 -10.81 7.35
CA LEU F 294 34.10 -9.79 6.34
C LEU F 294 35.40 -9.19 5.85
N ALA F 295 35.58 -9.17 4.53
CA ALA F 295 36.79 -8.63 3.85
C ALA F 295 36.91 -7.09 3.93
N PRO F 296 38.10 -6.54 4.32
CA PRO F 296 38.23 -5.07 4.40
C PRO F 296 38.20 -4.35 3.09
N LYS F 297 38.18 -3.03 3.21
CA LYS F 297 38.36 -2.12 2.09
C LYS F 297 39.67 -1.41 2.43
N VAL F 298 40.52 -1.20 1.42
CA VAL F 298 41.56 -0.12 1.42
C VAL F 298 41.54 0.37 -0.02
N ASP F 299 41.43 1.68 -0.22
CA ASP F 299 41.50 2.32 -1.56
C ASP F 299 41.76 3.81 -1.47
C1 PEG G . -22.07 7.75 -2.17
O1 PEG G . -22.70 8.49 -1.09
C2 PEG G . -21.40 6.43 -1.75
O2 PEG G . -22.39 5.48 -1.27
C3 PEG G . -22.04 4.09 -1.26
C4 PEG G . -23.20 3.29 -1.87
O4 PEG G . -23.36 3.53 -3.28
C1 GOL H . -13.35 -4.90 6.64
O1 GOL H . -13.92 -6.03 5.93
C2 GOL H . -12.94 -3.57 5.92
O2 GOL H . -13.90 -3.08 4.96
C3 GOL H . -12.69 -2.46 6.99
O3 GOL H . -13.88 -1.80 7.49
#